data_6AMS
#
_entry.id   6AMS
#
_cell.length_a   68.498
_cell.length_b   79.732
_cell.length_c   86.302
_cell.angle_alpha   63.430
_cell.angle_beta   72.200
_cell.angle_gamma   87.080
#
_symmetry.space_group_name_H-M   'P 1'
#
loop_
_entity.id
_entity.type
_entity.pdbx_description
1 polymer 'Beta sliding clamp'
2 non-polymer 'PHOSPHATE ION'
3 water water
#
_entity_poly.entity_id   1
_entity_poly.type   'polypeptide(L)'
_entity_poly.pdbx_seq_one_letter_code
;MHFTIQREALLKPLQLVAGVVERRQTLPVLSNVLLVVEGQQLSLTGTDLEVELVGRVVLEDAAEPGEITVPARKLMDICK
SLPNDVLIDIRVEEQKLLVKAGRSRFTLSTLPANDFPTVEEGPGSLNFSIAQSKLRRLIDRTSFAMAQQDVRYYLNGMLL
EVNGGTLRSVATDGHRLAMCSLDAQIPSQDRHQVIVPRKGILELARLLTEQDGEVGIVLGQHHIRATTGEFTFTSKLVDG
KFPDYERVLPRGGDKLVVGDRQQLREAFSRTAILSNEKYRGIRLQLSNGLLKIQANNPEQEEAEEEVQVEYNGGNLEIGF
NVSYLLDVLGVIGTEQVRFILSDSNSSALVHEADNDDSAYVVMPMRL
;
_entity_poly.pdbx_strand_id   A,B,C,D
#
loop_
_chem_comp.id
_chem_comp.type
_chem_comp.name
_chem_comp.formula
PO4 non-polymer 'PHOSPHATE ION' 'O4 P -3'
#
# COMPACT_ATOMS: atom_id res chain seq x y z
N MET A 1 -40.00 -19.68 -34.74
CA MET A 1 -39.52 -19.13 -33.48
C MET A 1 -39.27 -17.65 -33.62
N HIS A 2 -39.93 -16.85 -32.79
CA HIS A 2 -39.73 -15.41 -32.85
C HIS A 2 -39.99 -14.84 -31.47
N PHE A 3 -39.10 -13.96 -31.01
CA PHE A 3 -39.37 -13.19 -29.81
C PHE A 3 -38.69 -11.83 -29.81
N THR A 4 -39.13 -10.97 -28.88
CA THR A 4 -38.49 -9.71 -28.58
C THR A 4 -38.03 -9.75 -27.13
N ILE A 5 -36.90 -9.09 -26.85
CA ILE A 5 -36.33 -9.08 -25.52
C ILE A 5 -35.38 -7.89 -25.35
N GLN A 6 -35.32 -7.35 -24.14
CA GLN A 6 -34.42 -6.24 -23.83
C GLN A 6 -32.99 -6.73 -23.82
N ARG A 7 -32.06 -5.85 -24.13
CA ARG A 7 -30.67 -6.25 -24.20
C ARG A 7 -30.19 -6.82 -22.86
N GLU A 8 -30.54 -6.14 -21.79
CA GLU A 8 -30.14 -6.59 -20.47
C GLU A 8 -30.76 -7.91 -20.07
N ALA A 9 -32.02 -8.11 -20.41
CA ALA A 9 -32.73 -9.33 -20.07
C ALA A 9 -32.11 -10.56 -20.70
N LEU A 10 -31.66 -10.41 -21.93
CA LEU A 10 -31.04 -11.51 -22.64
C LEU A 10 -29.59 -11.71 -22.24
N LEU A 11 -28.90 -10.62 -21.92
CA LEU A 11 -27.48 -10.68 -21.63
C LEU A 11 -27.15 -11.43 -20.35
N LYS A 12 -27.93 -11.24 -19.30
CA LYS A 12 -27.65 -11.90 -18.02
C LYS A 12 -27.56 -13.43 -18.12
N PRO A 13 -28.63 -14.14 -18.55
CA PRO A 13 -28.55 -15.58 -18.68
C PRO A 13 -27.62 -16.04 -19.79
N LEU A 14 -27.46 -15.22 -20.81
CA LEU A 14 -26.55 -15.55 -21.90
C LEU A 14 -25.10 -15.49 -21.45
N GLN A 15 -24.75 -14.51 -20.61
CA GLN A 15 -23.43 -14.51 -19.93
C GLN A 15 -23.24 -15.70 -18.98
N LEU A 16 -24.28 -16.08 -18.24
CA LEU A 16 -24.22 -17.29 -17.40
C LEU A 16 -23.94 -18.53 -18.23
N VAL A 17 -24.70 -18.82 -19.28
CA VAL A 17 -24.47 -20.05 -20.05
C VAL A 17 -23.12 -20.07 -20.79
N ALA A 18 -22.67 -18.88 -21.20
CA ALA A 18 -21.38 -18.73 -21.90
C ALA A 18 -20.18 -19.07 -21.05
N GLY A 19 -20.30 -19.02 -19.73
CA GLY A 19 -19.21 -19.45 -18.81
C GLY A 19 -18.91 -20.95 -18.76
N VAL A 20 -19.80 -21.76 -19.32
CA VAL A 20 -19.65 -23.22 -19.39
C VAL A 20 -19.23 -23.69 -20.80
N VAL A 21 -19.32 -22.81 -21.77
CA VAL A 21 -19.21 -23.19 -23.17
C VAL A 21 -17.73 -23.37 -23.53
N THR A 26 -12.79 -29.97 -29.58
CA THR A 26 -14.11 -29.39 -29.36
C THR A 26 -15.06 -29.63 -30.58
N LEU A 27 -16.16 -30.35 -30.33
CA LEU A 27 -17.27 -30.52 -31.28
C LEU A 27 -17.99 -29.17 -31.48
N PRO A 28 -18.47 -28.86 -32.68
CA PRO A 28 -19.02 -27.50 -32.91
C PRO A 28 -20.31 -27.15 -32.14
N VAL A 29 -21.21 -28.12 -31.97
CA VAL A 29 -22.48 -27.89 -31.25
C VAL A 29 -22.27 -27.40 -29.81
N LEU A 30 -21.15 -27.78 -29.22
CA LEU A 30 -20.75 -27.41 -27.87
C LEU A 30 -20.42 -25.96 -27.70
N SER A 31 -20.09 -25.30 -28.78
CA SER A 31 -19.88 -23.85 -28.72
C SER A 31 -21.17 -23.07 -29.06
N ASN A 32 -22.28 -23.77 -29.34
CA ASN A 32 -23.60 -23.14 -29.46
C ASN A 32 -24.39 -23.14 -28.17
N VAL A 33 -25.26 -22.16 -28.03
CA VAL A 33 -26.24 -22.10 -26.95
C VAL A 33 -27.56 -22.57 -27.55
N LEU A 34 -28.28 -23.41 -26.78
CA LEU A 34 -29.59 -23.91 -27.16
C LEU A 34 -30.63 -22.93 -26.65
N LEU A 35 -31.45 -22.42 -27.57
CA LEU A 35 -32.52 -21.48 -27.27
C LEU A 35 -33.84 -22.18 -27.52
N VAL A 36 -34.74 -22.12 -26.54
CA VAL A 36 -36.03 -22.78 -26.57
C VAL A 36 -37.05 -21.76 -26.10
N VAL A 37 -38.04 -21.46 -26.94
CA VAL A 37 -39.16 -20.62 -26.57
C VAL A 37 -40.38 -21.53 -26.39
N GLU A 38 -40.86 -21.66 -25.14
CA GLU A 38 -42.14 -22.34 -24.79
C GLU A 38 -43.02 -21.31 -24.11
N GLY A 39 -44.16 -21.02 -24.72
CA GLY A 39 -45.03 -19.96 -24.21
C GLY A 39 -44.24 -18.67 -24.11
N GLN A 40 -44.29 -18.05 -22.94
CA GLN A 40 -43.61 -16.77 -22.70
C GLN A 40 -42.31 -16.96 -21.93
N GLN A 41 -41.63 -18.06 -22.17
CA GLN A 41 -40.38 -18.33 -21.50
C GLN A 41 -39.27 -18.68 -22.48
N LEU A 42 -38.11 -18.09 -22.24
CA LEU A 42 -36.95 -18.38 -23.06
C LEU A 42 -35.96 -19.10 -22.17
N SER A 43 -35.49 -20.25 -22.64
CA SER A 43 -34.51 -21.02 -21.89
C SER A 43 -33.23 -21.05 -22.70
N LEU A 44 -32.11 -20.83 -22.03
CA LEU A 44 -30.84 -20.82 -22.75
C LEU A 44 -29.96 -21.87 -22.08
N THR A 45 -29.44 -22.79 -22.88
CA THR A 45 -28.65 -23.91 -22.40
C THR A 45 -27.25 -24.01 -23.01
N GLY A 46 -26.25 -24.22 -22.16
CA GLY A 46 -24.88 -24.38 -22.60
C GLY A 46 -24.29 -25.61 -21.95
N THR A 47 -23.45 -26.34 -22.67
CA THR A 47 -22.83 -27.53 -22.11
C THR A 47 -21.46 -27.85 -22.69
N ASP A 48 -20.63 -28.50 -21.89
CA ASP A 48 -19.30 -28.94 -22.32
C ASP A 48 -19.20 -30.47 -22.22
N LEU A 49 -20.36 -31.11 -22.08
CA LEU A 49 -20.63 -32.56 -21.95
C LEU A 49 -20.42 -33.11 -20.54
N GLU A 50 -19.95 -32.28 -19.63
CA GLU A 50 -19.74 -32.67 -18.25
C GLU A 50 -20.70 -31.88 -17.39
N VAL A 51 -20.90 -30.63 -17.79
CA VAL A 51 -21.74 -29.70 -17.08
C VAL A 51 -22.76 -29.08 -18.01
N GLU A 52 -24.01 -28.98 -17.56
CA GLU A 52 -25.03 -28.32 -18.34
C GLU A 52 -25.58 -27.17 -17.51
N LEU A 53 -25.67 -25.99 -18.10
CA LEU A 53 -26.20 -24.83 -17.42
C LEU A 53 -27.41 -24.29 -18.18
N VAL A 54 -28.48 -24.00 -17.45
CA VAL A 54 -29.70 -23.48 -18.06
C VAL A 54 -30.15 -22.17 -17.42
N GLY A 55 -30.45 -21.20 -18.27
CA GLY A 55 -30.90 -19.90 -17.84
C GLY A 55 -32.31 -19.67 -18.36
N ARG A 56 -33.16 -19.10 -17.51
CA ARG A 56 -34.55 -18.81 -17.88
C ARG A 56 -34.87 -17.34 -17.80
N VAL A 57 -35.53 -16.82 -18.83
CA VAL A 57 -35.94 -15.42 -18.84
C VAL A 57 -37.39 -15.34 -19.31
N VAL A 58 -38.18 -14.46 -18.69
CA VAL A 58 -39.58 -14.31 -19.06
C VAL A 58 -39.69 -13.34 -20.24
N LEU A 59 -40.48 -13.71 -21.24
CA LEU A 59 -40.66 -12.85 -22.41
C LEU A 59 -41.94 -12.08 -22.21
N GLU A 60 -41.97 -10.81 -22.60
CA GLU A 60 -43.11 -9.93 -22.32
C GLU A 60 -44.03 -9.83 -23.52
N ASP A 61 -43.52 -9.44 -24.67
CA ASP A 61 -44.36 -9.43 -25.88
C ASP A 61 -44.68 -10.84 -26.34
N ALA A 62 -45.66 -10.96 -27.20
CA ALA A 62 -46.06 -12.28 -27.69
C ALA A 62 -44.86 -12.88 -28.39
N ALA A 63 -44.77 -14.20 -28.33
CA ALA A 63 -43.60 -14.93 -28.79
C ALA A 63 -44.06 -16.17 -29.51
N GLU A 64 -43.45 -16.45 -30.65
CA GLU A 64 -43.77 -17.64 -31.41
C GLU A 64 -42.76 -18.73 -30.94
N PRO A 65 -43.25 -19.93 -30.60
CA PRO A 65 -42.35 -20.97 -30.09
C PRO A 65 -41.42 -21.63 -31.13
N GLY A 66 -40.47 -22.38 -30.60
CA GLY A 66 -39.52 -23.14 -31.40
C GLY A 66 -38.24 -23.31 -30.64
N GLU A 67 -37.27 -23.89 -31.32
CA GLU A 67 -35.96 -24.11 -30.73
C GLU A 67 -34.85 -24.14 -31.77
N ILE A 68 -33.66 -23.73 -31.36
CA ILE A 68 -32.50 -23.65 -32.25
C ILE A 68 -31.21 -23.42 -31.47
N THR A 69 -30.08 -23.83 -32.04
CA THR A 69 -28.79 -23.53 -31.45
C THR A 69 -28.00 -22.54 -32.33
N VAL A 70 -27.30 -21.63 -31.66
CA VAL A 70 -26.50 -20.60 -32.31
C VAL A 70 -25.21 -20.44 -31.54
N PRO A 71 -24.16 -19.96 -32.21
CA PRO A 71 -22.86 -19.76 -31.52
C PRO A 71 -22.97 -18.82 -30.33
N ALA A 72 -22.54 -19.29 -29.19
CA ALA A 72 -22.81 -18.67 -27.89
C ALA A 72 -22.01 -17.41 -27.72
N ARG A 73 -20.70 -17.51 -27.86
CA ARG A 73 -19.78 -16.37 -27.80
C ARG A 73 -20.29 -15.27 -28.77
N LYS A 74 -20.58 -15.60 -30.04
CA LYS A 74 -20.99 -14.57 -30.99
C LYS A 74 -22.32 -13.91 -30.61
N LEU A 75 -23.31 -14.66 -30.15
CA LEU A 75 -24.58 -14.06 -29.73
C LEU A 75 -24.34 -13.14 -28.55
N MET A 76 -23.52 -13.59 -27.59
CA MET A 76 -23.26 -12.81 -26.39
C MET A 76 -22.53 -11.54 -26.74
N ASP A 77 -21.47 -11.63 -27.54
CA ASP A 77 -20.73 -10.45 -28.00
C ASP A 77 -21.62 -9.46 -28.76
N ILE A 78 -22.53 -9.97 -29.58
CA ILE A 78 -23.45 -9.11 -30.29
C ILE A 78 -24.36 -8.42 -29.27
N CYS A 79 -24.90 -9.17 -28.34
CA CYS A 79 -25.79 -8.63 -27.32
C CYS A 79 -25.08 -7.60 -26.40
N LYS A 80 -23.85 -7.90 -26.05
CA LYS A 80 -23.01 -7.03 -25.19
C LYS A 80 -22.79 -5.69 -25.89
N SER A 81 -22.44 -5.74 -27.16
CA SER A 81 -22.04 -4.55 -27.93
C SER A 81 -23.18 -3.64 -28.32
N LEU A 82 -24.42 -4.07 -28.13
CA LEU A 82 -25.55 -3.25 -28.46
C LEU A 82 -25.75 -2.15 -27.44
N PRO A 83 -26.45 -1.13 -27.85
CA PRO A 83 -26.76 0.02 -27.03
C PRO A 83 -27.59 -0.36 -25.84
N ASN A 84 -27.43 0.38 -24.77
CA ASN A 84 -28.15 0.08 -23.58
C ASN A 84 -29.67 0.14 -23.75
N ASP A 85 -30.34 -0.79 -23.09
CA ASP A 85 -31.80 -0.93 -23.04
C ASP A 85 -32.56 -1.10 -24.36
N VAL A 86 -31.85 -1.41 -25.43
CA VAL A 86 -32.45 -1.62 -26.75
C VAL A 86 -33.26 -2.92 -26.83
N LEU A 87 -34.39 -2.89 -27.52
CA LEU A 87 -35.19 -4.10 -27.68
C LEU A 87 -34.64 -4.94 -28.84
N ILE A 88 -34.40 -6.22 -28.61
CA ILE A 88 -33.85 -7.08 -29.62
C ILE A 88 -34.90 -8.03 -30.19
N ASP A 89 -35.02 -8.09 -31.50
CA ASP A 89 -35.96 -8.96 -32.19
C ASP A 89 -35.18 -10.15 -32.74
N ILE A 90 -35.54 -11.35 -32.31
CA ILE A 90 -34.87 -12.56 -32.74
C ILE A 90 -35.81 -13.50 -33.46
N ARG A 91 -35.41 -13.90 -34.66
CA ARG A 91 -36.24 -14.77 -35.46
C ARG A 91 -35.43 -15.83 -36.21
N VAL A 92 -36.02 -17.02 -36.39
CA VAL A 92 -35.37 -18.07 -37.14
C VAL A 92 -35.96 -18.05 -38.55
N GLU A 93 -35.08 -18.04 -39.55
CA GLU A 93 -35.47 -18.00 -40.96
C GLU A 93 -34.45 -18.81 -41.73
N GLU A 94 -34.86 -19.98 -42.23
CA GLU A 94 -34.04 -20.76 -43.20
C GLU A 94 -32.68 -21.18 -42.66
N GLN A 95 -32.68 -21.78 -41.48
CA GLN A 95 -31.46 -22.18 -40.79
C GLN A 95 -30.51 -21.04 -40.37
N LYS A 96 -31.07 -19.86 -40.18
CA LYS A 96 -30.29 -18.72 -39.76
C LYS A 96 -31.03 -17.99 -38.66
N LEU A 97 -30.27 -17.37 -37.75
CA LEU A 97 -30.89 -16.62 -36.70
C LEU A 97 -30.75 -15.17 -37.12
N LEU A 98 -31.86 -14.46 -37.14
CA LEU A 98 -31.86 -13.06 -37.52
C LEU A 98 -32.02 -12.22 -36.28
N VAL A 99 -31.10 -11.31 -36.07
CA VAL A 99 -31.14 -10.44 -34.89
C VAL A 99 -31.24 -8.98 -35.30
N LYS A 100 -32.31 -8.34 -34.86
CA LYS A 100 -32.55 -6.95 -35.15
C LYS A 100 -32.68 -6.13 -33.92
N ALA A 101 -31.98 -5.02 -33.86
CA ALA A 101 -32.09 -4.11 -32.76
C ALA A 101 -31.74 -2.74 -33.26
N GLY A 102 -32.64 -1.79 -33.14
CA GLY A 102 -32.34 -0.47 -33.63
C GLY A 102 -32.04 -0.51 -35.11
N ARG A 103 -30.86 -0.07 -35.48
CA ARG A 103 -30.46 -0.07 -36.85
C ARG A 103 -29.39 -1.13 -37.15
N SER A 104 -29.24 -2.11 -36.31
CA SER A 104 -28.27 -3.12 -36.54
C SER A 104 -28.90 -4.42 -36.90
N ARG A 105 -28.38 -5.07 -37.91
CA ARG A 105 -28.87 -6.36 -38.34
C ARG A 105 -27.78 -7.44 -38.31
N PHE A 106 -28.09 -8.58 -37.73
CA PHE A 106 -27.14 -9.67 -37.64
C PHE A 106 -27.75 -10.97 -38.10
N THR A 107 -26.96 -11.75 -38.84
CA THR A 107 -27.39 -13.04 -39.29
C THR A 107 -26.39 -14.02 -38.74
N LEU A 108 -26.87 -15.04 -38.04
CA LEU A 108 -25.98 -16.03 -37.46
C LEU A 108 -26.29 -17.41 -38.01
N SER A 109 -25.27 -18.25 -38.10
CA SER A 109 -25.47 -19.60 -38.61
C SER A 109 -26.01 -20.42 -37.45
N THR A 110 -26.81 -21.43 -37.75
CA THR A 110 -27.38 -22.22 -36.70
C THR A 110 -27.23 -23.72 -36.89
N LEU A 111 -27.25 -24.44 -35.76
CA LEU A 111 -27.32 -25.89 -35.82
C LEU A 111 -28.67 -26.35 -35.25
N PRO A 112 -29.24 -27.43 -35.78
CA PRO A 112 -30.52 -27.93 -35.29
C PRO A 112 -30.54 -28.24 -33.80
N ALA A 113 -31.71 -28.08 -33.18
CA ALA A 113 -31.89 -28.33 -31.76
C ALA A 113 -31.60 -29.78 -31.37
N ASN A 114 -31.95 -30.71 -32.24
CA ASN A 114 -31.73 -32.14 -32.04
C ASN A 114 -30.25 -32.51 -31.90
N ASP A 115 -29.38 -31.80 -32.58
CA ASP A 115 -27.94 -32.01 -32.48
C ASP A 115 -27.43 -31.76 -31.05
N PHE A 116 -28.00 -30.76 -30.37
CA PHE A 116 -27.61 -30.42 -29.00
C PHE A 116 -27.75 -31.60 -28.03
N PRO A 117 -26.68 -31.91 -27.28
CA PRO A 117 -26.66 -33.03 -26.33
C PRO A 117 -27.62 -32.84 -25.15
N THR A 118 -28.21 -33.94 -24.69
CA THR A 118 -29.14 -33.92 -23.59
C THR A 118 -28.62 -34.63 -22.35
N VAL A 119 -29.27 -34.40 -21.21
CA VAL A 119 -28.88 -34.99 -19.92
C VAL A 119 -30.04 -35.83 -19.36
N GLU A 120 -29.71 -36.89 -18.63
CA GLU A 120 -30.67 -37.83 -18.06
C GLU A 120 -31.72 -37.24 -17.11
N GLU A 121 -31.33 -36.30 -16.27
CA GLU A 121 -32.28 -35.65 -15.35
C GLU A 121 -33.12 -36.56 -14.44
N GLY A 122 -32.48 -37.52 -13.79
CA GLY A 122 -33.20 -38.39 -12.87
C GLY A 122 -33.55 -37.68 -11.57
N PRO A 123 -34.52 -38.23 -10.81
CA PRO A 123 -34.96 -37.67 -9.54
C PRO A 123 -33.86 -37.69 -8.48
N GLY A 124 -33.04 -38.74 -8.49
CA GLY A 124 -31.96 -38.88 -7.55
C GLY A 124 -32.37 -39.61 -6.29
N SER A 125 -31.42 -39.71 -5.35
CA SER A 125 -31.69 -40.41 -4.08
C SER A 125 -31.76 -39.47 -2.86
N LEU A 126 -31.33 -38.23 -2.99
CA LEU A 126 -31.41 -37.25 -1.91
C LEU A 126 -31.55 -35.81 -2.46
N ASN A 127 -32.36 -35.00 -1.81
CA ASN A 127 -32.40 -33.59 -2.09
C ASN A 127 -32.64 -32.77 -0.84
N PHE A 128 -32.13 -31.55 -0.85
CA PHE A 128 -32.18 -30.65 0.27
C PHE A 128 -31.95 -29.27 -0.28
N SER A 129 -32.26 -28.24 0.49
CA SER A 129 -31.81 -26.93 0.11
C SER A 129 -30.86 -26.39 1.15
N ILE A 130 -30.09 -25.39 0.78
CA ILE A 130 -29.08 -24.83 1.67
C ILE A 130 -28.80 -23.41 1.24
N ALA A 131 -28.31 -22.59 2.17
CA ALA A 131 -27.85 -21.24 1.84
C ALA A 131 -26.69 -21.27 0.85
N GLN A 132 -26.80 -20.50 -0.23
CA GLN A 132 -25.77 -20.46 -1.25
C GLN A 132 -24.39 -20.17 -0.68
N SER A 133 -24.34 -19.28 0.31
CA SER A 133 -23.10 -18.91 0.95
C SER A 133 -22.46 -20.06 1.73
N LYS A 134 -23.28 -20.88 2.37
CA LYS A 134 -22.76 -22.04 3.06
C LYS A 134 -22.16 -23.06 2.11
N LEU A 135 -22.84 -23.33 1.00
CA LEU A 135 -22.34 -24.28 0.02
C LEU A 135 -21.09 -23.71 -0.65
N ARG A 136 -21.08 -22.40 -0.86
CA ARG A 136 -19.94 -21.75 -1.48
C ARG A 136 -18.72 -21.81 -0.57
N ARG A 137 -18.97 -21.65 0.72
CA ARG A 137 -17.91 -21.71 1.70
C ARG A 137 -17.25 -23.07 1.75
N LEU A 138 -18.04 -24.13 1.65
CA LEU A 138 -17.47 -25.46 1.70
C LEU A 138 -16.52 -25.65 0.53
N ILE A 139 -16.94 -25.22 -0.65
CA ILE A 139 -16.10 -25.30 -1.83
C ILE A 139 -14.86 -24.40 -1.81
N ASP A 140 -14.99 -23.15 -1.40
CA ASP A 140 -13.86 -22.23 -1.44
C ASP A 140 -12.75 -22.55 -0.42
N ARG A 141 -13.16 -23.13 0.69
CA ARG A 141 -12.29 -23.59 1.71
C ARG A 141 -11.50 -24.84 1.36
N THR A 142 -12.00 -25.63 0.42
CA THR A 142 -11.32 -26.82 0.03
C THR A 142 -10.84 -27.03 -1.39
N SER A 143 -11.26 -26.23 -2.35
CA SER A 143 -11.01 -26.44 -3.77
C SER A 143 -9.55 -26.51 -4.29
N PHE A 144 -8.65 -25.79 -3.63
CA PHE A 144 -7.24 -25.77 -3.99
C PHE A 144 -6.57 -27.14 -3.82
N ALA A 145 -7.11 -27.93 -2.90
CA ALA A 145 -6.59 -29.25 -2.60
C ALA A 145 -6.75 -30.25 -3.73
N MET A 146 -7.78 -30.07 -4.55
CA MET A 146 -8.06 -30.94 -5.68
C MET A 146 -6.87 -31.21 -6.59
N ALA A 147 -6.77 -32.43 -7.07
CA ALA A 147 -5.70 -32.82 -7.98
C ALA A 147 -6.08 -32.40 -9.38
N GLN A 148 -5.09 -32.06 -10.20
CA GLN A 148 -5.38 -31.69 -11.57
C GLN A 148 -4.73 -32.67 -12.52
N GLN A 149 -5.54 -33.26 -13.39
CA GLN A 149 -5.11 -34.24 -14.40
C GLN A 149 -4.36 -35.43 -13.82
N ASP A 150 -4.78 -35.91 -12.66
CA ASP A 150 -4.13 -37.04 -12.02
C ASP A 150 -4.66 -38.30 -12.69
N VAL A 151 -3.85 -39.36 -12.72
CA VAL A 151 -4.29 -40.61 -13.34
C VAL A 151 -5.45 -41.20 -12.55
N ARG A 152 -5.40 -41.10 -11.23
CA ARG A 152 -6.48 -41.56 -10.39
C ARG A 152 -7.61 -40.57 -10.63
N TYR A 153 -8.70 -41.08 -11.21
CA TYR A 153 -9.85 -40.27 -11.58
C TYR A 153 -10.55 -39.56 -10.42
N TYR A 154 -10.66 -40.24 -9.29
CA TYR A 154 -11.34 -39.71 -8.12
C TYR A 154 -10.71 -38.44 -7.56
N LEU A 155 -9.40 -38.34 -7.65
CA LEU A 155 -8.68 -37.17 -7.16
C LEU A 155 -9.03 -35.87 -7.85
N ASN A 156 -9.33 -35.90 -9.15
CA ASN A 156 -9.66 -34.67 -9.88
C ASN A 156 -11.11 -34.25 -9.67
N GLY A 157 -11.40 -33.76 -8.47
CA GLY A 157 -12.73 -33.34 -8.11
C GLY A 157 -12.89 -33.18 -6.62
N MET A 158 -14.11 -32.86 -6.19
CA MET A 158 -14.41 -32.65 -4.80
C MET A 158 -15.48 -33.59 -4.31
N LEU A 159 -15.22 -34.29 -3.23
CA LEU A 159 -16.18 -35.14 -2.58
C LEU A 159 -17.15 -34.22 -1.87
N LEU A 160 -18.46 -34.44 -2.04
CA LEU A 160 -19.46 -33.86 -1.16
C LEU A 160 -20.16 -35.02 -0.49
N GLU A 161 -20.27 -34.94 0.83
CA GLU A 161 -20.78 -36.03 1.65
C GLU A 161 -21.87 -35.51 2.58
N VAL A 162 -23.00 -36.21 2.60
CA VAL A 162 -24.04 -35.96 3.57
C VAL A 162 -24.10 -37.13 4.56
N ASN A 163 -24.08 -36.81 5.84
CA ASN A 163 -24.05 -37.84 6.89
C ASN A 163 -24.53 -37.28 8.19
N GLY A 164 -25.45 -37.98 8.83
CA GLY A 164 -26.23 -37.37 9.90
C GLY A 164 -26.88 -36.18 9.26
N GLY A 165 -26.78 -35.02 9.88
CA GLY A 165 -27.32 -33.78 9.28
C GLY A 165 -26.27 -32.95 8.57
N THR A 166 -25.08 -33.54 8.31
CA THR A 166 -23.86 -32.76 8.07
C THR A 166 -23.50 -32.80 6.59
N LEU A 167 -23.21 -31.63 6.04
CA LEU A 167 -22.64 -31.53 4.69
C LEU A 167 -21.14 -31.34 4.76
N ARG A 168 -20.41 -32.14 4.01
CA ARG A 168 -18.95 -32.08 4.06
C ARG A 168 -18.31 -32.13 2.69
N SER A 169 -17.31 -31.28 2.49
CA SER A 169 -16.49 -31.24 1.31
C SER A 169 -15.04 -31.70 1.61
N VAL A 170 -14.49 -32.58 0.77
CA VAL A 170 -13.12 -33.07 0.87
C VAL A 170 -12.45 -33.01 -0.49
N ALA A 171 -11.24 -32.48 -0.52
CA ALA A 171 -10.45 -32.40 -1.73
C ALA A 171 -9.04 -32.85 -1.40
N THR A 172 -8.46 -33.67 -2.25
CA THR A 172 -7.09 -34.10 -2.04
C THR A 172 -6.39 -34.46 -3.34
N ASP A 173 -5.11 -34.14 -3.44
CA ASP A 173 -4.31 -34.46 -4.61
C ASP A 173 -3.37 -35.63 -4.31
N GLY A 174 -3.54 -36.23 -3.14
CA GLY A 174 -2.74 -37.34 -2.68
C GLY A 174 -1.51 -36.90 -1.89
N HIS A 175 -1.24 -35.60 -1.86
CA HIS A 175 -0.12 -35.07 -1.11
C HIS A 175 -0.63 -34.13 -0.03
N ARG A 176 -1.82 -33.60 -0.24
CA ARG A 176 -2.42 -32.66 0.70
C ARG A 176 -3.92 -32.86 0.74
N LEU A 177 -4.54 -32.46 1.85
CA LEU A 177 -5.98 -32.60 1.97
C LEU A 177 -6.66 -31.38 2.57
N ALA A 178 -7.86 -31.09 2.09
CA ALA A 178 -8.65 -29.99 2.60
C ALA A 178 -10.08 -30.46 2.84
N MET A 179 -10.55 -30.34 4.08
CA MET A 179 -11.91 -30.72 4.40
C MET A 179 -12.66 -29.65 5.23
N CYS A 180 -13.95 -29.48 4.98
CA CYS A 180 -14.77 -28.54 5.69
C CYS A 180 -16.14 -29.15 5.97
N SER A 181 -16.70 -28.93 7.15
CA SER A 181 -17.92 -29.59 7.61
C SER A 181 -18.89 -28.55 8.12
N LEU A 182 -20.14 -28.67 7.72
CA LEU A 182 -21.16 -27.70 8.10
C LEU A 182 -22.42 -28.43 8.58
N ASP A 183 -23.04 -27.94 9.65
CA ASP A 183 -24.34 -28.41 10.11
C ASP A 183 -25.37 -27.88 9.15
N ALA A 184 -26.04 -28.76 8.44
CA ALA A 184 -27.03 -28.36 7.44
C ALA A 184 -28.45 -28.82 7.75
N GLN A 185 -28.70 -29.50 8.84
CA GLN A 185 -30.07 -29.83 9.13
C GLN A 185 -30.72 -30.66 8.04
N ILE A 186 -29.92 -31.48 7.40
CA ILE A 186 -30.37 -32.36 6.36
C ILE A 186 -30.91 -33.56 7.10
N PRO A 187 -32.06 -34.05 6.72
CA PRO A 187 -32.61 -35.15 7.48
C PRO A 187 -31.80 -36.41 7.49
N SER A 188 -31.77 -37.08 8.62
CA SER A 188 -30.98 -38.29 8.75
C SER A 188 -31.40 -39.38 7.78
N GLN A 189 -30.43 -39.92 7.09
CA GLN A 189 -30.65 -40.97 6.13
C GLN A 189 -29.37 -41.75 6.05
N ASP A 190 -29.13 -42.47 4.97
CA ASP A 190 -27.84 -43.13 4.87
C ASP A 190 -26.76 -42.17 4.38
N ARG A 191 -25.51 -42.58 4.49
CA ARG A 191 -24.47 -41.72 3.99
C ARG A 191 -24.57 -41.57 2.47
N HIS A 192 -24.37 -40.37 2.00
CA HIS A 192 -24.44 -40.10 0.61
C HIS A 192 -23.15 -39.39 0.26
N GLN A 193 -22.45 -39.92 -0.73
CA GLN A 193 -21.23 -39.34 -1.22
C GLN A 193 -21.26 -39.15 -2.70
N VAL A 194 -20.83 -38.00 -3.17
CA VAL A 194 -20.65 -37.75 -4.61
C VAL A 194 -19.31 -37.08 -4.87
N ILE A 195 -18.73 -37.34 -6.04
CA ILE A 195 -17.49 -36.74 -6.45
C ILE A 195 -17.82 -35.87 -7.66
N VAL A 196 -17.79 -34.57 -7.46
CA VAL A 196 -18.09 -33.63 -8.51
C VAL A 196 -16.79 -33.26 -9.18
N PRO A 197 -16.65 -33.50 -10.48
CA PRO A 197 -15.43 -33.14 -11.19
C PRO A 197 -15.00 -31.70 -11.00
N ARG A 198 -13.69 -31.55 -10.92
CA ARG A 198 -13.02 -30.27 -10.72
C ARG A 198 -13.59 -29.05 -11.45
N LYS A 199 -13.79 -29.16 -12.76
CA LYS A 199 -14.28 -28.03 -13.52
C LYS A 199 -15.69 -27.61 -13.09
N GLY A 200 -16.54 -28.60 -12.87
CA GLY A 200 -17.91 -28.33 -12.45
C GLY A 200 -18.05 -27.69 -11.09
N ILE A 201 -17.29 -28.16 -10.11
CA ILE A 201 -17.35 -27.62 -8.76
C ILE A 201 -16.90 -26.15 -8.66
N LEU A 202 -15.85 -25.79 -9.39
CA LEU A 202 -15.35 -24.43 -9.38
C LEU A 202 -16.37 -23.53 -10.03
N GLU A 203 -16.93 -24.00 -11.15
CA GLU A 203 -18.00 -23.28 -11.85
C GLU A 203 -19.19 -23.07 -10.88
N LEU A 204 -19.63 -24.12 -10.22
CA LEU A 204 -20.74 -24.02 -9.28
C LEU A 204 -20.48 -22.99 -8.19
N ALA A 205 -19.26 -22.97 -7.66
CA ALA A 205 -18.93 -22.03 -6.60
C ALA A 205 -19.04 -20.58 -7.07
N ARG A 206 -18.58 -20.32 -8.28
CA ARG A 206 -18.65 -18.98 -8.87
C ARG A 206 -20.10 -18.52 -9.08
N LEU A 207 -20.95 -19.47 -9.45
CA LEU A 207 -22.36 -19.25 -9.69
C LEU A 207 -23.16 -18.82 -8.47
N LEU A 208 -22.73 -19.23 -7.28
CA LEU A 208 -23.48 -18.92 -6.06
C LEU A 208 -23.26 -17.51 -5.46
N THR A 209 -23.65 -16.51 -6.22
CA THR A 209 -23.48 -15.12 -5.82
C THR A 209 -24.59 -14.51 -4.96
N GLU A 210 -25.74 -15.17 -4.82
CA GLU A 210 -26.80 -14.58 -4.03
C GLU A 210 -26.53 -14.87 -2.57
N GLN A 211 -26.14 -13.83 -1.84
CA GLN A 211 -25.80 -13.95 -0.43
C GLN A 211 -26.96 -14.34 0.50
N ASP A 212 -28.15 -13.80 0.23
CA ASP A 212 -29.33 -14.14 1.01
C ASP A 212 -30.09 -15.30 0.36
N GLY A 213 -29.58 -15.77 -0.78
CA GLY A 213 -30.22 -16.83 -1.54
C GLY A 213 -30.01 -18.26 -1.10
N GLU A 214 -30.90 -19.11 -1.59
CA GLU A 214 -30.90 -20.54 -1.33
C GLU A 214 -30.54 -21.23 -2.60
N VAL A 215 -30.14 -22.49 -2.47
CA VAL A 215 -29.83 -23.34 -3.61
C VAL A 215 -30.41 -24.71 -3.32
N GLY A 216 -31.14 -25.27 -4.28
CA GLY A 216 -31.73 -26.60 -4.13
C GLY A 216 -30.75 -27.61 -4.73
N ILE A 217 -30.41 -28.64 -3.96
CA ILE A 217 -29.42 -29.62 -4.38
C ILE A 217 -30.08 -30.98 -4.52
N VAL A 218 -29.74 -31.69 -5.60
CA VAL A 218 -30.17 -33.07 -5.81
C VAL A 218 -28.91 -33.95 -6.02
N LEU A 219 -28.78 -35.00 -5.21
CA LEU A 219 -27.69 -35.96 -5.36
C LEU A 219 -28.25 -37.23 -5.96
N GLY A 220 -27.60 -37.70 -7.01
CA GLY A 220 -27.93 -38.95 -7.66
C GLY A 220 -26.73 -39.84 -7.77
N GLN A 221 -26.89 -40.86 -8.60
CA GLN A 221 -25.87 -41.88 -8.84
C GLN A 221 -24.90 -41.40 -9.88
N HIS A 222 -25.39 -40.63 -10.85
CA HIS A 222 -24.54 -40.09 -11.91
C HIS A 222 -24.60 -38.58 -12.09
N HIS A 223 -25.41 -37.85 -11.33
CA HIS A 223 -25.42 -36.38 -11.48
C HIS A 223 -25.72 -35.65 -10.17
N ILE A 224 -25.25 -34.41 -10.09
CA ILE A 224 -25.64 -33.46 -9.07
C ILE A 224 -26.37 -32.34 -9.79
N ARG A 225 -27.39 -31.80 -9.14
CA ARG A 225 -28.10 -30.67 -9.65
C ARG A 225 -28.20 -29.56 -8.65
N ALA A 226 -27.90 -28.36 -9.07
CA ALA A 226 -28.01 -27.20 -8.24
C ALA A 226 -29.06 -26.31 -8.88
N THR A 227 -30.10 -25.96 -8.14
CA THR A 227 -31.14 -25.11 -8.69
C THR A 227 -31.48 -23.88 -7.89
N THR A 228 -31.52 -22.78 -8.57
CA THR A 228 -31.85 -21.50 -8.00
C THR A 228 -32.86 -20.82 -8.90
N GLY A 229 -33.26 -19.63 -8.52
CA GLY A 229 -34.20 -18.89 -9.30
C GLY A 229 -33.66 -18.55 -10.65
N GLU A 230 -32.37 -18.23 -10.72
CA GLU A 230 -31.76 -17.86 -11.98
C GLU A 230 -31.38 -19.02 -12.89
N PHE A 231 -30.77 -20.05 -12.32
CA PHE A 231 -30.26 -21.15 -13.10
C PHE A 231 -30.44 -22.55 -12.56
N THR A 232 -30.31 -23.53 -13.45
CA THR A 232 -30.34 -24.93 -13.09
C THR A 232 -29.03 -25.49 -13.63
N PHE A 233 -28.21 -25.98 -12.72
CA PHE A 233 -26.89 -26.50 -13.01
C PHE A 233 -26.86 -27.99 -12.87
N THR A 234 -26.29 -28.69 -13.82
CA THR A 234 -26.18 -30.14 -13.73
C THR A 234 -24.79 -30.58 -14.12
N SER A 235 -24.20 -31.43 -13.29
CA SER A 235 -22.86 -31.93 -13.55
C SER A 235 -22.91 -33.42 -13.50
N LYS A 236 -22.10 -34.06 -14.32
CA LYS A 236 -21.84 -35.48 -14.22
C LYS A 236 -20.87 -35.67 -13.05
N LEU A 237 -20.89 -36.83 -12.46
CA LEU A 237 -20.07 -37.18 -11.31
C LEU A 237 -18.97 -38.10 -11.76
N VAL A 238 -17.95 -38.16 -10.92
CA VAL A 238 -16.80 -39.01 -11.12
C VAL A 238 -17.19 -40.39 -10.64
N ASP A 239 -17.05 -41.34 -11.55
CA ASP A 239 -17.37 -42.72 -11.34
C ASP A 239 -16.17 -43.29 -10.68
N GLY A 240 -16.37 -43.95 -9.58
CA GLY A 240 -15.28 -44.47 -8.83
C GLY A 240 -15.49 -44.18 -7.38
N LYS A 241 -14.63 -44.72 -6.53
CA LYS A 241 -14.81 -44.52 -5.13
C LYS A 241 -13.74 -43.66 -4.55
N PHE A 242 -14.16 -42.62 -3.84
CA PHE A 242 -13.25 -41.70 -3.20
C PHE A 242 -12.54 -42.45 -2.09
N PRO A 243 -11.26 -42.16 -1.89
CA PRO A 243 -10.42 -42.82 -0.87
C PRO A 243 -10.90 -42.56 0.55
N ASP A 244 -10.51 -43.42 1.48
CA ASP A 244 -10.96 -43.21 2.83
C ASP A 244 -10.09 -42.10 3.35
N TYR A 245 -10.66 -40.91 3.38
CA TYR A 245 -10.00 -39.69 3.83
C TYR A 245 -9.68 -39.67 5.31
N GLU A 246 -10.46 -40.42 6.08
CA GLU A 246 -10.31 -40.53 7.52
C GLU A 246 -8.92 -41.06 7.92
N ARG A 247 -8.42 -42.02 7.16
CA ARG A 247 -7.11 -42.60 7.38
C ARG A 247 -5.99 -41.59 7.13
N VAL A 248 -6.18 -40.71 6.14
CA VAL A 248 -5.18 -39.71 5.79
C VAL A 248 -4.89 -38.68 6.89
N LEU A 249 -5.93 -38.28 7.62
CA LEU A 249 -5.81 -37.31 8.69
C LEU A 249 -4.92 -37.82 9.80
N PRO A 250 -3.87 -37.08 10.13
CA PRO A 250 -2.94 -37.50 11.18
C PRO A 250 -3.59 -37.46 12.55
N ARG A 251 -3.29 -38.45 13.38
CA ARG A 251 -3.84 -38.51 14.71
C ARG A 251 -2.73 -38.75 15.73
N GLY A 252 -3.00 -38.40 16.99
CA GLY A 252 -2.02 -38.55 18.04
C GLY A 252 -0.74 -37.75 17.86
N GLY A 253 -0.88 -36.53 17.36
CA GLY A 253 0.25 -35.65 17.19
C GLY A 253 0.65 -35.04 18.51
N ASP A 254 1.90 -35.27 18.90
CA ASP A 254 2.48 -34.75 20.14
C ASP A 254 2.76 -33.25 20.24
N LYS A 255 3.19 -32.63 19.15
CA LYS A 255 3.55 -31.22 19.17
C LYS A 255 2.49 -30.26 18.63
N LEU A 256 2.18 -29.23 19.42
CA LEU A 256 1.19 -28.24 19.02
C LEU A 256 1.83 -26.88 18.90
N VAL A 257 1.61 -26.25 17.76
CA VAL A 257 2.17 -24.93 17.49
C VAL A 257 1.13 -23.90 17.13
N VAL A 258 1.24 -22.72 17.73
CA VAL A 258 0.35 -21.62 17.39
C VAL A 258 1.20 -20.48 16.83
N GLY A 259 0.70 -19.83 15.78
CA GLY A 259 1.40 -18.72 15.20
C GLY A 259 0.46 -17.74 14.58
N ASP A 260 0.98 -16.53 14.32
CA ASP A 260 0.25 -15.51 13.58
C ASP A 260 0.19 -15.94 12.10
N ARG A 261 -1.01 -15.99 11.57
CA ARG A 261 -1.27 -16.44 10.23
C ARG A 261 -0.58 -15.53 9.21
N GLN A 262 -0.67 -14.23 9.42
CA GLN A 262 -0.10 -13.27 8.47
C GLN A 262 1.42 -13.25 8.49
N GLN A 263 2.03 -13.37 9.68
CA GLN A 263 3.47 -13.44 9.79
C GLN A 263 4.02 -14.70 9.12
N LEU A 264 3.36 -15.83 9.34
CA LEU A 264 3.82 -17.09 8.75
C LEU A 264 3.68 -17.07 7.23
N ARG A 265 2.59 -16.48 6.72
CA ARG A 265 2.35 -16.37 5.29
C ARG A 265 3.43 -15.53 4.61
N GLU A 266 3.72 -14.38 5.18
CA GLU A 266 4.73 -13.48 4.68
C GLU A 266 6.12 -14.10 4.74
N ALA A 267 6.44 -14.81 5.82
CA ALA A 267 7.74 -15.51 5.94
C ALA A 267 7.89 -16.70 4.99
N PHE A 268 6.80 -17.43 4.78
CA PHE A 268 6.82 -18.50 3.80
C PHE A 268 6.93 -17.94 2.39
N SER A 269 6.24 -16.85 2.03
CA SER A 269 6.37 -16.34 0.63
C SER A 269 7.75 -15.71 0.38
N ARG A 270 8.30 -15.06 1.39
CA ARG A 270 9.67 -14.52 1.30
C ARG A 270 10.66 -15.61 1.03
N THR A 271 10.62 -16.67 1.82
CA THR A 271 11.55 -17.77 1.64
C THR A 271 11.27 -18.57 0.38
N ALA A 272 10.01 -18.64 -0.03
CA ALA A 272 9.65 -19.39 -1.22
C ALA A 272 10.40 -18.92 -2.45
N ILE A 273 10.69 -17.64 -2.50
CA ILE A 273 11.40 -17.04 -3.63
C ILE A 273 12.69 -17.79 -3.97
N LEU A 274 13.41 -18.30 -2.97
CA LEU A 274 14.65 -19.00 -3.21
C LEU A 274 14.55 -20.51 -3.00
N SER A 275 13.35 -21.03 -3.05
CA SER A 275 13.19 -22.46 -2.98
C SER A 275 13.20 -23.00 -4.40
N ASN A 276 13.45 -24.29 -4.53
CA ASN A 276 13.45 -24.97 -5.81
C ASN A 276 12.14 -24.66 -6.57
N GLU A 277 12.26 -24.17 -7.79
CA GLU A 277 11.09 -23.71 -8.54
C GLU A 277 10.08 -24.82 -8.86
N LYS A 278 10.56 -26.07 -8.97
CA LYS A 278 9.68 -27.22 -9.20
C LYS A 278 9.23 -27.94 -7.91
N TYR A 279 10.18 -28.28 -7.00
CA TYR A 279 9.85 -29.04 -5.79
C TYR A 279 9.41 -28.18 -4.59
N ARG A 280 9.75 -26.90 -4.62
CA ARG A 280 9.32 -25.95 -3.58
C ARG A 280 9.57 -26.36 -2.14
N GLY A 281 10.71 -26.98 -1.92
CA GLY A 281 11.08 -27.42 -0.59
C GLY A 281 11.48 -26.33 0.37
N ILE A 282 10.95 -26.43 1.57
CA ILE A 282 11.24 -25.50 2.63
C ILE A 282 11.60 -26.34 3.83
N ARG A 283 12.57 -25.89 4.61
CA ARG A 283 12.98 -26.62 5.78
C ARG A 283 12.56 -25.88 7.04
N LEU A 284 11.94 -26.60 7.94
CA LEU A 284 11.48 -26.02 9.18
C LEU A 284 12.23 -26.59 10.37
N GLN A 285 12.71 -25.71 11.23
CA GLN A 285 13.39 -26.14 12.44
C GLN A 285 12.62 -25.51 13.58
N LEU A 286 11.94 -26.38 14.32
CA LEU A 286 11.07 -25.95 15.39
C LEU A 286 11.78 -26.25 16.71
N SER A 287 11.73 -25.25 17.58
CA SER A 287 12.23 -25.39 18.94
C SER A 287 11.40 -24.47 19.80
N ASN A 288 11.59 -24.58 21.11
CA ASN A 288 10.83 -23.80 22.08
C ASN A 288 10.72 -22.32 21.67
N GLY A 289 9.48 -21.91 21.45
CA GLY A 289 9.14 -20.55 21.06
C GLY A 289 9.82 -20.04 19.82
N LEU A 290 10.08 -20.91 18.84
CA LEU A 290 10.83 -20.48 17.67
C LEU A 290 10.67 -21.40 16.44
N LEU A 291 10.39 -20.79 15.29
CA LEU A 291 10.37 -21.48 13.99
C LEU A 291 11.36 -20.86 13.01
N LYS A 292 12.34 -21.65 12.59
CA LYS A 292 13.29 -21.24 11.58
C LYS A 292 12.85 -21.84 10.27
N ILE A 293 12.72 -20.99 9.26
CA ILE A 293 12.33 -21.41 7.94
C ILE A 293 13.52 -21.18 7.02
N GLN A 294 13.91 -22.21 6.28
CA GLN A 294 15.02 -22.08 5.38
C GLN A 294 14.67 -22.60 4.02
N ALA A 295 15.26 -22.00 3.00
CA ALA A 295 15.01 -22.40 1.64
C ALA A 295 16.28 -22.36 0.81
N ASN A 296 16.55 -23.44 0.09
CA ASN A 296 17.71 -23.51 -0.80
C ASN A 296 17.29 -23.91 -2.19
N ASN A 297 17.98 -23.41 -3.20
CA ASN A 297 17.71 -23.84 -4.59
C ASN A 297 18.96 -24.49 -5.23
N PRO A 298 18.85 -25.01 -6.47
CA PRO A 298 20.02 -25.56 -7.19
C PRO A 298 21.18 -24.59 -7.46
N GLU A 299 20.92 -23.29 -7.54
CA GLU A 299 22.00 -22.27 -7.63
C GLU A 299 22.69 -21.89 -6.29
N GLN A 300 22.53 -22.71 -5.26
CA GLN A 300 23.02 -22.46 -3.88
C GLN A 300 22.64 -21.11 -3.26
N GLU A 301 21.47 -20.62 -3.62
CA GLU A 301 20.91 -19.42 -3.03
C GLU A 301 20.14 -19.88 -1.79
N GLU A 302 20.05 -19.01 -0.78
CA GLU A 302 19.42 -19.37 0.47
C GLU A 302 18.59 -18.23 1.01
N ALA A 303 17.38 -18.52 1.46
CA ALA A 303 16.61 -17.59 2.25
C ALA A 303 16.42 -18.22 3.64
N GLU A 304 16.62 -17.42 4.69
CA GLU A 304 16.38 -17.87 6.06
C GLU A 304 15.45 -16.87 6.68
N GLU A 305 14.62 -17.34 7.59
CA GLU A 305 13.76 -16.45 8.32
C GLU A 305 13.34 -17.11 9.62
N GLU A 306 13.29 -16.30 10.67
CA GLU A 306 12.87 -16.77 11.99
C GLU A 306 11.57 -16.09 12.36
N VAL A 307 10.66 -16.86 12.92
CA VAL A 307 9.38 -16.35 13.41
C VAL A 307 9.12 -16.94 14.80
N GLN A 308 8.65 -16.11 15.72
CA GLN A 308 8.34 -16.59 17.05
C GLN A 308 6.94 -17.20 17.03
N VAL A 309 6.84 -18.43 17.51
CA VAL A 309 5.57 -19.12 17.54
C VAL A 309 5.36 -19.72 18.91
N GLU A 310 4.12 -19.93 19.31
CA GLU A 310 3.90 -20.50 20.62
C GLU A 310 4.08 -21.98 20.46
N TYR A 311 5.11 -22.52 21.11
CA TYR A 311 5.43 -23.93 21.04
C TYR A 311 6.35 -24.36 22.17
N ASN A 312 6.03 -25.46 22.82
CA ASN A 312 6.87 -26.02 23.88
C ASN A 312 7.04 -27.53 23.72
N GLY A 313 8.27 -27.98 23.54
CA GLY A 313 8.53 -29.39 23.36
C GLY A 313 9.78 -29.69 22.61
N GLY A 314 9.94 -30.95 22.23
CA GLY A 314 11.13 -31.43 21.51
C GLY A 314 11.38 -30.72 20.19
N ASN A 315 12.66 -30.68 19.82
CA ASN A 315 13.07 -30.10 18.56
C ASN A 315 12.53 -30.93 17.42
N LEU A 316 12.27 -30.28 16.29
CA LEU A 316 11.74 -30.98 15.14
C LEU A 316 12.16 -30.36 13.82
N GLU A 317 12.95 -31.11 13.05
CA GLU A 317 13.32 -30.71 11.71
C GLU A 317 12.35 -31.39 10.76
N ILE A 318 11.71 -30.64 9.88
CA ILE A 318 10.74 -31.20 8.97
C ILE A 318 10.64 -30.41 7.66
N GLY A 319 10.39 -31.11 6.57
CA GLY A 319 10.28 -30.50 5.27
C GLY A 319 8.88 -30.48 4.68
N PHE A 320 8.53 -29.37 4.04
CA PHE A 320 7.24 -29.21 3.43
C PHE A 320 7.30 -28.41 2.14
N ASN A 321 6.42 -28.76 1.21
CA ASN A 321 6.22 -27.98 0.00
C ASN A 321 5.60 -26.66 0.44
N VAL A 322 6.29 -25.56 0.14
CA VAL A 322 5.88 -24.22 0.58
C VAL A 322 4.57 -23.72 -0.02
N SER A 323 4.29 -24.15 -1.24
CA SER A 323 3.06 -23.77 -1.92
C SER A 323 1.88 -24.34 -1.16
N TYR A 324 2.01 -25.57 -0.70
CA TYR A 324 0.96 -26.23 0.05
C TYR A 324 0.65 -25.46 1.33
N LEU A 325 1.69 -25.05 2.03
CA LEU A 325 1.53 -24.31 3.26
C LEU A 325 0.84 -22.98 2.97
N LEU A 326 1.29 -22.28 1.93
CA LEU A 326 0.64 -21.02 1.52
C LEU A 326 -0.82 -21.17 1.08
N ASP A 327 -1.18 -22.30 0.48
CA ASP A 327 -2.56 -22.54 0.06
C ASP A 327 -3.44 -22.63 1.29
N VAL A 328 -2.96 -23.35 2.30
CA VAL A 328 -3.69 -23.46 3.55
C VAL A 328 -3.81 -22.08 4.22
N LEU A 329 -2.68 -21.43 4.46
CA LEU A 329 -2.70 -20.16 5.15
C LEU A 329 -3.61 -19.13 4.47
N GLY A 330 -3.72 -19.15 3.15
CA GLY A 330 -4.61 -18.22 2.45
C GLY A 330 -6.11 -18.48 2.55
N VAL A 331 -6.51 -19.60 3.14
CA VAL A 331 -7.92 -19.86 3.41
C VAL A 331 -8.24 -19.91 4.91
N ILE A 332 -7.24 -19.77 5.79
CA ILE A 332 -7.47 -19.80 7.23
C ILE A 332 -8.05 -18.42 7.62
N GLY A 333 -9.24 -18.39 8.15
CA GLY A 333 -9.85 -17.12 8.44
C GLY A 333 -9.67 -16.49 9.78
N THR A 334 -8.72 -16.99 10.56
CA THR A 334 -8.47 -16.45 11.89
C THR A 334 -7.09 -15.84 11.98
N GLU A 335 -6.87 -14.97 12.95
CA GLU A 335 -5.58 -14.31 13.10
C GLU A 335 -4.48 -15.32 13.39
N GLN A 336 -4.80 -16.30 14.23
CA GLN A 336 -3.83 -17.33 14.56
C GLN A 336 -4.17 -18.64 13.85
N VAL A 337 -3.16 -19.49 13.74
CA VAL A 337 -3.27 -20.77 13.07
C VAL A 337 -2.60 -21.80 13.95
N ARG A 338 -3.24 -22.97 14.04
CA ARG A 338 -2.75 -24.09 14.83
C ARG A 338 -2.19 -25.16 13.91
N PHE A 339 -0.98 -25.57 14.19
CA PHE A 339 -0.35 -26.63 13.50
C PHE A 339 -0.19 -27.79 14.43
N ILE A 340 -0.49 -28.98 13.94
CA ILE A 340 -0.33 -30.18 14.75
C ILE A 340 0.64 -31.10 14.04
N LEU A 341 1.78 -31.35 14.68
CA LEU A 341 2.84 -32.16 14.11
C LEU A 341 3.32 -33.25 15.05
N SER A 342 3.94 -34.27 14.48
CA SER A 342 4.48 -35.36 15.27
C SER A 342 5.98 -35.48 15.02
N ASP A 343 6.32 -36.20 13.95
CA ASP A 343 7.69 -36.46 13.55
C ASP A 343 8.00 -35.99 12.13
N SER A 344 9.26 -36.13 11.72
CA SER A 344 9.71 -35.72 10.40
C SER A 344 9.02 -36.46 9.24
N ASN A 345 8.68 -37.73 9.43
CA ASN A 345 8.00 -38.49 8.38
C ASN A 345 6.48 -38.40 8.46
N SER A 346 5.96 -37.67 9.43
CA SER A 346 4.50 -37.56 9.54
C SER A 346 3.95 -36.20 9.14
N SER A 347 2.74 -36.24 8.61
CA SER A 347 2.03 -35.08 8.09
C SER A 347 1.51 -34.08 9.12
N ALA A 348 1.29 -32.86 8.66
CA ALA A 348 0.78 -31.77 9.49
C ALA A 348 -0.73 -31.57 9.33
N LEU A 349 -1.38 -31.30 10.45
CA LEU A 349 -2.78 -31.04 10.50
C LEU A 349 -2.87 -29.57 10.89
N VAL A 350 -3.62 -28.81 10.16
CA VAL A 350 -3.73 -27.38 10.39
C VAL A 350 -5.19 -27.04 10.61
N HIS A 351 -5.44 -26.19 11.61
CA HIS A 351 -6.78 -25.75 11.97
C HIS A 351 -6.80 -24.24 12.10
N GLU A 352 -7.99 -23.67 12.03
CA GLU A 352 -8.24 -22.32 12.54
C GLU A 352 -7.96 -22.27 14.03
N ALA A 353 -7.96 -21.07 14.60
CA ALA A 353 -7.55 -20.88 16.02
C ALA A 353 -8.50 -21.52 17.05
N ASP A 354 -9.82 -21.42 16.82
CA ASP A 354 -10.85 -21.85 17.79
C ASP A 354 -11.79 -22.96 17.30
N ASN A 355 -11.57 -23.43 16.08
CA ASN A 355 -12.56 -24.14 15.32
C ASN A 355 -11.94 -25.38 14.72
N ASP A 356 -12.67 -26.49 14.76
CA ASP A 356 -12.24 -27.72 14.08
C ASP A 356 -13.07 -27.98 12.80
N ASP A 357 -13.82 -26.97 12.33
CA ASP A 357 -14.76 -27.13 11.21
C ASP A 357 -14.04 -27.43 9.90
N SER A 358 -13.02 -26.63 9.60
CA SER A 358 -12.09 -26.92 8.52
C SER A 358 -10.83 -27.55 9.12
N ALA A 359 -10.28 -28.53 8.39
CA ALA A 359 -9.05 -29.20 8.75
C ALA A 359 -8.20 -29.39 7.49
N TYR A 360 -6.88 -29.21 7.60
CA TYR A 360 -5.98 -29.28 6.45
C TYR A 360 -4.83 -30.24 6.76
N VAL A 361 -4.55 -31.11 5.80
CA VAL A 361 -3.48 -32.06 5.94
C VAL A 361 -2.39 -31.80 4.91
N VAL A 362 -1.15 -31.71 5.37
CA VAL A 362 -0.02 -31.51 4.49
C VAL A 362 1.05 -32.53 4.81
N MET A 363 1.36 -33.39 3.85
CA MET A 363 2.38 -34.37 4.08
C MET A 363 3.74 -33.74 3.89
N PRO A 364 4.72 -34.24 4.60
CA PRO A 364 6.05 -33.72 4.52
C PRO A 364 6.88 -34.21 3.38
N MET A 365 7.97 -33.51 3.14
CA MET A 365 8.92 -33.83 2.13
C MET A 365 10.18 -34.31 2.82
N ARG A 366 10.90 -35.19 2.17
CA ARG A 366 12.23 -35.61 2.68
C ARG A 366 13.42 -34.63 2.45
N LEU A 367 14.00 -34.26 3.58
CA LEU A 367 15.12 -33.33 3.68
C LEU A 367 16.43 -34.07 3.65
N MET B 1 31.71 -3.87 -1.55
CA MET B 1 30.47 -3.13 -1.74
C MET B 1 29.58 -3.39 -0.55
N HIS B 2 29.13 -2.32 0.07
CA HIS B 2 28.22 -2.42 1.19
C HIS B 2 27.42 -1.15 1.36
N PHE B 3 26.11 -1.30 1.50
CA PHE B 3 25.23 -0.16 1.68
C PHE B 3 23.92 -0.53 2.38
N THR B 4 23.24 0.47 2.88
CA THR B 4 21.95 0.31 3.52
C THR B 4 20.98 1.17 2.73
N ILE B 5 19.75 0.72 2.60
CA ILE B 5 18.76 1.47 1.84
C ILE B 5 17.36 1.04 2.25
N GLN B 6 16.45 1.99 2.26
CA GLN B 6 15.06 1.73 2.62
C GLN B 6 14.42 0.88 1.53
N ARG B 7 13.47 0.04 1.89
CA ARG B 7 12.84 -0.85 0.94
C ARG B 7 12.16 -0.10 -0.20
N GLU B 8 11.45 0.95 0.13
CA GLU B 8 10.77 1.76 -0.87
C GLU B 8 11.74 2.46 -1.81
N ALA B 9 12.84 2.95 -1.27
CA ALA B 9 13.86 3.65 -2.04
C ALA B 9 14.50 2.74 -3.07
N LEU B 10 14.73 1.48 -2.69
CA LEU B 10 15.35 0.52 -3.58
C LEU B 10 14.38 -0.03 -4.62
N LEU B 11 13.15 -0.26 -4.21
CA LEU B 11 12.14 -0.81 -5.10
C LEU B 11 11.78 -0.01 -6.35
N LYS B 12 11.71 1.31 -6.22
CA LYS B 12 11.34 2.15 -7.35
C LYS B 12 12.21 1.94 -8.59
N PRO B 13 13.52 2.15 -8.48
CA PRO B 13 14.45 1.99 -9.59
C PRO B 13 14.60 0.52 -9.98
N LEU B 14 14.51 -0.37 -9.00
CA LEU B 14 14.61 -1.79 -9.24
C LEU B 14 13.44 -2.23 -10.09
N GLN B 15 12.26 -1.71 -9.78
CA GLN B 15 11.06 -2.01 -10.57
C GLN B 15 11.21 -1.46 -11.98
N LEU B 16 11.80 -0.28 -12.11
CA LEU B 16 12.02 0.32 -13.40
C LEU B 16 12.97 -0.49 -14.27
N VAL B 17 14.14 -0.83 -13.75
CA VAL B 17 15.09 -1.63 -14.52
C VAL B 17 14.63 -3.02 -14.84
N ALA B 18 13.81 -3.60 -13.99
CA ALA B 18 13.26 -4.94 -14.18
C ALA B 18 12.33 -5.05 -15.35
N GLY B 19 11.71 -3.95 -15.78
CA GLY B 19 10.88 -3.96 -16.99
C GLY B 19 11.57 -4.15 -18.33
N VAL B 20 12.90 -4.03 -18.37
CA VAL B 20 13.66 -4.24 -19.59
C VAL B 20 14.43 -5.56 -19.61
N VAL B 21 14.45 -6.28 -18.50
CA VAL B 21 15.13 -7.56 -18.48
C VAL B 21 14.11 -8.56 -18.91
N GLU B 22 14.45 -9.36 -19.90
CA GLU B 22 13.55 -10.32 -20.56
C GLU B 22 13.24 -11.55 -19.68
N THR B 26 18.57 -16.71 -24.01
CA THR B 26 19.03 -15.70 -23.08
C THR B 26 20.47 -16.02 -22.57
N LEU B 27 21.43 -15.11 -22.78
CA LEU B 27 22.71 -15.07 -22.02
C LEU B 27 22.39 -14.68 -20.56
N PRO B 28 23.07 -15.31 -19.56
CA PRO B 28 22.53 -15.18 -18.18
C PRO B 28 22.67 -13.77 -17.56
N VAL B 29 23.76 -13.08 -17.86
CA VAL B 29 24.02 -11.75 -17.30
C VAL B 29 22.96 -10.74 -17.70
N LEU B 30 22.25 -11.01 -18.77
CA LEU B 30 21.18 -10.13 -19.25
C LEU B 30 19.97 -10.17 -18.37
N SER B 31 19.81 -11.23 -17.61
CA SER B 31 18.73 -11.26 -16.62
C SER B 31 19.17 -10.74 -15.23
N ASN B 32 20.42 -10.30 -15.12
CA ASN B 32 20.90 -9.59 -13.93
C ASN B 32 20.79 -8.10 -14.04
N VAL B 33 20.70 -7.45 -12.89
CA VAL B 33 20.78 -6.00 -12.78
C VAL B 33 22.19 -5.70 -12.31
N LEU B 34 22.79 -4.66 -12.91
CA LEU B 34 24.12 -4.17 -12.55
C LEU B 34 23.94 -3.14 -11.45
N LEU B 35 24.60 -3.37 -10.33
CA LEU B 35 24.56 -2.51 -9.15
C LEU B 35 25.95 -1.89 -8.97
N VAL B 36 25.99 -0.56 -8.85
CA VAL B 36 27.22 0.19 -8.75
C VAL B 36 27.05 1.17 -7.63
N VAL B 37 27.92 1.11 -6.63
CA VAL B 37 27.98 2.13 -5.58
C VAL B 37 29.21 3.00 -5.82
N GLU B 38 29.00 4.27 -6.18
CA GLU B 38 30.06 5.30 -6.31
C GLU B 38 29.72 6.41 -5.33
N GLY B 39 30.56 6.64 -4.35
CA GLY B 39 30.25 7.55 -3.28
C GLY B 39 28.92 7.20 -2.63
N GLN B 40 28.05 8.18 -2.54
CA GLN B 40 26.72 7.99 -1.93
C GLN B 40 25.62 7.82 -2.98
N GLN B 41 25.95 7.16 -4.07
CA GLN B 41 24.98 6.94 -5.13
C GLN B 41 24.94 5.47 -5.53
N LEU B 42 23.73 4.98 -5.75
CA LEU B 42 23.56 3.61 -6.19
C LEU B 42 22.92 3.66 -7.57
N SER B 43 23.55 2.98 -8.51
CA SER B 43 23.03 2.94 -9.87
C SER B 43 22.58 1.54 -10.16
N LEU B 44 21.40 1.43 -10.75
CA LEU B 44 20.85 0.13 -11.12
C LEU B 44 20.65 0.07 -12.64
N THR B 45 21.31 -0.88 -13.28
CA THR B 45 21.23 -0.98 -14.74
C THR B 45 20.68 -2.28 -15.30
N GLY B 46 19.73 -2.17 -16.22
CA GLY B 46 19.13 -3.32 -16.87
C GLY B 46 19.23 -3.16 -18.37
N THR B 47 19.45 -4.26 -19.08
CA THR B 47 19.54 -4.19 -20.53
C THR B 47 19.08 -5.45 -21.26
N ASP B 48 18.61 -5.28 -22.49
CA ASP B 48 18.19 -6.38 -23.35
C ASP B 48 18.98 -6.39 -24.67
N LEU B 49 20.06 -5.60 -24.67
CA LEU B 49 21.05 -5.36 -25.75
C LEU B 49 20.60 -4.34 -26.79
N GLU B 50 19.37 -3.85 -26.65
CA GLU B 50 18.85 -2.85 -27.57
C GLU B 50 18.50 -1.61 -26.79
N VAL B 51 18.05 -1.84 -25.57
CA VAL B 51 17.64 -0.78 -24.66
C VAL B 51 18.36 -0.93 -23.33
N GLU B 52 18.90 0.17 -22.81
CA GLU B 52 19.55 0.15 -21.52
C GLU B 52 18.83 1.14 -20.63
N LEU B 53 18.44 0.71 -19.44
CA LEU B 53 17.74 1.57 -18.51
C LEU B 53 18.52 1.71 -17.21
N VAL B 54 18.77 2.94 -16.79
CA VAL B 54 19.55 3.17 -15.58
C VAL B 54 18.81 3.98 -14.53
N GLY B 55 18.82 3.47 -13.31
CA GLY B 55 18.17 4.13 -12.19
C GLY B 55 19.18 4.51 -11.14
N ARG B 56 19.07 5.72 -10.61
CA ARG B 56 20.00 6.20 -9.59
C ARG B 56 19.27 6.54 -8.30
N VAL B 57 19.91 6.25 -7.18
CA VAL B 57 19.32 6.56 -5.89
C VAL B 57 20.41 7.07 -4.96
N VAL B 58 20.08 8.07 -4.15
CA VAL B 58 21.03 8.62 -3.21
C VAL B 58 20.99 7.79 -1.95
N LEU B 59 22.15 7.36 -1.50
CA LEU B 59 22.29 6.55 -0.31
C LEU B 59 22.57 7.50 0.85
N GLU B 60 21.91 7.26 1.98
CA GLU B 60 22.01 8.11 3.17
C GLU B 60 23.12 7.75 4.12
N ASP B 61 23.15 6.49 4.60
CA ASP B 61 24.23 6.04 5.47
C ASP B 61 25.50 5.82 4.67
N ALA B 62 26.63 5.71 5.35
CA ALA B 62 27.89 5.52 4.68
C ALA B 62 27.79 4.23 3.89
N ALA B 63 28.50 4.21 2.76
CA ALA B 63 28.43 3.12 1.82
C ALA B 63 29.83 2.82 1.33
N GLU B 64 30.15 1.54 1.25
CA GLU B 64 31.44 1.10 0.75
C GLU B 64 31.25 0.84 -0.75
N PRO B 65 32.13 1.39 -1.62
CA PRO B 65 31.91 1.23 -3.06
C PRO B 65 32.22 -0.16 -3.64
N GLY B 66 31.79 -0.34 -4.88
CA GLY B 66 32.01 -1.57 -5.62
C GLY B 66 30.90 -1.76 -6.61
N GLU B 67 30.97 -2.89 -7.29
CA GLU B 67 29.99 -3.20 -8.32
C GLU B 67 29.82 -4.69 -8.53
N ILE B 68 28.62 -5.07 -8.96
CA ILE B 68 28.25 -6.48 -9.05
C ILE B 68 26.94 -6.59 -9.85
N THR B 69 26.69 -7.77 -10.42
CA THR B 69 25.40 -8.07 -11.03
C THR B 69 24.72 -9.24 -10.27
N VAL B 70 23.40 -9.12 -10.18
CA VAL B 70 22.57 -10.08 -9.42
C VAL B 70 21.26 -10.24 -10.19
N PRO B 71 20.63 -11.43 -10.11
CA PRO B 71 19.37 -11.65 -10.84
C PRO B 71 18.29 -10.62 -10.48
N ALA B 72 17.76 -9.98 -11.51
CA ALA B 72 16.94 -8.78 -11.35
C ALA B 72 15.59 -9.07 -10.74
N ARG B 73 14.86 -9.95 -11.40
CA ARG B 73 13.56 -10.44 -10.92
C ARG B 73 13.67 -10.93 -9.47
N LYS B 74 14.66 -11.76 -9.15
CA LYS B 74 14.79 -12.26 -7.77
C LYS B 74 15.04 -11.17 -6.74
N LEU B 75 15.92 -10.21 -7.06
CA LEU B 75 16.18 -9.10 -6.13
C LEU B 75 14.90 -8.29 -5.94
N MET B 76 14.19 -8.02 -7.03
CA MET B 76 12.99 -7.22 -6.98
C MET B 76 11.92 -7.90 -6.17
N ASP B 77 11.67 -9.19 -6.45
CA ASP B 77 10.71 -9.98 -5.66
C ASP B 77 11.05 -10.04 -4.17
N ILE B 78 12.32 -10.15 -3.86
CA ILE B 78 12.77 -10.17 -2.48
C ILE B 78 12.46 -8.80 -1.86
N CYS B 79 12.81 -7.73 -2.56
CA CYS B 79 12.56 -6.38 -2.07
C CYS B 79 11.06 -6.07 -1.91
N LYS B 80 10.26 -6.53 -2.88
CA LYS B 80 8.81 -6.34 -2.87
C LYS B 80 8.19 -7.01 -1.65
N SER B 81 8.61 -8.25 -1.38
CA SER B 81 8.02 -9.06 -0.32
C SER B 81 8.42 -8.69 1.10
N LEU B 82 9.37 -7.78 1.24
CA LEU B 82 9.81 -7.38 2.56
C LEU B 82 8.84 -6.40 3.21
N PRO B 83 8.90 -6.31 4.53
CA PRO B 83 8.07 -5.42 5.35
C PRO B 83 8.18 -3.97 4.90
N ASN B 84 7.06 -3.25 4.95
CA ASN B 84 7.04 -1.86 4.55
C ASN B 84 7.96 -1.04 5.42
N ASP B 85 8.68 -0.12 4.76
CA ASP B 85 9.62 0.84 5.36
C ASP B 85 10.85 0.26 6.07
N VAL B 86 11.12 -1.02 5.86
CA VAL B 86 12.28 -1.66 6.47
C VAL B 86 13.59 -1.20 5.81
N LEU B 87 14.68 -1.26 6.55
CA LEU B 87 15.99 -0.89 6.04
C LEU B 87 16.65 -2.17 5.58
N ILE B 88 17.20 -2.16 4.37
CA ILE B 88 17.83 -3.34 3.81
C ILE B 88 19.33 -3.20 3.74
N ASP B 89 20.03 -4.21 4.24
CA ASP B 89 21.48 -4.22 4.26
C ASP B 89 21.96 -5.11 3.13
N ILE B 90 22.76 -4.53 2.24
CA ILE B 90 23.29 -5.25 1.09
C ILE B 90 24.80 -5.24 1.09
N ARG B 91 25.39 -6.42 0.89
CA ARG B 91 26.83 -6.53 0.91
C ARG B 91 27.33 -7.72 0.08
N VAL B 92 28.42 -7.51 -0.66
CA VAL B 92 29.03 -8.58 -1.44
C VAL B 92 30.02 -9.33 -0.57
N GLU B 93 29.96 -10.66 -0.62
CA GLU B 93 30.85 -11.55 0.12
C GLU B 93 31.06 -12.79 -0.71
N GLU B 94 32.27 -12.97 -1.28
CA GLU B 94 32.68 -14.24 -1.93
C GLU B 94 31.80 -14.62 -3.13
N GLN B 95 31.60 -13.68 -4.03
CA GLN B 95 30.72 -13.87 -5.19
C GLN B 95 29.23 -14.10 -4.87
N LYS B 96 28.77 -13.59 -3.75
CA LYS B 96 27.39 -13.69 -3.37
C LYS B 96 26.90 -12.33 -2.88
N LEU B 97 25.63 -12.04 -3.13
CA LEU B 97 25.00 -10.87 -2.57
C LEU B 97 24.25 -11.35 -1.34
N LEU B 98 24.54 -10.70 -0.21
CA LEU B 98 23.91 -11.01 1.06
C LEU B 98 22.92 -9.90 1.37
N VAL B 99 21.64 -10.24 1.40
CA VAL B 99 20.62 -9.24 1.68
C VAL B 99 20.02 -9.46 3.06
N LYS B 100 20.03 -8.41 3.87
CA LYS B 100 19.49 -8.48 5.22
C LYS B 100 18.48 -7.39 5.50
N ALA B 101 17.41 -7.79 6.17
CA ALA B 101 16.36 -6.89 6.58
C ALA B 101 15.61 -7.54 7.72
N GLY B 102 15.68 -6.94 8.90
CA GLY B 102 15.04 -7.50 10.07
C GLY B 102 15.65 -8.85 10.38
N ARG B 103 14.82 -9.87 10.37
CA ARG B 103 15.28 -11.21 10.61
C ARG B 103 15.33 -12.09 9.38
N SER B 104 15.16 -11.54 8.19
CA SER B 104 15.24 -12.29 6.97
C SER B 104 16.61 -12.18 6.31
N ARG B 105 17.24 -13.30 6.03
CA ARG B 105 18.52 -13.33 5.35
C ARG B 105 18.34 -13.93 3.99
N PHE B 106 18.97 -13.35 2.99
CA PHE B 106 18.91 -13.85 1.63
C PHE B 106 20.32 -13.89 1.05
N THR B 107 20.65 -14.91 0.27
CA THR B 107 21.96 -14.99 -0.36
C THR B 107 21.66 -15.24 -1.82
N LEU B 108 22.09 -14.33 -2.71
CA LEU B 108 21.88 -14.49 -4.15
C LEU B 108 23.19 -14.76 -4.86
N SER B 109 23.14 -15.45 -5.99
CA SER B 109 24.34 -15.72 -6.78
C SER B 109 24.60 -14.49 -7.60
N THR B 110 25.86 -14.23 -7.90
CA THR B 110 26.24 -13.05 -8.63
C THR B 110 27.14 -13.34 -9.79
N LEU B 111 27.14 -12.41 -10.73
CA LEU B 111 27.99 -12.46 -11.89
C LEU B 111 28.80 -11.17 -11.82
N PRO B 112 30.07 -11.23 -12.23
CA PRO B 112 30.92 -10.05 -12.17
C PRO B 112 30.47 -8.91 -13.07
N ALA B 113 30.84 -7.69 -12.69
CA ALA B 113 30.51 -6.48 -13.42
C ALA B 113 31.08 -6.44 -14.84
N ASN B 114 32.24 -7.07 -15.06
CA ASN B 114 32.89 -7.11 -16.37
C ASN B 114 31.99 -7.75 -17.43
N ASP B 115 31.27 -8.79 -17.04
CA ASP B 115 30.36 -9.49 -17.93
C ASP B 115 29.23 -8.60 -18.43
N PHE B 116 28.73 -7.70 -17.58
CA PHE B 116 27.63 -6.85 -17.99
C PHE B 116 28.03 -5.96 -19.17
N PRO B 117 27.18 -5.89 -20.18
CA PRO B 117 27.41 -5.10 -21.40
C PRO B 117 27.45 -3.62 -21.10
N THR B 118 28.33 -2.91 -21.78
CA THR B 118 28.48 -1.48 -21.55
C THR B 118 28.13 -0.67 -22.78
N VAL B 119 27.36 0.40 -22.58
CA VAL B 119 27.01 1.26 -23.69
C VAL B 119 27.74 2.58 -23.50
N GLU B 120 28.58 2.93 -24.47
CA GLU B 120 29.39 4.16 -24.40
C GLU B 120 28.58 5.31 -25.00
N GLU B 121 28.35 6.32 -24.17
CA GLU B 121 27.42 7.39 -24.46
C GLU B 121 28.09 8.69 -24.99
N GLY B 122 28.09 8.85 -26.31
CA GLY B 122 28.48 10.11 -26.93
C GLY B 122 27.46 11.24 -26.77
N PRO B 123 27.85 12.46 -27.15
CA PRO B 123 26.98 13.61 -26.93
C PRO B 123 25.88 13.72 -27.98
N GLY B 124 26.00 12.98 -29.10
CA GLY B 124 25.06 13.10 -30.19
C GLY B 124 25.24 14.33 -31.05
N SER B 125 24.26 14.58 -31.92
CA SER B 125 24.23 15.77 -32.80
C SER B 125 23.09 16.75 -32.46
N LEU B 126 22.13 16.35 -31.64
CA LEU B 126 21.03 17.22 -31.23
C LEU B 126 20.52 16.86 -29.83
N ASN B 127 20.26 17.87 -29.02
CA ASN B 127 19.60 17.65 -27.76
C ASN B 127 18.67 18.80 -27.43
N PHE B 128 17.61 18.45 -26.70
CA PHE B 128 16.55 19.36 -26.36
C PHE B 128 15.83 18.76 -25.20
N SER B 129 15.02 19.55 -24.52
CA SER B 129 14.12 18.98 -23.55
C SER B 129 12.68 19.23 -24.00
N ILE B 130 11.78 18.44 -23.45
CA ILE B 130 10.38 18.53 -23.85
C ILE B 130 9.52 18.02 -22.70
N ALA B 131 8.28 18.46 -22.66
CA ALA B 131 7.32 17.93 -21.67
C ALA B 131 7.08 16.44 -21.90
N GLN B 132 7.15 15.67 -20.82
CA GLN B 132 7.02 14.22 -20.92
C GLN B 132 5.75 13.82 -21.63
N SER B 133 4.67 14.51 -21.30
CA SER B 133 3.36 14.19 -21.82
C SER B 133 3.21 14.57 -23.29
N LYS B 134 4.08 15.43 -23.79
CA LYS B 134 4.06 15.80 -25.20
C LYS B 134 4.70 14.67 -26.03
N LEU B 135 5.82 14.16 -25.53
CA LEU B 135 6.54 13.10 -26.17
C LEU B 135 5.77 11.78 -26.18
N ARG B 136 5.11 11.50 -25.08
CA ARG B 136 4.28 10.35 -24.93
C ARG B 136 3.08 10.39 -25.87
N ARG B 137 2.50 11.57 -26.02
CA ARG B 137 1.38 11.77 -26.92
C ARG B 137 1.80 11.39 -28.33
N LEU B 138 2.96 11.89 -28.77
CA LEU B 138 3.47 11.57 -30.10
C LEU B 138 3.54 10.06 -30.32
N ILE B 139 4.07 9.36 -29.33
CA ILE B 139 4.18 7.92 -29.39
C ILE B 139 2.83 7.20 -29.24
N ASP B 140 2.01 7.61 -28.29
CA ASP B 140 0.72 6.97 -28.05
C ASP B 140 -0.26 7.09 -29.21
N ARG B 141 -0.27 8.26 -29.82
CA ARG B 141 -1.10 8.54 -30.98
C ARG B 141 -0.66 7.72 -32.19
N THR B 142 0.65 7.50 -32.29
CA THR B 142 1.27 6.80 -33.40
C THR B 142 1.76 5.34 -33.29
N SER B 143 1.87 4.77 -32.08
CA SER B 143 2.46 3.42 -31.91
C SER B 143 1.80 2.19 -32.58
N PHE B 144 0.48 2.17 -32.69
CA PHE B 144 -0.25 1.05 -33.29
C PHE B 144 0.12 0.78 -34.76
N ALA B 145 0.42 1.83 -35.50
CA ALA B 145 0.76 1.74 -36.92
C ALA B 145 2.04 0.95 -37.23
N MET B 146 2.97 0.89 -36.28
CA MET B 146 4.23 0.18 -36.47
C MET B 146 4.09 -1.28 -36.91
N ALA B 147 5.02 -1.75 -37.72
CA ALA B 147 4.99 -3.15 -38.13
C ALA B 147 5.55 -3.95 -36.95
N GLN B 148 5.13 -5.20 -36.81
CA GLN B 148 5.63 -6.00 -35.70
C GLN B 148 6.91 -6.77 -36.01
N GLN B 149 6.90 -7.58 -37.06
CA GLN B 149 8.06 -8.38 -37.42
C GLN B 149 8.38 -8.36 -38.90
N ASP B 150 8.17 -7.21 -39.53
CA ASP B 150 8.42 -7.10 -40.95
C ASP B 150 9.89 -7.31 -41.33
N VAL B 151 10.10 -7.80 -42.54
CA VAL B 151 11.42 -8.02 -43.13
C VAL B 151 12.07 -6.70 -43.49
N ARG B 152 11.27 -5.68 -43.75
CA ARG B 152 11.81 -4.36 -43.97
C ARG B 152 11.95 -3.90 -42.52
N TYR B 153 13.20 -3.85 -42.05
CA TYR B 153 13.53 -3.52 -40.65
C TYR B 153 13.07 -2.16 -40.16
N TYR B 154 13.13 -1.16 -41.04
CA TYR B 154 12.73 0.20 -40.71
C TYR B 154 11.25 0.32 -40.29
N LEU B 155 10.40 -0.56 -40.81
CA LEU B 155 8.99 -0.52 -40.48
C LEU B 155 8.72 -0.92 -39.04
N ASN B 156 9.54 -1.81 -38.51
CA ASN B 156 9.32 -2.23 -37.12
C ASN B 156 9.91 -1.27 -36.09
N GLY B 157 9.34 -0.08 -36.03
CA GLY B 157 9.80 0.95 -35.15
C GLY B 157 9.10 2.25 -35.51
N MET B 158 9.53 3.30 -34.85
CA MET B 158 8.94 4.60 -35.06
C MET B 158 9.97 5.65 -35.42
N LEU B 159 9.64 6.45 -36.41
CA LEU B 159 10.50 7.53 -36.83
C LEU B 159 10.24 8.74 -35.96
N LEU B 160 11.30 9.34 -35.43
CA LEU B 160 11.15 10.57 -34.67
C LEU B 160 11.92 11.58 -35.50
N GLU B 161 11.26 12.65 -35.91
CA GLU B 161 11.89 13.64 -36.76
C GLU B 161 11.80 15.08 -36.26
N VAL B 162 12.92 15.79 -36.31
CA VAL B 162 12.93 17.18 -35.91
C VAL B 162 13.20 18.03 -37.14
N ASN B 163 12.23 18.85 -37.52
CA ASN B 163 12.38 19.77 -38.64
C ASN B 163 11.84 21.11 -38.18
N GLY B 164 12.56 22.19 -38.46
CA GLY B 164 12.16 23.49 -37.98
C GLY B 164 12.17 23.35 -36.46
N GLY B 165 11.06 23.70 -35.82
CA GLY B 165 11.00 23.54 -34.38
C GLY B 165 9.94 22.51 -34.04
N THR B 166 9.68 21.61 -34.99
CA THR B 166 8.64 20.60 -34.85
C THR B 166 9.16 19.19 -34.59
N LEU B 167 8.56 18.54 -33.61
CA LEU B 167 8.90 17.17 -33.28
C LEU B 167 7.81 16.29 -33.90
N ARG B 168 8.22 15.35 -34.73
CA ARG B 168 7.26 14.49 -35.42
C ARG B 168 7.51 12.99 -35.28
N SER B 169 6.43 12.25 -35.11
CA SER B 169 6.47 10.81 -35.00
C SER B 169 5.74 10.17 -36.18
N VAL B 170 6.37 9.19 -36.80
CA VAL B 170 5.74 8.48 -37.93
C VAL B 170 5.87 6.96 -37.76
N ALA B 171 4.78 6.25 -37.97
CA ALA B 171 4.78 4.79 -37.92
C ALA B 171 3.92 4.24 -39.03
N THR B 172 4.36 3.14 -39.62
CA THR B 172 3.63 2.50 -40.71
C THR B 172 4.09 1.07 -40.95
N ASP B 173 3.13 0.19 -41.21
CA ASP B 173 3.42 -1.21 -41.50
C ASP B 173 3.31 -1.51 -42.99
N GLY B 174 3.13 -0.45 -43.78
CA GLY B 174 2.99 -0.54 -45.21
C GLY B 174 1.56 -0.66 -45.68
N HIS B 175 0.64 -0.85 -44.72
CA HIS B 175 -0.77 -0.95 -45.04
C HIS B 175 -1.50 0.27 -44.49
N ARG B 176 -0.94 0.85 -43.44
CA ARG B 176 -1.53 2.00 -42.79
C ARG B 176 -0.46 2.84 -42.17
N LEU B 177 -0.77 4.11 -41.93
CA LEU B 177 0.19 5.01 -41.35
C LEU B 177 -0.36 5.94 -40.31
N ALA B 178 0.47 6.27 -39.33
CA ALA B 178 0.07 7.18 -38.27
C ALA B 178 1.16 8.22 -38.07
N MET B 179 0.76 9.49 -38.04
CA MET B 179 1.72 10.56 -37.81
C MET B 179 1.19 11.63 -36.84
N CYS B 180 2.08 12.23 -36.08
CA CYS B 180 1.71 13.28 -35.15
C CYS B 180 2.80 14.35 -35.11
N SER B 181 2.39 15.61 -35.21
CA SER B 181 3.33 16.73 -35.21
C SER B 181 3.03 17.72 -34.11
N LEU B 182 4.06 18.08 -33.36
CA LEU B 182 3.90 19.04 -32.29
C LEU B 182 4.96 20.14 -32.38
N ASP B 183 4.56 21.38 -32.16
CA ASP B 183 5.51 22.47 -32.14
C ASP B 183 6.30 22.26 -30.87
N ALA B 184 7.62 22.35 -30.94
CA ALA B 184 8.42 22.13 -29.75
C ALA B 184 9.48 23.20 -29.57
N GLN B 185 9.47 24.18 -30.46
CA GLN B 185 10.45 25.29 -30.41
C GLN B 185 11.90 24.76 -30.29
N ILE B 186 12.17 23.64 -30.91
CA ILE B 186 13.48 23.04 -30.87
C ILE B 186 14.39 23.67 -31.89
N PRO B 187 15.47 24.28 -31.46
CA PRO B 187 16.37 24.87 -32.45
C PRO B 187 17.13 23.79 -33.13
N SER B 188 17.07 23.76 -34.45
CA SER B 188 17.76 22.75 -35.23
C SER B 188 18.31 23.32 -36.48
N GLN B 189 19.59 23.20 -36.72
CA GLN B 189 20.11 23.68 -37.95
C GLN B 189 19.65 22.85 -39.12
N ASP B 190 19.54 21.55 -38.91
CA ASP B 190 19.15 20.67 -39.97
C ASP B 190 18.07 19.67 -39.53
N ARG B 191 17.41 19.04 -40.49
CA ARG B 191 16.45 18.04 -40.16
C ARG B 191 17.13 16.80 -39.56
N HIS B 192 16.59 16.28 -38.48
CA HIS B 192 17.14 15.10 -37.88
C HIS B 192 16.08 13.99 -37.82
N GLN B 193 16.41 12.83 -38.31
CA GLN B 193 15.55 11.64 -38.24
C GLN B 193 16.23 10.55 -37.42
N VAL B 194 15.43 9.87 -36.59
CA VAL B 194 15.85 8.59 -35.97
C VAL B 194 14.72 7.59 -36.03
N ILE B 195 15.06 6.31 -36.12
CA ILE B 195 14.09 5.22 -36.09
C ILE B 195 14.37 4.44 -34.84
N VAL B 196 13.45 4.52 -33.90
CA VAL B 196 13.57 3.81 -32.64
C VAL B 196 12.78 2.52 -32.75
N PRO B 197 13.42 1.37 -32.47
CA PRO B 197 12.79 0.05 -32.51
C PRO B 197 11.52 -0.02 -31.66
N ARG B 198 10.57 -0.84 -32.07
CA ARG B 198 9.29 -0.89 -31.38
C ARG B 198 9.35 -1.24 -29.90
N LYS B 199 10.20 -2.19 -29.50
CA LYS B 199 10.26 -2.50 -28.08
C LYS B 199 10.72 -1.30 -27.28
N GLY B 200 11.74 -0.61 -27.77
CA GLY B 200 12.26 0.57 -27.12
C GLY B 200 11.32 1.75 -27.05
N ILE B 201 10.64 2.03 -28.15
CA ILE B 201 9.69 3.15 -28.18
C ILE B 201 8.48 2.94 -27.26
N LEU B 202 7.94 1.72 -27.23
CA LEU B 202 6.82 1.41 -26.36
C LEU B 202 7.22 1.51 -24.91
N GLU B 203 8.43 1.02 -24.60
CA GLU B 203 8.96 1.08 -23.26
C GLU B 203 9.16 2.52 -22.83
N LEU B 204 9.64 3.34 -23.75
CA LEU B 204 9.88 4.76 -23.49
C LEU B 204 8.56 5.46 -23.16
N ALA B 205 7.51 5.10 -23.88
CA ALA B 205 6.20 5.70 -23.66
C ALA B 205 5.69 5.37 -22.26
N ARG B 206 5.84 4.11 -21.85
CA ARG B 206 5.39 3.69 -20.51
C ARG B 206 6.12 4.36 -19.36
N LEU B 207 7.35 4.81 -19.60
CA LEU B 207 8.14 5.45 -18.60
C LEU B 207 7.86 6.92 -18.43
N LEU B 208 7.21 7.51 -19.41
CA LEU B 208 6.96 8.95 -19.39
C LEU B 208 5.68 9.25 -18.59
N THR B 209 5.74 9.05 -17.28
CA THR B 209 4.55 9.02 -16.42
C THR B 209 4.30 10.31 -15.65
N GLU B 210 5.28 11.20 -15.63
CA GLU B 210 5.13 12.48 -14.95
C GLU B 210 4.48 13.50 -15.85
N GLN B 211 3.22 13.80 -15.58
CA GLN B 211 2.46 14.75 -16.36
C GLN B 211 3.03 16.16 -16.29
N ASP B 212 3.56 16.52 -15.12
CA ASP B 212 4.13 17.84 -14.91
C ASP B 212 5.65 17.83 -15.07
N GLY B 213 6.17 16.72 -15.57
CA GLY B 213 7.60 16.57 -15.74
C GLY B 213 8.15 16.85 -17.12
N GLU B 214 9.47 16.87 -17.20
CA GLU B 214 10.18 17.12 -18.44
C GLU B 214 11.12 15.95 -18.73
N VAL B 215 11.55 15.81 -19.97
CA VAL B 215 12.47 14.75 -20.34
C VAL B 215 13.53 15.39 -21.22
N GLY B 216 14.79 15.01 -21.02
CA GLY B 216 15.92 15.51 -21.83
C GLY B 216 16.20 14.46 -22.90
N ILE B 217 16.26 14.88 -24.17
CA ILE B 217 16.44 13.98 -25.29
C ILE B 217 17.76 14.27 -25.97
N VAL B 218 18.48 13.20 -26.32
CA VAL B 218 19.68 13.29 -27.16
C VAL B 218 19.47 12.40 -28.40
N LEU B 219 19.65 12.98 -29.58
CA LEU B 219 19.65 12.22 -30.83
C LEU B 219 21.08 12.09 -31.31
N GLY B 220 21.47 10.86 -31.61
CA GLY B 220 22.77 10.55 -32.15
C GLY B 220 22.61 9.77 -33.44
N GLN B 221 23.75 9.20 -33.84
CA GLN B 221 23.90 8.44 -35.06
C GLN B 221 23.42 7.01 -34.84
N HIS B 222 23.66 6.47 -33.65
CA HIS B 222 23.29 5.10 -33.33
C HIS B 222 22.45 4.95 -32.04
N HIS B 223 22.11 6.05 -31.36
CA HIS B 223 21.33 5.99 -30.13
C HIS B 223 20.39 7.17 -29.97
N ILE B 224 19.42 6.94 -29.09
CA ILE B 224 18.52 7.97 -28.64
C ILE B 224 18.61 7.87 -27.12
N ARG B 225 18.76 9.00 -26.46
CA ARG B 225 18.83 9.00 -25.03
C ARG B 225 17.76 9.88 -24.41
N ALA B 226 17.09 9.35 -23.40
CA ALA B 226 16.05 10.06 -22.69
C ALA B 226 16.40 10.12 -21.21
N THR B 227 16.47 11.32 -20.67
CA THR B 227 16.83 11.52 -19.28
C THR B 227 15.87 12.32 -18.38
N THR B 228 15.56 11.75 -17.24
CA THR B 228 14.74 12.34 -16.20
C THR B 228 15.49 12.21 -14.86
N GLY B 229 14.95 12.74 -13.78
CA GLY B 229 15.61 12.56 -12.51
C GLY B 229 15.66 11.10 -12.15
N GLU B 230 14.58 10.39 -12.45
CA GLU B 230 14.48 8.97 -12.13
C GLU B 230 15.29 8.03 -13.02
N PHE B 231 15.45 8.36 -14.29
CA PHE B 231 16.15 7.43 -15.18
C PHE B 231 16.84 8.01 -16.42
N THR B 232 17.70 7.19 -17.00
CA THR B 232 18.35 7.51 -18.26
C THR B 232 18.05 6.29 -19.12
N PHE B 233 17.38 6.52 -20.25
CA PHE B 233 17.00 5.44 -21.13
C PHE B 233 17.76 5.58 -22.43
N THR B 234 18.44 4.52 -22.82
CA THR B 234 19.19 4.54 -24.05
C THR B 234 18.76 3.40 -24.93
N SER B 235 18.47 3.72 -26.18
CA SER B 235 18.06 2.71 -27.10
C SER B 235 18.88 2.80 -28.35
N LYS B 236 19.15 1.65 -28.93
CA LYS B 236 19.83 1.59 -30.20
C LYS B 236 18.78 1.90 -31.27
N LEU B 237 19.22 2.41 -32.39
CA LEU B 237 18.36 2.85 -33.48
C LEU B 237 18.40 1.83 -34.59
N VAL B 238 17.36 1.86 -35.42
CA VAL B 238 17.29 0.98 -36.57
C VAL B 238 18.11 1.67 -37.64
N ASP B 239 19.03 0.90 -38.23
CA ASP B 239 20.00 1.39 -39.17
C ASP B 239 19.35 1.18 -40.53
N GLY B 240 18.98 2.27 -41.17
CA GLY B 240 18.23 2.23 -42.43
C GLY B 240 17.57 3.56 -42.62
N LYS B 241 17.13 3.84 -43.86
CA LYS B 241 16.39 5.07 -44.15
C LYS B 241 14.90 4.78 -44.06
N PHE B 242 14.20 5.61 -43.33
CA PHE B 242 12.77 5.49 -43.20
C PHE B 242 12.17 5.89 -44.53
N PRO B 243 11.12 5.22 -44.98
CA PRO B 243 10.46 5.58 -46.23
C PRO B 243 9.96 7.01 -46.35
N ASP B 244 9.73 7.46 -47.59
CA ASP B 244 9.27 8.81 -47.81
C ASP B 244 7.79 8.79 -47.52
N TYR B 245 7.46 9.06 -46.27
CA TYR B 245 6.10 9.04 -45.78
C TYR B 245 5.18 10.07 -46.42
N GLU B 246 5.72 11.19 -46.83
CA GLU B 246 4.92 12.24 -47.45
C GLU B 246 4.23 11.75 -48.74
N ARG B 247 4.90 10.93 -49.53
CA ARG B 247 4.35 10.34 -50.74
C ARG B 247 3.16 9.42 -50.44
N VAL B 248 3.25 8.71 -49.31
CA VAL B 248 2.20 7.82 -48.88
C VAL B 248 0.88 8.54 -48.62
N LEU B 249 0.94 9.75 -48.08
CA LEU B 249 -0.27 10.50 -47.80
C LEU B 249 -1.06 10.79 -49.06
N PRO B 250 -2.36 10.53 -49.03
CA PRO B 250 -3.23 10.78 -50.17
C PRO B 250 -3.55 12.26 -50.32
N ARG B 251 -3.49 12.75 -51.55
CA ARG B 251 -3.78 14.14 -51.82
C ARG B 251 -5.04 14.42 -52.63
N GLY B 252 -5.52 13.47 -53.41
CA GLY B 252 -6.66 13.77 -54.26
C GLY B 252 -8.09 13.68 -53.75
N GLY B 253 -8.27 13.59 -52.44
CA GLY B 253 -9.59 13.38 -51.89
C GLY B 253 -10.63 14.40 -52.15
N ASP B 254 -11.75 13.98 -52.73
CA ASP B 254 -12.84 14.86 -53.10
C ASP B 254 -14.06 14.69 -52.22
N LYS B 255 -14.13 13.60 -51.47
CA LYS B 255 -15.24 13.34 -50.59
C LYS B 255 -14.79 13.52 -49.15
N LEU B 256 -15.48 14.41 -48.44
CA LEU B 256 -15.15 14.72 -47.06
C LEU B 256 -16.29 14.29 -46.15
N VAL B 257 -15.99 13.46 -45.18
CA VAL B 257 -17.00 12.94 -44.30
C VAL B 257 -16.76 13.28 -42.84
N VAL B 258 -17.81 13.70 -42.16
CA VAL B 258 -17.72 14.00 -40.73
C VAL B 258 -18.70 13.08 -40.01
N GLY B 259 -18.26 12.49 -38.92
CA GLY B 259 -19.10 11.59 -38.15
C GLY B 259 -18.75 11.67 -36.68
N ASP B 260 -19.68 11.21 -35.84
CA ASP B 260 -19.46 11.04 -34.42
C ASP B 260 -18.48 9.86 -34.23
N ARG B 261 -17.41 10.14 -33.51
CA ARG B 261 -16.35 9.17 -33.30
C ARG B 261 -16.85 7.97 -32.51
N GLN B 262 -17.64 8.22 -31.48
CA GLN B 262 -18.16 7.14 -30.64
C GLN B 262 -19.18 6.25 -31.36
N GLN B 263 -20.06 6.86 -32.16
CA GLN B 263 -21.04 6.08 -32.93
C GLN B 263 -20.33 5.21 -33.97
N LEU B 264 -19.34 5.76 -34.65
CA LEU B 264 -18.60 5.00 -35.66
C LEU B 264 -17.82 3.84 -35.04
N ARG B 265 -17.22 4.09 -33.87
CA ARG B 265 -16.45 3.06 -33.17
C ARG B 265 -17.34 1.89 -32.75
N GLU B 266 -18.48 2.21 -32.16
CA GLU B 266 -19.44 1.22 -31.74
C GLU B 266 -20.02 0.44 -32.91
N ALA B 267 -20.32 1.11 -34.03
CA ALA B 267 -20.81 0.44 -35.24
C ALA B 267 -19.77 -0.43 -35.95
N PHE B 268 -18.52 0.04 -35.96
CA PHE B 268 -17.45 -0.78 -36.50
C PHE B 268 -17.18 -1.98 -35.59
N SER B 269 -17.20 -1.85 -34.26
CA SER B 269 -16.92 -3.05 -33.43
C SER B 269 -18.07 -4.05 -33.45
N ARG B 270 -19.28 -3.57 -33.58
CA ARG B 270 -20.42 -4.43 -33.68
C ARG B 270 -20.35 -5.24 -34.95
N THR B 271 -20.09 -4.59 -36.08
CA THR B 271 -20.03 -5.29 -37.35
C THR B 271 -18.77 -6.16 -37.43
N ALA B 272 -17.70 -5.75 -36.74
CA ALA B 272 -16.42 -6.51 -36.73
C ALA B 272 -16.61 -7.95 -36.29
N ILE B 273 -17.55 -8.16 -35.36
CA ILE B 273 -17.84 -9.47 -34.80
C ILE B 273 -18.10 -10.53 -35.88
N LEU B 274 -18.73 -10.13 -36.99
CA LEU B 274 -19.05 -11.07 -38.04
C LEU B 274 -18.19 -10.87 -39.30
N SER B 275 -17.06 -10.18 -39.15
CA SER B 275 -16.10 -10.04 -40.24
C SER B 275 -15.19 -11.23 -40.18
N ASN B 276 -14.52 -11.50 -41.30
CA ASN B 276 -13.52 -12.56 -41.39
C ASN B 276 -12.48 -12.38 -40.26
N GLU B 277 -12.27 -13.42 -39.47
CA GLU B 277 -11.41 -13.31 -38.29
C GLU B 277 -9.95 -13.02 -38.62
N LYS B 278 -9.49 -13.43 -39.81
CA LYS B 278 -8.13 -13.12 -40.27
C LYS B 278 -8.03 -11.82 -41.13
N TYR B 279 -8.90 -11.66 -42.15
CA TYR B 279 -8.81 -10.51 -43.07
C TYR B 279 -9.58 -9.26 -42.61
N ARG B 280 -10.59 -9.46 -41.78
CA ARG B 280 -11.26 -8.40 -41.04
C ARG B 280 -11.88 -7.36 -41.97
N GLY B 281 -12.44 -7.84 -43.07
CA GLY B 281 -13.00 -7.00 -44.11
C GLY B 281 -14.39 -6.46 -43.77
N ILE B 282 -14.57 -5.15 -43.90
CA ILE B 282 -15.85 -4.51 -43.84
C ILE B 282 -16.07 -3.74 -45.16
N ARG B 283 -17.33 -3.64 -45.57
CA ARG B 283 -17.71 -2.86 -46.73
C ARG B 283 -18.44 -1.58 -46.30
N LEU B 284 -18.01 -0.45 -46.87
CA LEU B 284 -18.64 0.83 -46.64
C LEU B 284 -19.38 1.22 -47.87
N GLN B 285 -20.58 1.76 -47.68
CA GLN B 285 -21.39 2.27 -48.74
C GLN B 285 -21.76 3.65 -48.31
N LEU B 286 -21.19 4.62 -48.99
CA LEU B 286 -21.43 5.99 -48.66
C LEU B 286 -22.25 6.73 -49.71
N SER B 287 -23.25 7.42 -49.23
CA SER B 287 -24.19 8.23 -49.95
C SER B 287 -24.48 9.47 -49.13
N ASN B 288 -25.22 10.43 -49.68
CA ASN B 288 -25.50 11.63 -48.91
C ASN B 288 -26.17 11.38 -47.60
N GLY B 289 -25.49 11.83 -46.58
CA GLY B 289 -25.90 11.73 -45.21
C GLY B 289 -25.82 10.36 -44.58
N LEU B 290 -25.25 9.39 -45.26
CA LEU B 290 -25.31 8.08 -44.75
C LEU B 290 -24.15 7.18 -45.00
N LEU B 291 -23.85 6.35 -44.01
CA LEU B 291 -22.85 5.32 -44.15
C LEU B 291 -23.39 3.95 -43.74
N LYS B 292 -23.30 3.05 -44.68
CA LYS B 292 -23.72 1.71 -44.45
C LYS B 292 -22.49 0.86 -44.28
N ILE B 293 -22.45 0.12 -43.19
CA ILE B 293 -21.35 -0.76 -42.89
C ILE B 293 -21.87 -2.21 -42.97
N GLN B 294 -21.20 -3.04 -43.76
CA GLN B 294 -21.53 -4.45 -43.83
C GLN B 294 -20.32 -5.34 -43.56
N ALA B 295 -20.54 -6.47 -42.91
CA ALA B 295 -19.48 -7.44 -42.63
C ALA B 295 -20.01 -8.82 -42.95
N ASN B 296 -19.22 -9.59 -43.70
CA ASN B 296 -19.54 -11.00 -43.99
C ASN B 296 -18.37 -11.89 -43.62
N ASN B 297 -18.64 -13.12 -43.17
CA ASN B 297 -17.57 -14.08 -42.90
C ASN B 297 -17.72 -15.35 -43.76
N PRO B 298 -16.77 -16.31 -43.70
CA PRO B 298 -16.89 -17.58 -44.42
C PRO B 298 -18.11 -18.46 -44.09
N GLU B 299 -18.66 -18.34 -42.88
CA GLU B 299 -19.90 -19.05 -42.50
C GLU B 299 -21.24 -18.37 -42.98
N GLN B 300 -21.12 -17.44 -43.93
CA GLN B 300 -22.26 -16.67 -44.50
C GLN B 300 -23.06 -15.88 -43.44
N GLU B 301 -22.40 -15.45 -42.37
CA GLU B 301 -23.00 -14.62 -41.37
C GLU B 301 -22.81 -13.18 -41.83
N GLU B 302 -23.72 -12.29 -41.44
CA GLU B 302 -23.70 -10.92 -41.89
C GLU B 302 -24.07 -9.96 -40.79
N ALA B 303 -23.31 -8.89 -40.62
CA ALA B 303 -23.73 -7.78 -39.79
C ALA B 303 -23.89 -6.57 -40.69
N GLU B 304 -24.96 -5.83 -40.51
CA GLU B 304 -25.28 -4.64 -41.26
C GLU B 304 -25.55 -3.53 -40.29
N GLU B 305 -25.08 -2.34 -40.58
CA GLU B 305 -25.32 -1.21 -39.73
C GLU B 305 -25.30 0.11 -40.48
N GLU B 306 -26.17 1.02 -40.12
CA GLU B 306 -26.18 2.34 -40.71
C GLU B 306 -25.91 3.42 -39.71
N VAL B 307 -25.12 4.41 -40.10
CA VAL B 307 -24.79 5.52 -39.26
C VAL B 307 -24.99 6.75 -40.09
N GLN B 308 -25.56 7.79 -39.47
CA GLN B 308 -25.78 9.07 -40.13
C GLN B 308 -24.52 9.89 -39.97
N VAL B 309 -24.04 10.39 -41.10
CA VAL B 309 -22.84 11.16 -41.11
C VAL B 309 -23.01 12.37 -41.98
N GLU B 310 -22.22 13.40 -41.76
CA GLU B 310 -22.28 14.59 -42.58
C GLU B 310 -21.46 14.40 -43.83
N TYR B 311 -22.12 14.20 -44.96
CA TYR B 311 -21.44 13.99 -46.23
C TYR B 311 -22.36 14.34 -47.40
N ASN B 312 -21.82 15.03 -48.41
CA ASN B 312 -22.55 15.40 -49.61
C ASN B 312 -21.74 15.15 -50.87
N GLY B 313 -22.22 14.27 -51.75
CA GLY B 313 -21.50 13.97 -52.97
C GLY B 313 -21.81 12.61 -53.52
N GLY B 314 -21.02 12.18 -54.49
CA GLY B 314 -21.20 10.90 -55.17
C GLY B 314 -21.14 9.70 -54.24
N ASN B 315 -21.82 8.64 -54.66
CA ASN B 315 -21.80 7.37 -53.94
C ASN B 315 -20.41 6.77 -53.99
N LEU B 316 -20.04 6.07 -52.92
CA LEU B 316 -18.76 5.35 -52.85
C LEU B 316 -18.93 4.03 -52.14
N GLU B 317 -18.54 2.97 -52.82
CA GLU B 317 -18.37 1.66 -52.20
C GLU B 317 -16.90 1.43 -51.99
N ILE B 318 -16.52 1.07 -50.77
CA ILE B 318 -15.09 0.87 -50.47
C ILE B 318 -14.92 -0.12 -49.34
N GLY B 319 -13.85 -0.89 -49.41
CA GLY B 319 -13.52 -1.87 -48.38
C GLY B 319 -12.32 -1.43 -47.51
N PHE B 320 -12.38 -1.79 -46.22
CA PHE B 320 -11.30 -1.54 -45.30
C PHE B 320 -11.19 -2.65 -44.30
N ASN B 321 -9.97 -2.84 -43.80
CA ASN B 321 -9.72 -3.68 -42.64
C ASN B 321 -10.29 -2.91 -41.43
N VAL B 322 -11.20 -3.53 -40.70
CA VAL B 322 -11.96 -2.82 -39.66
C VAL B 322 -11.13 -2.61 -38.40
N SER B 323 -10.11 -3.46 -38.20
CA SER B 323 -9.20 -3.28 -37.07
C SER B 323 -8.45 -1.99 -37.25
N TYR B 324 -8.02 -1.73 -38.48
CA TYR B 324 -7.28 -0.54 -38.82
C TYR B 324 -8.10 0.69 -38.51
N LEU B 325 -9.37 0.67 -38.90
CA LEU B 325 -10.26 1.80 -38.64
C LEU B 325 -10.46 1.98 -37.14
N LEU B 326 -10.68 0.89 -36.41
CA LEU B 326 -10.80 0.95 -34.94
C LEU B 326 -9.55 1.42 -34.22
N ASP B 327 -8.37 1.14 -34.76
CA ASP B 327 -7.14 1.61 -34.16
C ASP B 327 -7.08 3.12 -34.24
N VAL B 328 -7.43 3.64 -35.40
CA VAL B 328 -7.47 5.08 -35.60
C VAL B 328 -8.52 5.71 -34.65
N LEU B 329 -9.76 5.24 -34.73
CA LEU B 329 -10.81 5.83 -33.93
C LEU B 329 -10.49 5.82 -32.43
N GLY B 330 -9.77 4.82 -31.94
CA GLY B 330 -9.40 4.76 -30.53
C GLY B 330 -8.30 5.71 -30.07
N VAL B 331 -7.65 6.42 -31.00
CA VAL B 331 -6.69 7.46 -30.65
C VAL B 331 -7.16 8.87 -31.06
N ILE B 332 -8.33 8.99 -31.68
CA ILE B 332 -8.84 10.31 -32.10
C ILE B 332 -9.43 10.97 -30.84
N GLY B 333 -8.90 12.08 -30.42
CA GLY B 333 -9.35 12.66 -29.14
C GLY B 333 -10.58 13.56 -29.15
N THR B 334 -11.23 13.73 -30.29
CA THR B 334 -12.33 14.70 -30.44
C THR B 334 -13.64 13.97 -30.60
N GLU B 335 -14.75 14.64 -30.28
CA GLU B 335 -16.06 14.01 -30.39
C GLU B 335 -16.41 13.67 -31.84
N GLN B 336 -15.86 14.40 -32.81
CA GLN B 336 -16.07 14.11 -34.23
C GLN B 336 -14.78 13.73 -34.95
N VAL B 337 -14.93 13.08 -36.11
CA VAL B 337 -13.80 12.60 -36.87
C VAL B 337 -14.05 12.89 -38.32
N ARG B 338 -12.99 13.31 -39.02
CA ARG B 338 -13.03 13.64 -40.44
C ARG B 338 -12.35 12.57 -41.26
N PHE B 339 -13.08 12.07 -42.25
CA PHE B 339 -12.55 11.10 -43.21
C PHE B 339 -12.46 11.77 -44.57
N ILE B 340 -11.32 11.62 -45.23
CA ILE B 340 -11.17 12.18 -46.55
C ILE B 340 -10.93 10.99 -47.49
N LEU B 341 -11.81 10.84 -48.47
CA LEU B 341 -11.75 9.73 -49.40
C LEU B 341 -11.90 10.19 -50.82
N SER B 342 -11.42 9.39 -51.76
CA SER B 342 -11.58 9.72 -53.16
C SER B 342 -12.29 8.59 -53.90
N ASP B 343 -11.61 7.47 -54.07
CA ASP B 343 -12.14 6.31 -54.78
C ASP B 343 -11.90 5.00 -54.05
N SER B 344 -12.53 3.94 -54.53
CA SER B 344 -12.43 2.61 -53.94
C SER B 344 -11.01 2.05 -53.91
N ASN B 345 -10.20 2.38 -54.91
CA ASN B 345 -8.81 1.91 -54.96
C ASN B 345 -7.82 2.85 -54.25
N SER B 346 -8.31 3.94 -53.69
CA SER B 346 -7.44 4.91 -53.03
C SER B 346 -7.58 4.97 -51.51
N SER B 347 -6.47 5.30 -50.85
CA SER B 347 -6.40 5.35 -49.39
C SER B 347 -7.25 6.41 -48.70
N ALA B 348 -7.59 6.12 -47.45
CA ALA B 348 -8.38 7.01 -46.63
C ALA B 348 -7.50 7.83 -45.69
N LEU B 349 -7.80 9.11 -45.55
CA LEU B 349 -7.07 9.99 -44.66
C LEU B 349 -8.01 10.38 -43.52
N VAL B 350 -7.54 10.29 -42.27
CA VAL B 350 -8.40 10.57 -41.14
C VAL B 350 -7.74 11.63 -40.27
N HIS B 351 -8.53 12.59 -39.78
CA HIS B 351 -8.05 13.68 -38.92
C HIS B 351 -8.97 13.83 -37.73
N GLU B 352 -8.47 14.51 -36.70
CA GLU B 352 -9.34 15.02 -35.63
C GLU B 352 -10.28 16.07 -36.24
N ALA B 353 -11.24 16.55 -35.45
CA ALA B 353 -12.29 17.45 -35.97
C ALA B 353 -11.80 18.84 -36.45
N ASP B 354 -10.89 19.43 -35.69
CA ASP B 354 -10.44 20.85 -35.85
C ASP B 354 -8.95 21.03 -36.18
N ASN B 355 -8.25 19.92 -36.34
CA ASN B 355 -6.82 19.88 -36.20
C ASN B 355 -6.24 19.04 -37.30
N ASP B 356 -5.10 19.47 -37.85
CA ASP B 356 -4.34 18.62 -38.77
C ASP B 356 -3.06 18.05 -38.09
N ASP B 357 -3.00 18.11 -36.76
CA ASP B 357 -1.78 17.73 -36.02
C ASP B 357 -1.47 16.25 -36.13
N SER B 358 -2.48 15.41 -35.90
CA SER B 358 -2.41 13.99 -36.22
C SER B 358 -3.09 13.74 -37.55
N ALA B 359 -2.53 12.81 -38.32
CA ALA B 359 -3.08 12.36 -39.59
C ALA B 359 -2.92 10.86 -39.68
N TYR B 360 -3.94 10.16 -40.21
CA TYR B 360 -3.95 8.71 -40.30
C TYR B 360 -4.29 8.25 -41.71
N VAL B 361 -3.53 7.32 -42.24
CA VAL B 361 -3.77 6.81 -43.57
C VAL B 361 -4.11 5.34 -43.53
N VAL B 362 -5.18 4.95 -44.21
CA VAL B 362 -5.53 3.55 -44.28
C VAL B 362 -5.78 3.15 -45.71
N MET B 363 -5.05 2.17 -46.21
CA MET B 363 -5.25 1.69 -47.56
C MET B 363 -6.47 0.79 -47.59
N PRO B 364 -7.24 0.83 -48.69
CA PRO B 364 -8.44 0.02 -48.81
C PRO B 364 -8.15 -1.43 -49.13
N MET B 365 -9.16 -2.26 -48.94
CA MET B 365 -9.14 -3.65 -49.36
C MET B 365 -9.96 -3.80 -50.61
N ARG B 366 -9.40 -4.64 -51.49
CA ARG B 366 -10.04 -5.23 -52.68
C ARG B 366 -10.26 -4.30 -53.86
N MET C 1 -30.44 1.52 -0.44
CA MET C 1 -30.00 2.12 0.81
C MET C 1 -29.76 3.61 0.64
N HIS C 2 -30.45 4.40 1.46
CA HIS C 2 -30.30 5.84 1.43
C HIS C 2 -30.65 6.47 2.76
N PHE C 3 -29.78 7.36 3.23
CA PHE C 3 -30.01 8.05 4.49
C PHE C 3 -29.27 9.38 4.56
N THR C 4 -29.72 10.24 5.47
CA THR C 4 -29.06 11.52 5.71
C THR C 4 -28.62 11.49 7.15
N ILE C 5 -27.48 12.11 7.42
CA ILE C 5 -26.94 12.12 8.76
C ILE C 5 -25.97 13.28 8.95
N GLN C 6 -25.97 13.87 10.14
CA GLN C 6 -25.06 14.96 10.45
C GLN C 6 -23.64 14.43 10.51
N ARG C 7 -22.66 15.25 10.15
CA ARG C 7 -21.28 14.83 10.11
C ARG C 7 -20.81 14.36 11.46
N GLU C 8 -21.15 15.10 12.50
CA GLU C 8 -20.74 14.73 13.84
C GLU C 8 -21.35 13.42 14.26
N ALA C 9 -22.62 13.22 13.96
CA ALA C 9 -23.31 12.00 14.34
C ALA C 9 -22.71 10.77 13.68
N LEU C 10 -22.37 10.89 12.40
CA LEU C 10 -21.74 9.81 11.67
C LEU C 10 -20.31 9.52 12.11
N LEU C 11 -19.56 10.58 12.37
CA LEU C 11 -18.14 10.49 12.72
C LEU C 11 -17.80 9.74 14.01
N LYS C 12 -18.58 9.94 15.05
CA LYS C 12 -18.36 9.30 16.34
C LYS C 12 -18.14 7.79 16.23
N PRO C 13 -19.13 7.06 15.71
CA PRO C 13 -19.09 5.60 15.53
C PRO C 13 -18.19 5.21 14.37
N LEU C 14 -18.10 6.04 13.35
CA LEU C 14 -17.25 5.72 12.22
C LEU C 14 -15.81 5.64 12.69
N GLN C 15 -15.40 6.59 13.52
CA GLN C 15 -14.06 6.61 14.07
C GLN C 15 -13.82 5.37 14.92
N LEU C 16 -14.83 4.96 15.68
CA LEU C 16 -14.72 3.78 16.53
C LEU C 16 -14.43 2.52 15.71
N VAL C 17 -15.26 2.25 14.72
CA VAL C 17 -15.07 1.06 13.89
C VAL C 17 -13.77 1.13 13.09
N ALA C 18 -13.36 2.35 12.76
CA ALA C 18 -12.15 2.60 12.00
C ALA C 18 -10.91 2.15 12.76
N GLY C 19 -10.91 2.34 14.08
CA GLY C 19 -9.79 1.96 14.91
C GLY C 19 -9.51 0.48 14.88
N VAL C 20 -10.59 -0.29 14.89
CA VAL C 20 -10.53 -1.75 14.83
C VAL C 20 -10.00 -2.27 13.48
N VAL C 21 -10.35 -1.57 12.42
CA VAL C 21 -9.99 -1.97 11.06
C VAL C 21 -8.50 -2.16 10.83
N GLU C 22 -8.16 -3.26 10.15
CA GLU C 22 -6.78 -3.64 9.83
C GLU C 22 -5.79 -3.39 10.98
N THR C 26 -3.66 -9.09 3.55
CA THR C 26 -4.90 -8.62 4.13
C THR C 26 -6.05 -8.73 3.14
N LEU C 27 -7.07 -9.50 3.51
CA LEU C 27 -8.26 -9.68 2.62
C LEU C 27 -8.97 -8.31 2.51
N PRO C 28 -9.54 -7.98 1.37
CA PRO C 28 -10.07 -6.63 1.21
C PRO C 28 -11.31 -6.21 2.00
N VAL C 29 -12.23 -7.11 2.26
CA VAL C 29 -13.42 -6.80 2.97
C VAL C 29 -13.09 -6.35 4.36
N LEU C 30 -11.94 -6.79 4.85
CA LEU C 30 -11.53 -6.47 6.22
C LEU C 30 -11.22 -5.00 6.39
N SER C 31 -10.74 -4.36 5.34
CA SER C 31 -10.47 -2.93 5.37
C SER C 31 -11.75 -2.08 5.36
N ASN C 32 -12.83 -2.65 4.85
CA ASN C 32 -14.12 -1.96 4.76
C ASN C 32 -14.99 -1.97 6.02
N VAL C 33 -15.90 -1.01 6.11
CA VAL C 33 -16.84 -0.93 7.21
C VAL C 33 -18.21 -1.35 6.67
N LEU C 34 -18.89 -2.23 7.39
CA LEU C 34 -20.21 -2.67 6.97
C LEU C 34 -21.26 -1.69 7.45
N LEU C 35 -22.07 -1.20 6.52
CA LEU C 35 -23.14 -0.26 6.81
C LEU C 35 -24.46 -0.98 6.59
N VAL C 36 -25.35 -0.90 7.57
CA VAL C 36 -26.65 -1.55 7.54
C VAL C 36 -27.66 -0.52 7.99
N VAL C 37 -28.64 -0.23 7.16
CA VAL C 37 -29.80 0.58 7.56
C VAL C 37 -31.00 -0.34 7.74
N GLU C 38 -31.47 -0.51 8.97
CA GLU C 38 -32.76 -1.20 9.31
C GLU C 38 -33.65 -0.20 10.00
N GLY C 39 -34.79 0.11 9.38
CA GLY C 39 -35.66 1.13 9.93
C GLY C 39 -34.90 2.44 10.04
N GLN C 40 -34.97 3.06 11.19
CA GLN C 40 -34.29 4.33 11.46
C GLN C 40 -32.99 4.14 12.25
N GLN C 41 -32.27 3.05 11.97
CA GLN C 41 -30.99 2.77 12.60
C GLN C 41 -29.93 2.45 11.58
N LEU C 42 -28.73 2.96 11.85
CA LEU C 42 -27.57 2.72 11.03
C LEU C 42 -26.56 2.05 11.95
N SER C 43 -26.10 0.87 11.54
CA SER C 43 -25.11 0.12 12.25
C SER C 43 -23.87 0.15 11.41
N LEU C 44 -22.75 0.40 12.06
CA LEU C 44 -21.45 0.42 11.40
C LEU C 44 -20.64 -0.68 12.05
N THR C 45 -20.08 -1.57 11.24
CA THR C 45 -19.34 -2.69 11.75
C THR C 45 -17.92 -2.83 11.27
N GLY C 46 -16.99 -2.95 12.21
CA GLY C 46 -15.58 -3.12 11.87
C GLY C 46 -15.00 -4.38 12.48
N THR C 47 -14.16 -5.09 11.73
CA THR C 47 -13.56 -6.32 12.24
C THR C 47 -12.17 -6.63 11.69
N ASP C 48 -11.41 -7.39 12.46
CA ASP C 48 -10.06 -7.81 12.08
C ASP C 48 -9.94 -9.32 12.28
N LEU C 49 -11.12 -9.93 12.34
CA LEU C 49 -11.40 -11.37 12.50
C LEU C 49 -11.19 -11.92 13.91
N GLU C 50 -10.79 -11.05 14.83
CA GLU C 50 -10.62 -11.44 16.21
C GLU C 50 -11.56 -10.62 17.06
N VAL C 51 -11.63 -9.34 16.71
CA VAL C 51 -12.47 -8.40 17.41
C VAL C 51 -13.44 -7.79 16.41
N GLU C 52 -14.71 -7.71 16.79
CA GLU C 52 -15.71 -7.08 15.97
C GLU C 52 -16.27 -5.92 16.76
N LEU C 53 -16.41 -4.76 16.14
CA LEU C 53 -16.94 -3.61 16.86
C LEU C 53 -18.13 -3.06 16.10
N VAL C 54 -19.20 -2.75 16.82
CA VAL C 54 -20.39 -2.25 16.13
C VAL C 54 -20.93 -0.98 16.74
N GLY C 55 -21.13 0.06 15.94
CA GLY C 55 -21.68 1.31 16.41
C GLY C 55 -23.06 1.53 15.82
N ARG C 56 -23.99 2.03 16.62
CA ARG C 56 -25.37 2.28 16.20
C ARG C 56 -25.76 3.72 16.31
N VAL C 57 -26.42 4.27 15.29
CA VAL C 57 -26.83 5.66 15.34
C VAL C 57 -28.29 5.69 14.91
N VAL C 58 -29.08 6.53 15.57
CA VAL C 58 -30.47 6.71 15.23
C VAL C 58 -30.50 7.72 14.10
N LEU C 59 -31.23 7.41 13.03
CA LEU C 59 -31.38 8.29 11.88
C LEU C 59 -32.69 9.05 12.08
N GLU C 60 -32.70 10.32 11.73
CA GLU C 60 -33.85 11.19 11.98
C GLU C 60 -34.73 11.31 10.76
N ASP C 61 -34.17 11.69 9.62
CA ASP C 61 -34.93 11.72 8.38
C ASP C 61 -35.23 10.33 7.89
N ALA C 62 -36.20 10.24 6.99
CA ALA C 62 -36.61 8.93 6.49
C ALA C 62 -35.38 8.33 5.82
N ALA C 63 -35.30 7.01 5.87
CA ALA C 63 -34.17 6.27 5.39
C ALA C 63 -34.65 5.05 4.63
N GLU C 64 -34.04 4.78 3.50
CA GLU C 64 -34.34 3.60 2.73
C GLU C 64 -33.35 2.52 3.20
N PRO C 65 -33.86 1.30 3.51
CA PRO C 65 -32.96 0.27 4.01
C PRO C 65 -32.03 -0.38 2.97
N GLY C 66 -31.05 -1.12 3.50
CA GLY C 66 -30.10 -1.87 2.71
C GLY C 66 -28.80 -2.02 3.46
N GLU C 67 -27.86 -2.67 2.80
CA GLU C 67 -26.55 -2.92 3.38
C GLU C 67 -25.42 -2.95 2.36
N ILE C 68 -24.26 -2.41 2.76
CA ILE C 68 -23.09 -2.32 1.90
C ILE C 68 -21.79 -2.20 2.72
N THR C 69 -20.65 -2.51 2.12
CA THR C 69 -19.36 -2.35 2.78
C THR C 69 -18.52 -1.37 1.95
N VAL C 70 -17.92 -0.39 2.60
CA VAL C 70 -17.11 0.62 1.92
C VAL C 70 -15.80 0.80 2.68
N PRO C 71 -14.71 1.18 1.98
CA PRO C 71 -13.41 1.35 2.67
C PRO C 71 -13.52 2.30 3.85
N ALA C 72 -13.24 1.74 5.03
CA ALA C 72 -13.37 2.43 6.30
C ALA C 72 -12.54 3.68 6.48
N ARG C 73 -11.24 3.57 6.27
CA ARG C 73 -10.37 4.72 6.41
C ARG C 73 -10.85 5.85 5.51
N LYS C 74 -11.13 5.53 4.25
CA LYS C 74 -11.59 6.51 3.30
C LYS C 74 -12.92 7.18 3.63
N LEU C 75 -13.92 6.43 4.07
CA LEU C 75 -15.16 7.06 4.45
C LEU C 75 -14.94 7.98 5.64
N MET C 76 -14.17 7.53 6.61
CA MET C 76 -13.85 8.32 7.81
C MET C 76 -13.06 9.59 7.50
N ASP C 77 -12.10 9.47 6.59
CA ASP C 77 -11.30 10.59 6.14
C ASP C 77 -12.18 11.60 5.42
N ILE C 78 -13.11 11.15 4.61
CA ILE C 78 -13.99 12.04 3.94
C ILE C 78 -14.89 12.76 4.91
N CYS C 79 -15.44 12.00 5.86
CA CYS C 79 -16.34 12.53 6.85
C CYS C 79 -15.67 13.55 7.77
N LYS C 80 -14.42 13.28 8.13
CA LYS C 80 -13.67 14.13 9.01
C LYS C 80 -13.32 15.44 8.36
N SER C 81 -12.99 15.39 7.09
CA SER C 81 -12.58 16.58 6.34
C SER C 81 -13.72 17.50 5.93
N LEU C 82 -14.94 17.06 6.12
CA LEU C 82 -16.09 17.84 5.75
C LEU C 82 -16.29 18.94 6.75
N PRO C 83 -16.95 20.02 6.31
CA PRO C 83 -17.26 21.13 7.19
C PRO C 83 -18.12 20.72 8.35
N ASN C 84 -17.92 21.37 9.46
CA ASN C 84 -18.66 21.10 10.67
C ASN C 84 -20.15 21.23 10.48
N ASP C 85 -20.89 20.30 11.06
CA ASP C 85 -22.35 20.26 11.10
C ASP C 85 -23.09 20.05 9.78
N VAL C 86 -22.40 19.64 8.76
CA VAL C 86 -23.02 19.42 7.46
C VAL C 86 -23.88 18.16 7.40
N LEU C 87 -24.96 18.22 6.64
CA LEU C 87 -25.81 17.06 6.49
C LEU C 87 -25.20 16.23 5.38
N ILE C 88 -24.98 14.95 5.64
CA ILE C 88 -24.39 14.08 4.64
C ILE C 88 -25.43 13.12 4.09
N ASP C 89 -25.53 13.08 2.77
CA ASP C 89 -26.47 12.22 2.10
C ASP C 89 -25.71 11.03 1.56
N ILE C 90 -26.11 9.84 1.97
CA ILE C 90 -25.46 8.62 1.52
C ILE C 90 -26.44 7.72 0.79
N ARG C 91 -26.07 7.31 -0.41
CA ARG C 91 -26.94 6.48 -1.23
C ARG C 91 -26.13 5.45 -2.01
N VAL C 92 -26.66 4.25 -2.17
CA VAL C 92 -25.96 3.24 -2.93
C VAL C 92 -26.49 3.24 -4.34
N GLU C 93 -25.61 3.50 -5.31
CA GLU C 93 -26.02 3.48 -6.69
C GLU C 93 -25.07 2.58 -7.41
N GLU C 94 -25.63 1.59 -8.10
CA GLU C 94 -24.90 0.55 -8.76
C GLU C 94 -24.05 -0.11 -7.72
N GLN C 95 -22.77 -0.20 -7.97
CA GLN C 95 -21.94 -0.83 -7.02
C GLN C 95 -21.11 0.23 -6.35
N LYS C 96 -21.64 1.41 -6.16
CA LYS C 96 -20.92 2.50 -5.57
C LYS C 96 -21.65 3.23 -4.46
N LEU C 97 -20.86 3.86 -3.60
CA LEU C 97 -21.42 4.62 -2.51
C LEU C 97 -21.26 6.07 -2.89
N LEU C 98 -22.38 6.78 -2.94
CA LEU C 98 -22.35 8.18 -3.31
C LEU C 98 -22.51 9.01 -2.05
N VAL C 99 -21.51 9.81 -1.76
CA VAL C 99 -21.54 10.66 -0.59
C VAL C 99 -21.70 12.09 -1.06
N LYS C 100 -22.69 12.77 -0.50
CA LYS C 100 -22.96 14.13 -0.89
C LYS C 100 -23.22 15.01 0.32
N ALA C 101 -22.46 16.10 0.40
CA ALA C 101 -22.62 17.05 1.48
C ALA C 101 -22.30 18.40 0.87
N GLY C 102 -23.22 19.35 0.97
CA GLY C 102 -22.99 20.66 0.38
C GLY C 102 -22.71 20.53 -1.10
N ARG C 103 -21.62 21.14 -1.55
CA ARG C 103 -21.24 21.08 -2.94
C ARG C 103 -20.16 20.05 -3.25
N SER C 104 -19.84 19.22 -2.27
CA SER C 104 -18.84 18.17 -2.43
C SER C 104 -19.49 16.85 -2.78
N ARG C 105 -18.97 16.19 -3.80
CA ARG C 105 -19.50 14.90 -4.20
C ARG C 105 -18.40 13.84 -4.15
N PHE C 106 -18.72 12.70 -3.56
CA PHE C 106 -17.79 11.60 -3.45
C PHE C 106 -18.40 10.28 -3.88
N THR C 107 -17.65 9.49 -4.64
CA THR C 107 -18.12 8.18 -4.99
C THR C 107 -17.05 7.21 -4.51
N LEU C 108 -17.47 6.19 -3.79
CA LEU C 108 -16.54 5.20 -3.26
C LEU C 108 -16.85 3.82 -3.81
N SER C 109 -15.83 2.98 -3.94
CA SER C 109 -16.06 1.63 -4.45
C SER C 109 -16.57 0.81 -3.28
N THR C 110 -17.37 -0.20 -3.58
CA THR C 110 -17.96 -1.01 -2.56
C THR C 110 -17.79 -2.49 -2.77
N LEU C 111 -17.87 -3.22 -1.67
CA LEU C 111 -17.80 -4.66 -1.69
C LEU C 111 -19.17 -5.07 -1.18
N PRO C 112 -19.73 -6.16 -1.72
CA PRO C 112 -21.02 -6.70 -1.31
C PRO C 112 -21.10 -7.00 0.19
N ALA C 113 -22.29 -6.90 0.76
CA ALA C 113 -22.47 -7.06 2.20
C ALA C 113 -22.11 -8.40 2.85
N ASN C 114 -22.39 -9.53 2.22
CA ASN C 114 -22.06 -10.78 2.89
C ASN C 114 -20.64 -11.29 2.68
N ASP C 115 -19.83 -10.54 1.95
CA ASP C 115 -18.43 -10.88 1.79
C ASP C 115 -17.81 -10.60 3.16
N PHE C 116 -18.42 -9.67 3.88
CA PHE C 116 -18.00 -9.29 5.21
C PHE C 116 -18.29 -10.45 6.13
N PRO C 117 -17.31 -10.82 6.96
CA PRO C 117 -17.44 -11.94 7.90
C PRO C 117 -18.46 -11.67 8.98
N THR C 118 -19.29 -12.66 9.27
CA THR C 118 -20.33 -12.51 10.27
C THR C 118 -20.00 -13.41 11.45
N VAL C 119 -20.03 -12.85 12.65
CA VAL C 119 -19.74 -13.65 13.83
C VAL C 119 -20.98 -13.87 14.66
N GLU C 120 -21.31 -15.13 14.87
CA GLU C 120 -22.50 -15.50 15.63
C GLU C 120 -22.09 -16.13 16.95
N GLU C 121 -22.64 -15.62 18.04
CA GLU C 121 -22.34 -16.17 19.35
C GLU C 121 -23.57 -16.23 20.23
N GLY C 122 -23.53 -17.15 21.18
CA GLY C 122 -24.62 -17.38 22.10
C GLY C 122 -24.69 -16.41 23.24
N PRO C 123 -25.62 -16.64 24.16
CA PRO C 123 -25.89 -15.86 25.37
C PRO C 123 -24.68 -15.88 26.30
N GLY C 124 -23.99 -17.01 26.36
CA GLY C 124 -22.82 -17.16 27.18
C GLY C 124 -23.14 -17.73 28.55
N SER C 125 -22.11 -18.24 29.22
CA SER C 125 -22.27 -18.80 30.56
C SER C 125 -22.62 -17.76 31.64
N LEU C 126 -22.01 -16.58 31.57
CA LEU C 126 -22.24 -15.55 32.57
C LEU C 126 -22.30 -14.09 32.06
N ASN C 127 -23.13 -13.27 32.69
CA ASN C 127 -23.25 -11.85 32.34
C ASN C 127 -23.45 -10.98 33.58
N PHE C 128 -23.04 -9.72 33.49
CA PHE C 128 -23.11 -8.77 34.60
C PHE C 128 -22.85 -7.43 34.02
N SER C 129 -23.16 -6.38 34.74
CA SER C 129 -22.71 -5.06 34.33
C SER C 129 -21.75 -4.50 35.37
N ILE C 130 -20.99 -3.50 34.96
CA ILE C 130 -19.97 -2.94 35.83
C ILE C 130 -19.67 -1.52 35.36
N ALA C 131 -19.14 -0.70 36.25
CA ALA C 131 -18.70 0.65 35.87
C ALA C 131 -17.52 0.57 34.87
N GLN C 132 -17.62 1.30 33.79
CA GLN C 132 -16.59 1.30 32.78
C GLN C 132 -15.22 1.64 33.29
N SER C 133 -15.13 2.52 34.24
CA SER C 133 -13.85 2.92 34.80
C SER C 133 -13.29 1.87 35.75
N LYS C 134 -14.13 1.02 36.34
CA LYS C 134 -13.62 -0.11 37.12
C LYS C 134 -13.01 -1.20 36.23
N LEU C 135 -13.69 -1.54 35.14
CA LEU C 135 -13.18 -2.50 34.20
C LEU C 135 -11.93 -1.99 33.50
N ARG C 136 -11.89 -0.70 33.22
CA ARG C 136 -10.74 -0.11 32.57
C ARG C 136 -9.52 -0.12 33.51
N ARG C 137 -9.76 0.11 34.78
CA ARG C 137 -8.73 0.09 35.81
C ARG C 137 -8.09 -1.28 35.90
N LEU C 138 -8.89 -2.34 35.85
CA LEU C 138 -8.34 -3.68 35.93
C LEU C 138 -7.41 -3.92 34.75
N ILE C 139 -7.85 -3.53 33.56
CA ILE C 139 -7.03 -3.69 32.38
C ILE C 139 -5.79 -2.81 32.35
N ASP C 140 -5.96 -1.54 32.70
CA ASP C 140 -4.84 -0.59 32.68
C ASP C 140 -3.74 -0.90 33.68
N ARG C 141 -4.13 -1.34 34.87
CA ARG C 141 -3.18 -1.69 35.91
C ARG C 141 -2.37 -2.97 35.65
N THR C 142 -2.90 -3.84 34.80
CA THR C 142 -2.21 -5.07 34.50
C THR C 142 -1.74 -5.32 33.05
N SER C 143 -2.28 -4.62 32.06
CA SER C 143 -1.90 -4.85 30.66
C SER C 143 -0.42 -5.03 30.27
N PHE C 144 0.44 -4.15 30.76
CA PHE C 144 1.86 -4.19 30.44
C PHE C 144 2.55 -5.54 30.66
N ALA C 145 1.99 -6.38 31.53
CA ALA C 145 2.61 -7.65 31.84
C ALA C 145 2.38 -8.77 30.83
N MET C 146 1.50 -8.57 29.87
CA MET C 146 1.20 -9.56 28.85
C MET C 146 2.40 -9.78 27.96
N ALA C 147 2.57 -10.99 27.47
CA ALA C 147 3.67 -11.30 26.58
C ALA C 147 3.47 -10.50 25.28
N GLN C 148 4.55 -9.93 24.77
CA GLN C 148 4.49 -9.13 23.55
C GLN C 148 4.60 -10.04 22.35
N GLN C 149 5.45 -11.06 22.50
CA GLN C 149 5.69 -12.01 21.45
C GLN C 149 5.07 -13.32 21.84
N ASP C 150 4.49 -14.00 20.85
CA ASP C 150 3.87 -15.25 21.15
C ASP C 150 4.97 -16.28 21.12
N VAL C 151 5.52 -16.58 22.28
CA VAL C 151 6.54 -17.61 22.45
C VAL C 151 5.98 -18.68 23.37
N ARG C 152 5.05 -18.28 24.25
CA ARG C 152 4.37 -19.18 25.20
C ARG C 152 2.89 -19.22 24.84
N TYR C 153 2.28 -20.41 24.90
CA TYR C 153 0.93 -20.60 24.37
C TYR C 153 -0.22 -19.69 24.78
N TYR C 154 -0.39 -19.41 26.06
CA TYR C 154 -1.54 -18.60 26.49
C TYR C 154 -1.18 -17.25 27.07
N LEU C 155 0.09 -16.90 27.02
CA LEU C 155 0.56 -15.65 27.61
C LEU C 155 0.18 -14.39 26.85
N ASN C 156 -0.15 -14.52 25.57
CA ASN C 156 -0.52 -13.35 24.77
C ASN C 156 -1.92 -12.83 25.04
N GLY C 157 -2.23 -12.57 26.30
CA GLY C 157 -3.55 -12.05 26.62
C GLY C 157 -3.78 -11.83 28.09
N MET C 158 -4.96 -11.33 28.43
CA MET C 158 -5.30 -11.09 29.80
C MET C 158 -6.40 -11.99 30.26
N LEU C 159 -6.17 -12.65 31.39
CA LEU C 159 -7.14 -13.53 31.98
C LEU C 159 -8.13 -12.68 32.73
N LEU C 160 -9.42 -12.94 32.53
CA LEU C 160 -10.46 -12.24 33.28
C LEU C 160 -11.11 -13.37 34.03
N GLU C 161 -11.22 -13.22 35.35
CA GLU C 161 -11.72 -14.31 36.19
C GLU C 161 -12.81 -13.78 37.11
N VAL C 162 -13.95 -14.47 37.14
CA VAL C 162 -14.97 -14.23 38.14
C VAL C 162 -15.01 -15.38 39.14
N ASN C 163 -14.95 -15.04 40.42
CA ASN C 163 -14.90 -16.06 41.48
C ASN C 163 -15.32 -15.48 42.79
N GLY C 164 -16.24 -16.17 43.47
CA GLY C 164 -16.96 -15.54 44.57
C GLY C 164 -17.67 -14.38 43.92
N GLY C 165 -17.56 -13.20 44.51
CA GLY C 165 -18.16 -12.00 43.84
C GLY C 165 -17.11 -11.17 43.11
N THR C 166 -15.93 -11.75 42.84
CA THR C 166 -14.73 -10.97 42.55
C THR C 166 -14.41 -11.03 41.06
N LEU C 167 -14.17 -9.86 40.46
CA LEU C 167 -13.64 -9.78 39.10
C LEU C 167 -12.12 -9.54 39.15
N ARG C 168 -11.38 -10.34 38.43
CA ARG C 168 -9.93 -10.28 38.50
C ARG C 168 -9.28 -10.37 37.13
N SER C 169 -8.24 -9.58 36.93
CA SER C 169 -7.47 -9.59 35.70
C SER C 169 -6.04 -10.02 35.99
N VAL C 170 -5.52 -10.96 35.22
CA VAL C 170 -4.14 -11.40 35.42
C VAL C 170 -3.35 -11.37 34.11
N ALA C 171 -2.18 -10.73 34.13
CA ALA C 171 -1.32 -10.65 32.96
C ALA C 171 0.09 -11.13 33.27
N THR C 172 0.63 -12.03 32.46
CA THR C 172 1.99 -12.50 32.70
C THR C 172 2.71 -12.93 31.43
N ASP C 173 4.00 -12.64 31.37
CA ASP C 173 4.83 -13.02 30.23
C ASP C 173 5.78 -14.15 30.63
N GLY C 174 5.62 -14.66 31.84
CA GLY C 174 6.44 -15.71 32.38
C GLY C 174 7.67 -15.24 33.13
N HIS C 175 7.93 -13.93 33.08
CA HIS C 175 9.06 -13.36 33.79
C HIS C 175 8.58 -12.42 34.89
N ARG C 176 7.36 -11.94 34.72
CA ARG C 176 6.75 -11.02 35.66
C ARG C 176 5.24 -11.14 35.55
N LEU C 177 4.53 -10.74 36.59
CA LEU C 177 3.08 -10.86 36.56
C LEU C 177 2.38 -9.63 37.14
N ALA C 178 1.20 -9.33 36.61
CA ALA C 178 0.39 -8.23 37.10
C ALA C 178 -1.02 -8.71 37.37
N MET C 179 -1.58 -8.37 38.53
CA MET C 179 -2.95 -8.77 38.81
C MET C 179 -3.75 -7.69 39.56
N CYS C 180 -5.05 -7.64 39.30
CA CYS C 180 -5.90 -6.67 39.97
C CYS C 180 -7.21 -7.36 40.33
N SER C 181 -7.75 -7.03 41.50
CA SER C 181 -8.97 -7.67 41.97
C SER C 181 -9.96 -6.62 42.43
N LEU C 182 -11.21 -6.81 42.06
CA LEU C 182 -12.25 -5.84 42.42
C LEU C 182 -13.48 -6.58 42.93
N ASP C 183 -14.03 -6.08 44.04
CA ASP C 183 -15.29 -6.59 44.59
C ASP C 183 -16.37 -6.08 43.69
N ALA C 184 -17.07 -6.98 43.02
CA ALA C 184 -18.09 -6.59 42.06
C ALA C 184 -19.47 -7.11 42.40
N GLN C 185 -19.61 -7.85 43.51
CA GLN C 185 -20.91 -8.45 43.89
C GLN C 185 -21.54 -9.24 42.72
N ILE C 186 -20.71 -9.95 41.95
CA ILE C 186 -21.16 -10.67 40.76
C ILE C 186 -21.66 -12.04 41.20
N PRO C 187 -22.98 -12.28 41.09
CA PRO C 187 -23.47 -13.41 41.87
C PRO C 187 -22.95 -14.78 41.50
N SER C 188 -22.59 -15.08 40.24
CA SER C 188 -22.42 -16.45 39.79
C SER C 188 -21.70 -17.34 40.78
N GLN C 189 -22.31 -18.48 41.07
CA GLN C 189 -21.84 -19.41 42.06
C GLN C 189 -20.72 -20.33 41.60
N ASP C 190 -20.10 -20.07 40.45
CA ASP C 190 -18.95 -20.84 40.00
C ASP C 190 -17.88 -19.99 39.30
N ARG C 191 -16.70 -20.57 39.18
CA ARG C 191 -15.54 -19.85 38.65
C ARG C 191 -15.56 -19.81 37.12
N HIS C 192 -15.56 -18.61 36.57
CA HIS C 192 -15.44 -18.40 35.13
C HIS C 192 -14.10 -17.69 34.85
N GLN C 193 -13.34 -18.27 33.92
CA GLN C 193 -12.12 -17.69 33.37
C GLN C 193 -12.28 -17.45 31.88
N VAL C 194 -11.67 -16.39 31.40
CA VAL C 194 -11.64 -16.08 29.97
C VAL C 194 -10.29 -15.45 29.65
N ILE C 195 -9.70 -15.79 28.52
CA ILE C 195 -8.43 -15.23 28.10
C ILE C 195 -8.66 -14.37 26.87
N VAL C 196 -8.61 -13.06 27.06
CA VAL C 196 -8.83 -12.13 25.97
C VAL C 196 -7.50 -11.79 25.32
N PRO C 197 -7.39 -12.01 23.99
CA PRO C 197 -6.16 -11.71 23.27
C PRO C 197 -5.67 -10.27 23.49
N ARG C 198 -4.36 -10.10 23.44
CA ARG C 198 -3.75 -8.82 23.74
C ARG C 198 -4.26 -7.65 22.90
N LYS C 199 -4.45 -7.86 21.60
CA LYS C 199 -4.93 -6.79 20.75
C LYS C 199 -6.34 -6.37 21.18
N GLY C 200 -7.19 -7.34 21.44
CA GLY C 200 -8.55 -7.09 21.86
C GLY C 200 -8.75 -6.42 23.21
N ILE C 201 -7.99 -6.86 24.21
CA ILE C 201 -8.09 -6.28 25.55
C ILE C 201 -7.65 -4.82 25.61
N LEU C 202 -6.59 -4.48 24.88
CA LEU C 202 -6.08 -3.11 24.86
C LEU C 202 -7.08 -2.21 24.17
N GLU C 203 -7.66 -2.72 23.10
CA GLU C 203 -8.66 -2.00 22.34
C GLU C 203 -9.89 -1.74 23.21
N LEU C 204 -10.28 -2.74 23.99
CA LEU C 204 -11.43 -2.63 24.87
C LEU C 204 -11.23 -1.54 25.91
N ALA C 205 -10.01 -1.46 26.45
CA ALA C 205 -9.69 -0.46 27.46
C ALA C 205 -9.81 0.95 26.89
N ARG C 206 -9.38 1.12 25.64
CA ARG C 206 -9.46 2.42 24.96
C ARG C 206 -10.90 2.88 24.79
N LEU C 207 -11.79 1.93 24.49
CA LEU C 207 -13.21 2.17 24.31
C LEU C 207 -13.96 2.67 25.55
N LEU C 208 -13.57 2.20 26.72
CA LEU C 208 -14.26 2.56 27.95
C LEU C 208 -13.81 3.93 28.45
N THR C 209 -14.36 4.97 27.84
CA THR C 209 -14.02 6.34 28.16
C THR C 209 -15.04 7.07 29.02
N GLU C 210 -16.27 6.58 29.06
CA GLU C 210 -17.30 7.22 29.84
C GLU C 210 -16.93 7.04 31.29
N GLN C 211 -16.77 8.13 32.00
CA GLN C 211 -16.37 8.07 33.40
C GLN C 211 -17.49 7.71 34.37
N ASP C 212 -18.71 8.12 34.03
CA ASP C 212 -19.90 7.78 34.83
C ASP C 212 -20.70 6.63 34.24
N GLY C 213 -20.17 5.98 33.21
CA GLY C 213 -20.93 5.03 32.42
C GLY C 213 -20.78 3.61 32.89
N GLU C 214 -21.61 2.75 32.32
CA GLU C 214 -21.62 1.36 32.67
C GLU C 214 -21.42 0.55 31.42
N VAL C 215 -20.98 -0.67 31.58
CA VAL C 215 -20.77 -1.55 30.47
C VAL C 215 -21.37 -2.89 30.83
N GLY C 216 -22.00 -3.54 29.89
CA GLY C 216 -22.59 -4.87 30.09
C GLY C 216 -21.61 -5.90 29.54
N ILE C 217 -21.28 -6.91 30.35
CA ILE C 217 -20.28 -7.91 29.98
C ILE C 217 -20.94 -9.28 29.85
N VAL C 218 -20.58 -10.04 28.83
CA VAL C 218 -21.01 -11.39 28.68
C VAL C 218 -19.80 -12.31 28.58
N LEU C 219 -19.69 -13.34 29.40
CA LEU C 219 -18.58 -14.26 29.24
C LEU C 219 -19.10 -15.55 28.66
N GLY C 220 -18.43 -16.00 27.63
CA GLY C 220 -18.74 -17.20 26.94
C GLY C 220 -17.52 -18.07 26.89
N GLN C 221 -17.70 -19.23 26.29
CA GLN C 221 -16.65 -20.19 26.02
C GLN C 221 -15.72 -19.72 24.95
N HIS C 222 -16.22 -19.02 23.94
CA HIS C 222 -15.34 -18.62 22.87
C HIS C 222 -15.33 -17.14 22.58
N HIS C 223 -15.98 -16.37 23.43
CA HIS C 223 -16.04 -14.94 23.23
C HIS C 223 -16.43 -14.16 24.46
N ILE C 224 -16.05 -12.90 24.42
CA ILE C 224 -16.45 -11.94 25.42
C ILE C 224 -17.17 -10.83 24.68
N ARG C 225 -18.18 -10.30 25.33
CA ARG C 225 -18.94 -9.20 24.83
C ARG C 225 -19.08 -8.06 25.81
N ALA C 226 -18.80 -6.88 25.34
CA ALA C 226 -18.89 -5.69 26.11
C ALA C 226 -19.88 -4.84 25.38
N THR C 227 -20.90 -4.35 26.05
CA THR C 227 -21.91 -3.53 25.38
C THR C 227 -22.24 -2.26 26.11
N THR C 228 -22.18 -1.14 25.40
CA THR C 228 -22.57 0.15 25.98
C THR C 228 -23.64 0.77 25.12
N GLY C 229 -24.06 1.98 25.46
CA GLY C 229 -25.05 2.66 24.65
C GLY C 229 -24.51 2.93 23.27
N GLU C 230 -23.26 3.40 23.21
CA GLU C 230 -22.58 3.68 21.95
C GLU C 230 -22.20 2.49 21.05
N PHE C 231 -21.70 1.40 21.65
CA PHE C 231 -21.22 0.28 20.84
C PHE C 231 -21.36 -1.14 21.39
N THR C 232 -21.15 -2.15 20.54
CA THR C 232 -21.16 -3.47 21.03
C THR C 232 -19.78 -4.03 20.65
N PHE C 233 -19.03 -4.51 21.63
CA PHE C 233 -17.73 -5.05 21.39
C PHE C 233 -17.67 -6.54 21.56
N THR C 234 -17.12 -7.23 20.58
CA THR C 234 -17.01 -8.67 20.67
C THR C 234 -15.63 -9.13 20.27
N SER C 235 -15.04 -9.96 21.10
CA SER C 235 -13.72 -10.47 20.80
C SER C 235 -13.67 -11.97 21.00
N LYS C 236 -12.84 -12.62 20.19
CA LYS C 236 -12.64 -14.04 20.31
C LYS C 236 -11.64 -14.25 21.45
N LEU C 237 -11.65 -15.43 22.04
CA LEU C 237 -10.79 -15.74 23.16
C LEU C 237 -9.65 -16.64 22.82
N VAL C 238 -8.64 -16.63 23.67
CA VAL C 238 -7.49 -17.49 23.49
C VAL C 238 -7.92 -18.84 24.00
N ASP C 239 -7.86 -19.85 23.13
CA ASP C 239 -8.29 -21.17 23.49
C ASP C 239 -7.20 -21.90 24.23
N GLY C 240 -7.48 -22.26 25.47
CA GLY C 240 -6.53 -22.95 26.31
C GLY C 240 -6.76 -22.59 27.76
N LYS C 241 -5.94 -23.15 28.63
CA LYS C 241 -6.08 -22.86 30.05
C LYS C 241 -4.95 -21.97 30.51
N PHE C 242 -5.32 -20.86 31.13
CA PHE C 242 -4.37 -19.92 31.65
C PHE C 242 -3.62 -20.62 32.76
N PRO C 243 -2.29 -20.41 32.84
CA PRO C 243 -1.40 -20.98 33.85
C PRO C 243 -1.81 -20.69 35.30
N ASP C 244 -1.30 -21.48 36.22
CA ASP C 244 -1.68 -21.32 37.61
C ASP C 244 -0.89 -20.17 38.18
N TYR C 245 -1.53 -19.00 38.17
CA TYR C 245 -0.94 -17.76 38.66
C TYR C 245 -0.65 -17.76 40.16
N GLU C 246 -1.47 -18.49 40.92
CA GLU C 246 -1.31 -18.54 42.36
C GLU C 246 0.06 -19.09 42.77
N ARG C 247 0.54 -20.10 42.05
CA ARG C 247 1.86 -20.68 42.28
C ARG C 247 2.99 -19.66 42.03
N VAL C 248 2.80 -18.80 41.05
CA VAL C 248 3.75 -17.75 40.70
C VAL C 248 3.97 -16.74 41.82
N LEU C 249 2.91 -16.41 42.57
CA LEU C 249 3.00 -15.44 43.64
C LEU C 249 3.86 -15.84 44.79
N PRO C 250 4.83 -14.98 45.14
CA PRO C 250 5.75 -15.24 46.24
C PRO C 250 5.06 -15.27 47.60
N ARG C 251 5.47 -16.21 48.45
CA ARG C 251 4.93 -16.37 49.77
C ARG C 251 6.05 -16.23 50.78
N GLY C 252 5.72 -15.81 51.99
CA GLY C 252 6.71 -15.65 53.02
C GLY C 252 7.83 -14.69 52.68
N GLY C 253 7.47 -13.42 52.52
CA GLY C 253 8.41 -12.38 52.20
C GLY C 253 8.79 -11.69 53.49
N ASP C 254 9.96 -12.03 54.01
CA ASP C 254 10.48 -11.49 55.26
C ASP C 254 10.74 -9.98 55.28
N LYS C 255 11.23 -9.42 54.18
CA LYS C 255 11.53 -7.99 54.15
C LYS C 255 10.47 -7.12 53.50
N LEU C 256 10.00 -6.11 54.22
CA LEU C 256 8.98 -5.20 53.72
C LEU C 256 9.60 -3.81 53.51
N VAL C 257 9.53 -3.29 52.29
CA VAL C 257 10.13 -2.00 52.01
C VAL C 257 9.14 -0.97 51.49
N VAL C 258 9.17 0.23 52.06
CA VAL C 258 8.31 1.27 51.57
C VAL C 258 9.20 2.34 50.97
N GLY C 259 8.71 2.97 49.93
CA GLY C 259 9.44 4.04 49.30
C GLY C 259 8.51 4.98 48.59
N ASP C 260 9.01 6.17 48.31
CA ASP C 260 8.34 7.12 47.45
C ASP C 260 8.38 6.58 46.00
N ARG C 261 7.20 6.45 45.40
CA ARG C 261 7.08 5.92 44.06
C ARG C 261 7.77 6.78 43.01
N GLN C 262 7.67 8.09 43.16
CA GLN C 262 8.28 9.00 42.20
C GLN C 262 9.81 9.05 42.33
N GLN C 263 10.33 9.02 43.56
CA GLN C 263 11.79 9.00 43.78
C GLN C 263 12.39 7.71 43.23
N LEU C 264 11.74 6.57 43.48
CA LEU C 264 12.25 5.29 42.99
C LEU C 264 12.23 5.24 41.46
N ARG C 265 11.18 5.77 40.86
CA ARG C 265 11.03 5.77 39.41
C ARG C 265 12.14 6.61 38.74
N GLU C 266 12.35 7.81 39.28
CA GLU C 266 13.40 8.70 38.79
C GLU C 266 14.79 8.10 38.97
N ALA C 267 15.06 7.45 40.11
CA ALA C 267 16.35 6.80 40.35
C ALA C 267 16.58 5.54 39.46
N PHE C 268 15.52 4.78 39.24
CA PHE C 268 15.61 3.67 38.34
C PHE C 268 15.78 4.14 36.89
N SER C 269 15.10 5.20 36.44
CA SER C 269 15.29 5.63 35.03
C SER C 269 16.67 6.26 34.81
N ARG C 270 17.21 6.94 35.82
CA ARG C 270 18.52 7.53 35.77
C ARG C 270 19.55 6.46 35.62
N THR C 271 19.48 5.44 36.45
CA THR C 271 20.46 4.36 36.41
C THR C 271 20.25 3.48 35.18
N ALA C 272 19.00 3.37 34.70
CA ALA C 272 18.67 2.55 33.50
C ALA C 272 19.48 2.95 32.29
N ILE C 273 19.77 4.24 32.18
CA ILE C 273 20.52 4.79 31.05
C ILE C 273 21.84 4.04 30.81
N LEU C 274 22.50 3.61 31.88
CA LEU C 274 23.77 2.91 31.76
C LEU C 274 23.69 1.40 31.96
N SER C 275 22.47 0.86 31.96
CA SER C 275 22.28 -0.57 32.06
C SER C 275 22.43 -1.14 30.67
N ASN C 276 22.68 -2.44 30.60
CA ASN C 276 22.75 -3.18 29.34
C ASN C 276 21.46 -2.93 28.52
N GLU C 277 21.61 -2.49 27.28
CA GLU C 277 20.47 -2.09 26.46
C GLU C 277 19.50 -3.22 26.15
N LYS C 278 20.00 -4.47 26.12
CA LYS C 278 19.15 -5.65 25.91
C LYS C 278 18.66 -6.31 27.22
N TYR C 279 19.56 -6.59 28.18
CA TYR C 279 19.20 -7.31 29.42
C TYR C 279 18.71 -6.40 30.57
N ARG C 280 19.10 -5.13 30.53
CA ARG C 280 18.53 -4.09 31.38
C ARG C 280 18.70 -4.40 32.86
N GLY C 281 19.86 -4.95 33.19
CA GLY C 281 20.19 -5.34 34.55
C GLY C 281 20.57 -4.21 35.50
N ILE C 282 19.92 -4.22 36.66
CA ILE C 282 20.14 -3.25 37.71
C ILE C 282 20.36 -4.00 39.01
N ARG C 283 21.34 -3.57 39.80
CA ARG C 283 21.60 -4.22 41.08
C ARG C 283 21.12 -3.38 42.26
N LEU C 284 20.42 -4.03 43.19
CA LEU C 284 19.92 -3.37 44.38
C LEU C 284 20.74 -3.85 45.56
N GLN C 285 21.01 -2.96 46.49
CA GLN C 285 21.62 -3.31 47.73
C GLN C 285 20.71 -2.64 48.71
N LEU C 286 20.01 -3.42 49.54
CA LEU C 286 19.10 -2.86 50.51
C LEU C 286 19.68 -2.88 51.92
N SER C 287 19.46 -1.79 52.66
CA SER C 287 19.92 -1.64 54.04
C SER C 287 18.97 -0.74 54.80
N ASN C 288 19.15 -0.60 56.10
CA ASN C 288 18.23 0.20 56.87
C ASN C 288 18.11 1.63 56.41
N GLY C 289 16.91 1.98 55.99
CA GLY C 289 16.54 3.29 55.48
C GLY C 289 17.19 3.70 54.17
N LEU C 290 17.77 2.76 53.43
CA LEU C 290 18.52 3.10 52.27
C LEU C 290 18.53 2.10 51.14
N LEU C 291 18.42 2.59 49.92
CA LEU C 291 18.50 1.70 48.77
C LEU C 291 19.57 2.16 47.78
N LYS C 292 20.46 1.27 47.45
CA LYS C 292 21.49 1.62 46.52
C LYS C 292 21.24 0.90 45.24
N ILE C 293 21.27 1.64 44.16
CA ILE C 293 20.99 1.15 42.83
C ILE C 293 22.26 1.31 42.00
N GLN C 294 22.71 0.22 41.37
CA GLN C 294 23.82 0.26 40.45
C GLN C 294 23.47 -0.31 39.07
N ALA C 295 24.05 0.26 38.03
CA ALA C 295 23.88 -0.23 36.66
C ALA C 295 25.22 -0.23 35.99
N ASN C 296 25.56 -1.33 35.32
CA ASN C 296 26.77 -1.43 34.48
C ASN C 296 26.40 -1.90 33.09
N ASN C 297 27.14 -1.44 32.08
CA ASN C 297 26.93 -1.94 30.71
C ASN C 297 28.20 -2.59 30.15
N PRO C 298 28.16 -3.17 28.93
CA PRO C 298 29.35 -3.73 28.28
C PRO C 298 30.52 -2.78 28.04
N GLU C 299 30.24 -1.48 27.87
CA GLU C 299 31.28 -0.46 27.72
C GLU C 299 31.94 0.03 29.07
N GLN C 300 31.74 -0.77 30.11
CA GLN C 300 32.24 -0.50 31.46
C GLN C 300 31.77 0.82 32.05
N GLU C 301 30.63 1.30 31.56
CA GLU C 301 30.03 2.52 32.09
C GLU C 301 29.24 2.15 33.35
N GLU C 302 29.07 3.10 34.26
CA GLU C 302 28.34 2.78 35.48
C GLU C 302 27.55 3.92 36.09
N ALA C 303 26.31 3.63 36.47
CA ALA C 303 25.48 4.60 37.19
C ALA C 303 25.25 4.06 38.58
N GLU C 304 25.40 4.90 39.60
CA GLU C 304 25.10 4.54 40.99
C GLU C 304 24.12 5.58 41.50
N GLU C 305 23.26 5.17 42.40
CA GLU C 305 22.33 6.09 43.01
C GLU C 305 21.84 5.53 44.33
N GLU C 306 21.66 6.40 45.31
CA GLU C 306 21.10 6.02 46.60
C GLU C 306 19.78 6.73 46.79
N VAL C 307 18.79 5.99 47.31
CA VAL C 307 17.51 6.56 47.68
C VAL C 307 17.09 6.05 49.06
N GLN C 308 16.46 6.95 49.82
CA GLN C 308 16.03 6.66 51.16
C GLN C 308 14.67 5.97 51.11
N VAL C 309 14.60 4.85 51.81
CA VAL C 309 13.40 4.03 51.88
C VAL C 309 13.17 3.61 53.33
N GLU C 310 11.93 3.39 53.69
CA GLU C 310 11.57 2.88 55.02
C GLU C 310 11.76 1.38 54.97
N TYR C 311 12.79 0.89 55.62
CA TYR C 311 13.07 -0.54 55.68
C TYR C 311 13.92 -0.82 56.91
N ASN C 312 13.71 -1.97 57.58
CA ASN C 312 14.48 -2.43 58.75
C ASN C 312 14.69 -3.94 58.71
N GLY C 313 15.94 -4.37 58.64
CA GLY C 313 16.23 -5.80 58.59
C GLY C 313 17.54 -6.09 57.93
N GLY C 314 17.78 -7.37 57.66
CA GLY C 314 19.01 -7.86 57.04
C GLY C 314 19.31 -7.24 55.68
N ASN C 315 20.56 -7.14 55.33
CA ASN C 315 20.91 -6.59 54.07
C ASN C 315 20.59 -7.59 52.97
N LEU C 316 20.33 -7.06 51.79
CA LEU C 316 19.99 -7.88 50.65
C LEU C 316 20.45 -7.35 49.31
N GLU C 317 21.29 -8.12 48.65
CA GLU C 317 21.73 -7.81 47.31
C GLU C 317 20.87 -8.58 46.34
N ILE C 318 20.26 -7.89 45.37
CA ILE C 318 19.38 -8.56 44.42
C ILE C 318 19.32 -7.84 43.08
N GLY C 319 19.27 -8.60 42.00
CA GLY C 319 19.23 -8.04 40.65
C GLY C 319 17.86 -8.14 40.02
N PHE C 320 17.51 -7.15 39.20
CA PHE C 320 16.23 -7.11 38.52
C PHE C 320 16.30 -6.39 37.19
N ASN C 321 15.45 -6.79 36.25
CA ASN C 321 15.29 -6.07 34.99
C ASN C 321 14.64 -4.75 35.34
N VAL C 322 15.28 -3.64 34.97
CA VAL C 322 14.83 -2.31 35.44
C VAL C 322 13.59 -1.84 34.71
N SER C 323 13.38 -2.33 33.49
CA SER C 323 12.17 -2.01 32.73
C SER C 323 10.97 -2.56 33.45
N TYR C 324 11.13 -3.76 33.97
CA TYR C 324 10.05 -4.42 34.70
C TYR C 324 9.67 -3.60 35.91
N LEU C 325 10.67 -3.13 36.66
CA LEU C 325 10.42 -2.32 37.84
C LEU C 325 9.73 -1.00 37.45
N LEU C 326 10.21 -0.36 36.38
CA LEU C 326 9.56 0.87 35.86
C LEU C 326 8.14 0.66 35.36
N ASP C 327 7.84 -0.51 34.80
CA ASP C 327 6.51 -0.80 34.33
C ASP C 327 5.55 -0.84 35.53
N VAL C 328 5.98 -1.49 36.59
CA VAL C 328 5.18 -1.60 37.80
C VAL C 328 4.98 -0.23 38.44
N LEU C 329 6.05 0.54 38.55
CA LEU C 329 5.98 1.87 39.15
C LEU C 329 5.06 2.82 38.38
N GLY C 330 5.06 2.70 37.05
CA GLY C 330 4.24 3.51 36.19
C GLY C 330 2.76 3.33 36.44
N VAL C 331 2.35 2.13 36.83
CA VAL C 331 0.94 1.86 37.06
C VAL C 331 0.50 1.99 38.51
N ILE C 332 1.44 2.20 39.42
CA ILE C 332 1.06 2.35 40.82
C ILE C 332 0.43 3.71 41.03
N GLY C 333 -0.77 3.75 41.59
CA GLY C 333 -1.48 5.00 41.79
C GLY C 333 -1.25 5.81 43.05
N THR C 334 -0.57 5.25 44.03
CA THR C 334 -0.34 5.96 45.28
C THR C 334 1.02 6.66 45.34
N GLU C 335 1.20 7.56 46.29
CA GLU C 335 2.48 8.26 46.42
C GLU C 335 3.58 7.35 46.99
N GLN C 336 3.20 6.30 47.71
CA GLN C 336 4.14 5.33 48.28
C GLN C 336 3.95 3.94 47.67
N VAL C 337 5.01 3.14 47.65
CA VAL C 337 4.98 1.78 47.07
C VAL C 337 5.63 0.78 48.01
N ARG C 338 4.98 -0.37 48.19
CA ARG C 338 5.45 -1.44 49.05
C ARG C 338 6.11 -2.60 48.33
N PHE C 339 7.33 -2.91 48.74
CA PHE C 339 8.07 -4.02 48.16
C PHE C 339 8.18 -5.10 49.21
N ILE C 340 7.81 -6.31 48.83
CA ILE C 340 7.92 -7.42 49.75
C ILE C 340 8.88 -8.36 49.07
N LEU C 341 9.98 -8.66 49.75
CA LEU C 341 11.01 -9.52 49.18
C LEU C 341 11.51 -10.52 50.19
N SER C 342 12.07 -11.61 49.68
CA SER C 342 12.66 -12.63 50.52
C SER C 342 14.16 -12.63 50.36
N ASP C 343 14.65 -13.43 49.42
CA ASP C 343 16.08 -13.53 49.17
C ASP C 343 16.48 -13.13 47.75
N SER C 344 17.78 -13.22 47.48
CA SER C 344 18.33 -12.85 46.18
C SER C 344 17.80 -13.70 45.03
N ASN C 345 17.58 -14.99 45.26
CA ASN C 345 17.07 -15.87 44.22
C ASN C 345 15.54 -15.93 44.14
N SER C 346 14.86 -15.20 45.02
CA SER C 346 13.40 -15.21 45.02
C SER C 346 12.77 -13.96 44.43
N SER C 347 11.53 -14.11 43.97
CA SER C 347 10.77 -13.02 43.35
C SER C 347 10.36 -11.92 44.30
N ALA C 348 10.03 -10.77 43.75
CA ALA C 348 9.59 -9.64 44.53
C ALA C 348 8.10 -9.45 44.34
N LEU C 349 7.45 -8.94 45.37
CA LEU C 349 6.03 -8.67 45.33
C LEU C 349 5.84 -7.19 45.59
N VAL C 350 5.13 -6.52 44.70
CA VAL C 350 4.90 -5.10 44.83
C VAL C 350 3.42 -4.80 44.99
N HIS C 351 3.12 -3.90 45.91
CA HIS C 351 1.76 -3.51 46.20
C HIS C 351 1.62 -2.01 46.23
N GLU C 352 0.38 -1.57 46.23
CA GLU C 352 0.04 -0.16 46.30
C GLU C 352 0.16 0.27 47.75
N ALA C 353 0.22 1.57 47.99
CA ALA C 353 0.46 2.03 49.35
C ALA C 353 -0.57 1.58 50.39
N ASP C 354 -1.85 1.64 50.07
CA ASP C 354 -2.88 1.26 51.03
C ASP C 354 -3.75 0.07 50.65
N ASN C 355 -3.44 -0.61 49.56
CA ASN C 355 -4.26 -1.74 49.13
C ASN C 355 -3.50 -2.95 48.65
N ASP C 356 -4.15 -4.09 48.76
CA ASP C 356 -3.64 -5.35 48.27
C ASP C 356 -4.46 -5.80 47.06
N ASP C 357 -5.26 -4.88 46.53
CA ASP C 357 -6.12 -5.14 45.38
C ASP C 357 -5.29 -5.49 44.17
N SER C 358 -4.19 -4.77 43.98
CA SER C 358 -3.29 -5.03 42.88
C SER C 358 -1.96 -5.56 43.39
N ALA C 359 -1.50 -6.65 42.78
CA ALA C 359 -0.25 -7.27 43.16
C ALA C 359 0.65 -7.46 41.94
N TYR C 360 1.94 -7.23 42.11
CA TYR C 360 2.88 -7.35 41.02
C TYR C 360 4.05 -8.23 41.40
N VAL C 361 4.38 -9.18 40.53
CA VAL C 361 5.47 -10.09 40.81
C VAL C 361 6.58 -9.92 39.80
N VAL C 362 7.80 -9.72 40.27
CA VAL C 362 8.93 -9.62 39.37
C VAL C 362 9.98 -10.65 39.76
N MET C 363 10.42 -11.44 38.80
CA MET C 363 11.44 -12.44 39.03
C MET C 363 12.81 -11.77 38.96
N PRO C 364 13.74 -12.20 39.82
CA PRO C 364 15.04 -11.60 39.84
C PRO C 364 15.98 -12.02 38.74
N MET C 365 17.06 -11.26 38.64
CA MET C 365 18.08 -11.51 37.66
C MET C 365 19.37 -11.89 38.34
N ARG C 366 20.17 -12.69 37.65
CA ARG C 366 21.45 -13.09 38.18
C ARG C 366 22.48 -12.48 37.24
N LEU C 367 23.38 -11.68 37.79
CA LEU C 367 24.40 -11.00 37.00
C LEU C 367 25.80 -11.49 37.31
N MET D 1 40.79 18.23 33.38
CA MET D 1 39.53 18.85 33.06
C MET D 1 38.62 18.59 34.21
N HIS D 2 38.09 19.67 34.76
CA HIS D 2 37.15 19.59 35.86
C HIS D 2 36.36 20.86 35.98
N PHE D 3 35.04 20.74 36.09
CA PHE D 3 34.18 21.89 36.25
C PHE D 3 32.87 21.55 36.94
N THR D 4 32.21 22.58 37.44
CA THR D 4 30.91 22.45 38.07
C THR D 4 29.97 23.28 37.21
N ILE D 5 28.74 22.84 37.08
CA ILE D 5 27.77 23.52 36.24
C ILE D 5 26.35 23.12 36.65
N GLN D 6 25.44 24.07 36.60
CA GLN D 6 24.08 23.85 36.92
C GLN D 6 23.49 22.99 35.82
N ARG D 7 22.55 22.16 36.18
CA ARG D 7 21.90 21.26 35.29
C ARG D 7 21.23 21.99 34.13
N GLU D 8 20.58 23.09 34.39
CA GLU D 8 19.91 23.81 33.37
C GLU D 8 20.84 24.49 32.41
N ALA D 9 21.96 24.97 32.91
CA ALA D 9 22.97 25.65 32.10
C ALA D 9 23.69 24.68 31.13
N LEU D 10 23.93 23.45 31.57
CA LEU D 10 24.53 22.40 30.74
C LEU D 10 23.54 21.87 29.72
N LEU D 11 22.30 21.69 30.15
CA LEU D 11 21.30 21.03 29.33
C LEU D 11 20.95 21.79 28.05
N LYS D 12 20.84 23.09 28.13
CA LYS D 12 20.46 23.90 26.97
C LYS D 12 21.40 23.68 25.74
N PRO D 13 22.71 23.99 25.87
CA PRO D 13 23.61 23.76 24.75
C PRO D 13 23.81 22.28 24.41
N LEU D 14 23.69 21.42 25.42
CA LEU D 14 23.83 20.00 25.22
C LEU D 14 22.66 19.44 24.40
N GLN D 15 21.44 19.93 24.65
CA GLN D 15 20.30 19.62 23.76
C GLN D 15 20.47 20.17 22.32
N LEU D 16 21.05 21.34 22.18
CA LEU D 16 21.31 21.88 20.85
C LEU D 16 22.28 21.01 20.04
N VAL D 17 23.43 20.68 20.63
CA VAL D 17 24.43 19.87 19.94
C VAL D 17 23.97 18.45 19.66
N ALA D 18 23.07 17.95 20.49
CA ALA D 18 22.53 16.60 20.39
C ALA D 18 21.73 16.39 19.11
N GLY D 19 21.00 17.41 18.68
CA GLY D 19 20.20 17.32 17.48
C GLY D 19 21.02 17.07 16.23
N VAL D 20 22.19 17.67 16.20
CA VAL D 20 23.10 17.55 15.07
C VAL D 20 23.76 16.18 14.95
N VAL D 21 24.05 15.54 16.08
CA VAL D 21 24.66 14.21 16.03
C VAL D 21 23.70 13.15 15.50
N GLU D 22 24.20 12.29 14.64
CA GLU D 22 23.41 11.23 14.04
C GLU D 22 23.37 9.99 14.93
N ARG D 23 22.16 9.54 15.26
CA ARG D 23 21.95 8.36 16.11
C ARG D 23 22.77 7.16 15.68
N ARG D 24 22.76 6.86 14.40
CA ARG D 24 23.50 5.73 13.88
C ARG D 24 24.10 6.18 12.57
N THR D 26 27.90 5.39 12.41
CA THR D 26 28.92 5.78 11.46
C THR D 26 30.27 5.72 12.18
N LEU D 27 31.12 6.74 12.10
CA LEU D 27 32.35 6.75 12.91
C LEU D 27 31.86 7.01 14.32
N PRO D 28 32.45 6.36 15.31
CA PRO D 28 32.07 6.43 16.72
C PRO D 28 32.20 7.79 17.36
N VAL D 29 33.24 8.53 17.00
CA VAL D 29 33.46 9.89 17.50
C VAL D 29 32.37 10.90 17.08
N LEU D 30 31.67 10.59 16.00
CA LEU D 30 30.61 11.45 15.49
C LEU D 30 29.36 11.37 16.34
N SER D 31 29.26 10.34 17.17
CA SER D 31 28.12 10.19 18.06
C SER D 31 28.39 10.83 19.41
N ASN D 32 29.60 11.36 19.57
CA ASN D 32 30.02 12.01 20.80
C ASN D 32 30.05 13.52 20.66
N VAL D 33 29.93 14.20 21.79
CA VAL D 33 30.03 15.62 21.83
C VAL D 33 31.43 15.97 22.33
N LEU D 34 32.09 16.91 21.69
CA LEU D 34 33.40 17.34 22.10
C LEU D 34 33.25 18.43 23.12
N LEU D 35 33.89 18.23 24.24
CA LEU D 35 33.85 19.16 25.34
C LEU D 35 35.17 19.83 25.57
N VAL D 36 35.16 21.13 25.67
CA VAL D 36 36.34 21.90 25.90
C VAL D 36 36.20 22.93 26.98
N VAL D 37 37.12 22.95 27.91
CA VAL D 37 37.14 23.93 28.95
C VAL D 37 38.38 24.82 28.81
N GLU D 38 38.21 26.05 28.37
CA GLU D 38 39.27 27.08 28.25
C GLU D 38 38.90 28.22 29.19
N GLY D 39 39.74 28.47 30.19
CA GLY D 39 39.41 29.46 31.20
C GLY D 39 38.08 29.12 31.84
N GLN D 40 37.19 30.10 31.89
CA GLN D 40 35.86 29.91 32.49
C GLN D 40 34.77 29.71 31.43
N GLN D 41 35.10 28.97 30.37
CA GLN D 41 34.18 28.67 29.30
C GLN D 41 34.19 27.20 28.96
N LEU D 42 33.02 26.67 28.71
CA LEU D 42 32.80 25.34 28.29
C LEU D 42 32.18 25.43 26.91
N SER D 43 32.76 24.73 25.99
CA SER D 43 32.26 24.68 24.66
C SER D 43 31.86 23.28 24.38
N LEU D 44 30.72 23.10 23.75
CA LEU D 44 30.22 21.79 23.40
C LEU D 44 30.03 21.71 21.89
N THR D 45 30.64 20.74 21.24
CA THR D 45 30.61 20.67 19.78
C THR D 45 30.07 19.34 19.28
N GLY D 46 29.00 19.42 18.52
CA GLY D 46 28.36 18.24 18.00
C GLY D 46 28.48 18.32 16.52
N THR D 47 28.66 17.18 15.89
CA THR D 47 28.79 17.18 14.46
C THR D 47 28.55 15.91 13.69
N ASP D 48 28.39 16.20 12.42
CA ASP D 48 28.31 15.30 11.28
C ASP D 48 29.27 15.98 10.25
N LEU D 49 29.70 15.28 9.22
CA LEU D 49 30.66 15.91 8.30
C LEU D 49 30.13 17.20 7.62
N GLU D 50 28.86 17.19 7.27
CA GLU D 50 28.20 18.35 6.66
C GLU D 50 27.95 19.60 7.53
N VAL D 51 27.53 19.40 8.77
CA VAL D 51 27.18 20.50 9.67
C VAL D 51 27.84 20.43 11.06
N GLU D 52 28.28 21.58 11.58
CA GLU D 52 28.90 21.66 12.90
C GLU D 52 28.16 22.64 13.81
N LEU D 53 27.89 22.23 15.04
CA LEU D 53 27.21 23.08 16.01
C LEU D 53 28.01 23.20 17.31
N VAL D 54 28.21 24.44 17.76
CA VAL D 54 28.99 24.71 18.96
C VAL D 54 28.15 25.55 19.91
N GLY D 55 27.98 25.06 21.13
CA GLY D 55 27.40 25.82 22.24
C GLY D 55 28.48 26.21 23.23
N ARG D 56 28.35 27.38 23.85
CA ARG D 56 29.32 27.92 24.81
C ARG D 56 28.60 28.33 26.03
N VAL D 57 29.15 28.06 27.22
CA VAL D 57 28.52 28.37 28.49
C VAL D 57 29.61 28.94 29.37
N VAL D 58 29.26 29.95 30.15
CA VAL D 58 30.17 30.55 31.10
C VAL D 58 30.13 29.69 32.35
N LEU D 59 31.29 29.37 32.89
CA LEU D 59 31.44 28.55 34.06
C LEU D 59 31.60 29.45 35.25
N GLU D 60 30.94 29.17 36.33
CA GLU D 60 31.05 30.07 37.45
C GLU D 60 32.12 29.76 38.43
N ASP D 61 32.21 28.54 38.88
CA ASP D 61 33.24 28.17 39.79
C ASP D 61 34.54 27.92 39.07
N ALA D 62 35.63 27.85 39.79
CA ALA D 62 36.90 27.63 39.13
C ALA D 62 36.91 26.30 38.42
N ALA D 63 37.49 26.30 37.24
CA ALA D 63 37.51 25.15 36.40
C ALA D 63 38.89 24.78 35.92
N GLU D 64 39.18 23.51 35.87
CA GLU D 64 40.45 23.04 35.38
C GLU D 64 40.32 22.80 33.88
N PRO D 65 41.25 23.27 33.06
CA PRO D 65 41.07 23.07 31.63
C PRO D 65 41.37 21.68 31.08
N GLY D 66 40.95 21.49 29.84
CA GLY D 66 41.11 20.26 29.11
C GLY D 66 40.04 20.02 28.07
N GLU D 67 40.14 18.90 27.39
CA GLU D 67 39.19 18.53 26.37
C GLU D 67 39.01 17.03 26.26
N ILE D 68 37.85 16.63 25.78
CA ILE D 68 37.42 15.26 25.71
C ILE D 68 36.13 15.08 24.88
N THR D 69 35.90 13.91 24.40
CA THR D 69 34.63 13.59 23.78
C THR D 69 33.93 12.45 24.54
N VAL D 70 32.62 12.58 24.64
CA VAL D 70 31.73 11.67 25.36
C VAL D 70 30.45 11.45 24.60
N PRO D 71 29.82 10.29 24.70
CA PRO D 71 28.58 10.03 23.95
C PRO D 71 27.51 11.06 24.26
N ALA D 72 27.11 11.80 23.22
CA ALA D 72 26.16 12.91 23.31
C ALA D 72 24.82 12.57 23.92
N ARG D 73 24.09 11.69 23.26
CA ARG D 73 22.81 11.19 23.74
C ARG D 73 22.89 10.78 25.23
N LYS D 74 23.87 9.96 25.60
CA LYS D 74 23.97 9.50 26.99
C LYS D 74 24.21 10.63 27.98
N LEU D 75 25.05 11.60 27.64
CA LEU D 75 25.31 12.70 28.51
C LEU D 75 24.09 13.57 28.64
N MET D 76 23.37 13.77 27.56
CA MET D 76 22.16 14.58 27.57
C MET D 76 21.08 13.90 28.38
N ASP D 77 20.85 12.61 28.15
CA ASP D 77 19.87 11.84 28.94
C ASP D 77 20.18 11.84 30.43
N ILE D 78 21.45 11.75 30.78
CA ILE D 78 21.85 11.77 32.17
C ILE D 78 21.53 13.16 32.73
N CYS D 79 21.90 14.21 32.00
CA CYS D 79 21.66 15.58 32.45
C CYS D 79 20.14 15.89 32.56
N LYS D 80 19.37 15.39 31.60
CA LYS D 80 17.92 15.59 31.55
C LYS D 80 17.27 14.98 32.77
N SER D 81 17.65 13.76 33.08
CA SER D 81 17.09 13.00 34.15
C SER D 81 17.42 13.43 35.55
N LEU D 82 18.40 14.28 35.72
CA LEU D 82 18.75 14.73 37.03
C LEU D 82 17.72 15.69 37.61
N PRO D 83 17.70 15.83 38.93
CA PRO D 83 16.81 16.70 39.65
C PRO D 83 16.97 18.15 39.23
N ASN D 84 15.88 18.89 39.23
CA ASN D 84 15.93 20.27 38.83
C ASN D 84 16.85 21.05 39.73
N ASP D 85 17.61 21.94 39.11
CA ASP D 85 18.51 22.90 39.72
C ASP D 85 19.75 22.37 40.44
N VAL D 86 20.13 21.14 40.23
CA VAL D 86 21.30 20.54 40.85
C VAL D 86 22.65 21.02 40.28
N LEU D 87 23.70 20.96 41.08
CA LEU D 87 25.02 21.33 40.61
C LEU D 87 25.66 20.03 40.13
N ILE D 88 26.22 20.04 38.93
CA ILE D 88 26.84 18.85 38.38
C ILE D 88 28.34 18.99 38.31
N ASP D 89 29.05 18.01 38.87
CA ASP D 89 30.49 18.00 38.87
C ASP D 89 30.98 17.05 37.80
N ILE D 90 31.78 17.55 36.88
CA ILE D 90 32.30 16.77 35.78
C ILE D 90 33.81 16.76 35.80
N ARG D 91 34.40 15.59 35.65
CA ARG D 91 35.85 15.48 35.69
C ARG D 91 36.36 14.29 34.90
N VAL D 92 37.46 14.49 34.17
CA VAL D 92 38.09 13.40 33.44
C VAL D 92 39.06 12.68 34.37
N GLU D 93 38.99 11.34 34.35
CA GLU D 93 39.87 10.47 35.13
C GLU D 93 40.11 9.22 34.32
N GLU D 94 41.31 9.06 33.77
CA GLU D 94 41.76 7.78 33.15
C GLU D 94 40.90 7.36 31.96
N GLN D 95 40.70 8.27 31.02
CA GLN D 95 39.84 8.04 29.86
C GLN D 95 38.36 7.78 30.16
N LYS D 96 37.88 8.33 31.26
CA LYS D 96 36.49 8.23 31.62
C LYS D 96 35.99 9.60 32.07
N LEU D 97 34.71 9.86 31.83
CA LEU D 97 34.11 11.09 32.28
C LEU D 97 33.30 10.72 33.51
N LEU D 98 33.62 11.35 34.63
CA LEU D 98 32.93 11.10 35.88
C LEU D 98 31.95 12.23 36.15
N VAL D 99 30.67 11.89 36.29
CA VAL D 99 29.66 12.88 36.54
C VAL D 99 29.03 12.67 37.90
N LYS D 100 29.02 13.72 38.71
CA LYS D 100 28.45 13.65 40.03
C LYS D 100 27.44 14.76 40.27
N ALA D 101 26.29 14.38 40.81
CA ALA D 101 25.27 15.31 41.14
C ALA D 101 24.53 14.70 42.30
N GLY D 102 24.47 15.35 43.43
CA GLY D 102 23.82 14.74 44.56
C GLY D 102 24.47 13.43 44.91
N ARG D 103 23.62 12.41 44.99
CA ARG D 103 24.03 11.05 45.25
C ARG D 103 24.09 10.19 44.01
N SER D 104 24.00 10.80 42.85
CA SER D 104 24.06 10.06 41.64
C SER D 104 25.44 10.19 41.06
N ARG D 105 26.02 9.05 40.71
CA ARG D 105 27.35 9.00 40.14
C ARG D 105 27.29 8.28 38.81
N PHE D 106 27.90 8.88 37.79
CA PHE D 106 27.93 8.27 36.47
C PHE D 106 29.35 8.26 35.92
N THR D 107 29.68 7.20 35.20
CA THR D 107 30.97 7.10 34.54
C THR D 107 30.67 6.83 33.08
N LEU D 108 31.27 7.61 32.19
CA LEU D 108 31.03 7.43 30.76
C LEU D 108 32.33 7.14 30.04
N SER D 109 32.25 6.29 29.03
CA SER D 109 33.42 5.97 28.24
C SER D 109 33.76 7.17 27.39
N THR D 110 35.04 7.42 27.16
CA THR D 110 35.42 8.55 26.36
C THR D 110 36.20 8.25 25.11
N LEU D 111 36.25 9.20 24.22
CA LEU D 111 37.08 9.12 23.07
C LEU D 111 37.93 10.36 23.10
N PRO D 112 39.22 10.24 22.78
CA PRO D 112 40.12 11.40 22.83
C PRO D 112 39.71 12.58 21.93
N ALA D 113 40.14 13.76 22.34
CA ALA D 113 39.87 15.01 21.63
C ALA D 113 40.42 15.04 20.20
N ASN D 114 41.58 14.40 20.00
CA ASN D 114 42.24 14.33 18.70
C ASN D 114 41.36 13.70 17.62
N ASP D 115 40.60 12.69 17.99
CA ASP D 115 39.70 12.01 17.07
C ASP D 115 38.61 12.92 16.51
N PHE D 116 38.09 13.84 17.31
CA PHE D 116 37.03 14.75 16.84
C PHE D 116 37.47 15.64 15.69
N PRO D 117 36.68 15.64 14.60
CA PRO D 117 36.90 16.39 13.38
C PRO D 117 36.87 17.87 13.60
N THR D 118 37.79 18.55 12.97
CA THR D 118 37.87 19.99 13.09
C THR D 118 37.46 20.62 11.77
N VAL D 119 36.75 21.74 11.85
CA VAL D 119 36.37 22.53 10.68
C VAL D 119 37.28 23.79 10.56
N GLU D 120 38.00 23.91 9.44
CA GLU D 120 38.91 25.04 9.16
C GLU D 120 38.08 26.20 8.57
N GLU D 121 38.06 27.30 9.28
CA GLU D 121 37.02 28.32 9.12
C GLU D 121 37.58 29.60 8.53
N GLY D 122 37.38 29.85 7.23
CA GLY D 122 37.69 31.17 6.65
C GLY D 122 36.76 32.30 7.09
N PRO D 123 37.18 33.55 6.89
CA PRO D 123 36.33 34.68 7.23
C PRO D 123 35.20 34.92 6.22
N GLY D 124 35.29 34.30 5.04
CA GLY D 124 34.26 34.45 4.02
C GLY D 124 34.44 35.70 3.21
N SER D 125 33.48 35.96 2.33
CA SER D 125 33.48 37.16 1.46
C SER D 125 32.36 38.17 1.79
N LEU D 126 31.44 37.77 2.65
CA LEU D 126 30.35 38.65 3.05
C LEU D 126 29.75 38.29 4.41
N ASN D 127 29.53 39.30 5.25
CA ASN D 127 28.91 39.09 6.53
C ASN D 127 28.01 40.24 6.89
N PHE D 128 26.96 39.91 7.63
CA PHE D 128 25.95 40.86 8.03
C PHE D 128 25.12 40.23 9.12
N SER D 129 24.43 41.05 9.89
CA SER D 129 23.56 40.50 10.87
C SER D 129 22.10 40.74 10.47
N ILE D 130 21.21 39.98 11.08
CA ILE D 130 19.80 40.08 10.72
C ILE D 130 18.96 39.49 11.84
N ALA D 131 17.72 39.93 11.93
CA ALA D 131 16.79 39.38 12.93
C ALA D 131 16.58 37.87 12.69
N GLN D 132 16.65 37.07 13.73
CA GLN D 132 16.49 35.66 13.62
C GLN D 132 15.19 35.25 12.97
N SER D 133 14.16 35.95 13.36
CA SER D 133 12.85 35.63 12.87
C SER D 133 12.66 36.03 11.41
N LYS D 134 13.51 36.93 10.89
CA LYS D 134 13.43 37.30 9.49
C LYS D 134 14.08 36.20 8.66
N LEU D 135 15.24 35.73 9.09
CA LEU D 135 15.94 34.65 8.43
C LEU D 135 15.16 33.36 8.52
N ARG D 136 14.52 33.11 9.66
CA ARG D 136 13.70 31.92 9.81
C ARG D 136 12.50 31.94 8.86
N ARG D 137 11.90 33.11 8.72
CA ARG D 137 10.78 33.31 7.85
C ARG D 137 11.19 32.93 6.44
N LEU D 138 12.34 33.41 5.98
CA LEU D 138 12.82 33.09 4.63
C LEU D 138 12.88 31.58 4.43
N ILE D 139 13.50 30.88 5.37
CA ILE D 139 13.61 29.43 5.30
C ILE D 139 12.26 28.71 5.41
N ASP D 140 11.42 29.14 6.34
CA ASP D 140 10.11 28.53 6.55
C ASP D 140 9.15 28.67 5.37
N ARG D 141 9.19 29.84 4.74
CA ARG D 141 8.36 30.11 3.57
C ARG D 141 8.72 29.22 2.40
N THR D 142 9.99 28.92 2.23
CA THR D 142 10.44 28.11 1.10
C THR D 142 10.97 26.68 1.30
N SER D 143 11.09 26.18 2.52
CA SER D 143 11.71 24.86 2.74
C SER D 143 11.09 23.63 2.06
N PHE D 144 9.77 23.58 1.96
CA PHE D 144 9.07 22.45 1.36
C PHE D 144 9.39 22.22 -0.12
N ALA D 145 9.80 23.27 -0.82
CA ALA D 145 10.07 23.17 -2.25
C ALA D 145 11.37 22.45 -2.62
N MET D 146 12.30 22.38 -1.67
CA MET D 146 13.56 21.65 -1.85
C MET D 146 13.37 20.19 -2.27
N ALA D 147 14.25 19.72 -3.16
CA ALA D 147 14.18 18.34 -3.58
C ALA D 147 14.81 17.47 -2.50
N GLN D 148 14.37 16.22 -2.42
CA GLN D 148 14.95 15.32 -1.45
C GLN D 148 15.57 14.17 -2.21
N GLN D 149 16.86 13.94 -1.98
CA GLN D 149 17.62 12.86 -2.61
C GLN D 149 17.57 12.81 -4.14
N ASP D 150 17.64 13.97 -4.76
CA ASP D 150 17.63 14.07 -6.21
C ASP D 150 19.05 13.86 -6.72
N VAL D 151 19.19 13.42 -7.97
CA VAL D 151 20.48 13.21 -8.58
C VAL D 151 21.18 14.54 -8.80
N ARG D 152 20.41 15.57 -9.11
CA ARG D 152 20.96 16.90 -9.30
C ARG D 152 21.17 17.39 -7.86
N TYR D 153 22.43 17.48 -7.45
CA TYR D 153 22.79 17.86 -6.09
C TYR D 153 22.32 19.25 -5.67
N TYR D 154 22.34 20.20 -6.59
CA TYR D 154 21.94 21.58 -6.32
C TYR D 154 20.49 21.70 -5.84
N LEU D 155 19.61 20.86 -6.38
CA LEU D 155 18.21 20.85 -5.98
C LEU D 155 17.96 20.48 -4.51
N ASN D 156 18.79 19.62 -3.93
CA ASN D 156 18.59 19.22 -2.53
C ASN D 156 19.17 20.21 -1.54
N GLY D 157 18.59 21.40 -1.48
CA GLY D 157 19.06 22.45 -0.61
C GLY D 157 18.40 23.76 -0.96
N MET D 158 18.81 24.77 -0.21
CA MET D 158 18.26 26.09 -0.38
C MET D 158 19.30 27.13 -0.76
N LEU D 159 18.93 27.89 -1.76
CA LEU D 159 19.66 28.99 -2.26
C LEU D 159 19.43 30.20 -1.39
N LEU D 160 20.52 30.84 -1.03
CA LEU D 160 20.44 32.07 -0.29
C LEU D 160 21.22 33.06 -1.13
N GLU D 161 20.59 34.18 -1.40
CA GLU D 161 21.16 35.15 -2.26
C GLU D 161 21.13 36.57 -1.80
N VAL D 162 22.25 37.26 -1.91
CA VAL D 162 22.32 38.65 -1.54
C VAL D 162 22.56 39.45 -2.82
N ASN D 163 21.69 40.40 -3.09
CA ASN D 163 21.80 41.22 -4.29
C ASN D 163 21.11 42.54 -4.11
N GLY D 164 21.84 43.61 -4.31
CA GLY D 164 21.31 44.92 -4.12
C GLY D 164 20.66 45.18 -2.80
N GLY D 165 21.25 44.64 -1.74
CA GLY D 165 20.76 44.78 -0.38
C GLY D 165 19.63 43.85 -0.02
N THR D 166 19.24 42.98 -0.95
CA THR D 166 18.12 42.08 -0.72
C THR D 166 18.54 40.64 -0.42
N LEU D 167 18.00 40.08 0.65
CA LEU D 167 18.28 38.70 1.00
C LEU D 167 17.16 37.86 0.42
N ARG D 168 17.51 36.80 -0.30
CA ARG D 168 16.51 35.97 -0.94
C ARG D 168 16.77 34.48 -0.76
N SER D 169 15.69 33.74 -0.55
CA SER D 169 15.74 32.30 -0.42
C SER D 169 14.96 31.70 -1.58
N VAL D 170 15.54 30.70 -2.22
CA VAL D 170 14.90 29.99 -3.32
C VAL D 170 15.01 28.47 -3.18
N ALA D 171 13.90 27.76 -3.36
CA ALA D 171 13.92 26.31 -3.28
C ALA D 171 13.09 25.72 -4.41
N THR D 172 13.63 24.70 -5.08
CA THR D 172 12.89 24.04 -6.15
C THR D 172 13.30 22.58 -6.36
N ASP D 173 12.33 21.75 -6.70
CA ASP D 173 12.59 20.34 -7.00
C ASP D 173 12.49 20.07 -8.51
N GLY D 174 12.32 21.15 -9.27
CA GLY D 174 12.20 21.10 -10.71
C GLY D 174 10.75 21.02 -11.17
N HIS D 175 9.84 20.76 -10.24
CA HIS D 175 8.42 20.69 -10.56
C HIS D 175 7.70 21.87 -9.95
N ARG D 176 8.23 22.35 -8.83
CA ARG D 176 7.64 23.47 -8.13
C ARG D 176 8.72 24.35 -7.55
N LEU D 177 8.39 25.60 -7.29
CA LEU D 177 9.38 26.52 -6.75
C LEU D 177 8.82 27.46 -5.69
N ALA D 178 9.62 27.72 -4.67
CA ALA D 178 9.26 28.64 -3.62
C ALA D 178 10.37 29.67 -3.43
N MET D 179 10.02 30.95 -3.39
CA MET D 179 11.01 32.00 -3.17
C MET D 179 10.52 33.10 -2.23
N CYS D 180 11.41 33.62 -1.41
CA CYS D 180 11.06 34.68 -0.48
C CYS D 180 12.14 35.76 -0.48
N SER D 181 11.73 37.02 -0.56
CA SER D 181 12.67 38.13 -0.60
C SER D 181 12.44 39.11 0.55
N LEU D 182 13.53 39.51 1.19
CA LEU D 182 13.45 40.44 2.30
C LEU D 182 14.43 41.58 2.11
N ASP D 183 14.01 42.80 2.46
CA ASP D 183 14.88 43.94 2.35
C ASP D 183 15.71 43.88 3.61
N ALA D 184 16.99 43.63 3.47
CA ALA D 184 17.85 43.49 4.62
C ALA D 184 18.88 44.60 4.66
N GLN D 185 18.84 45.43 3.63
CA GLN D 185 19.79 46.55 3.51
C GLN D 185 21.23 46.08 3.70
N ILE D 186 21.60 44.95 3.09
CA ILE D 186 22.93 44.42 3.23
C ILE D 186 23.76 45.17 2.21
N PRO D 187 24.78 45.87 2.69
CA PRO D 187 25.63 46.77 1.92
C PRO D 187 26.36 46.17 0.74
N SER D 188 26.86 44.94 0.84
CA SER D 188 27.63 44.45 -0.28
C SER D 188 26.90 44.73 -1.57
N GLN D 189 27.63 45.23 -2.56
CA GLN D 189 26.98 45.55 -3.82
C GLN D 189 27.27 44.58 -4.94
N ASP D 190 27.98 43.49 -4.64
CA ASP D 190 28.16 42.50 -5.67
C ASP D 190 27.23 41.32 -5.31
N ARG D 191 26.87 40.49 -6.25
CA ARG D 191 25.99 39.38 -5.91
C ARG D 191 26.62 38.14 -5.29
N HIS D 192 26.05 37.70 -4.18
CA HIS D 192 26.51 36.51 -3.48
C HIS D 192 25.41 35.43 -3.47
N GLN D 193 25.79 34.22 -3.84
CA GLN D 193 24.90 33.08 -3.85
C GLN D 193 25.47 31.91 -3.06
N VAL D 194 24.68 31.28 -2.21
CA VAL D 194 25.08 30.07 -1.50
C VAL D 194 23.96 29.05 -1.61
N ILE D 195 24.31 27.79 -1.65
CA ILE D 195 23.36 26.71 -1.66
C ILE D 195 23.61 25.90 -0.42
N VAL D 196 22.72 25.97 0.54
CA VAL D 196 22.86 25.29 1.77
C VAL D 196 22.10 24.01 1.71
N PRO D 197 22.76 22.87 1.95
CA PRO D 197 22.11 21.55 1.90
C PRO D 197 20.88 21.46 2.80
N ARG D 198 19.86 20.75 2.31
CA ARG D 198 18.59 20.62 3.03
C ARG D 198 18.64 20.28 4.52
N LYS D 199 19.49 19.33 4.91
CA LYS D 199 19.57 18.96 6.31
C LYS D 199 20.05 20.15 7.15
N GLY D 200 21.04 20.86 6.65
CA GLY D 200 21.59 22.03 7.30
C GLY D 200 20.64 23.21 7.35
N ILE D 201 19.95 23.51 6.26
CA ILE D 201 19.01 24.64 6.27
C ILE D 201 17.85 24.40 7.22
N LEU D 202 17.33 23.20 7.29
CA LEU D 202 16.27 22.88 8.23
C LEU D 202 16.72 22.97 9.65
N GLU D 203 17.92 22.49 9.93
CA GLU D 203 18.45 22.57 11.27
C GLU D 203 18.65 24.04 11.67
N LEU D 204 19.12 24.87 10.74
CA LEU D 204 19.30 26.26 11.00
C LEU D 204 17.97 26.93 11.28
N ALA D 205 16.92 26.60 10.54
CA ALA D 205 15.63 27.17 10.82
C ALA D 205 15.11 26.83 12.24
N ARG D 206 15.30 25.61 12.68
CA ARG D 206 14.90 25.17 14.01
C ARG D 206 15.58 25.87 15.17
N LEU D 207 16.82 26.26 14.98
CA LEU D 207 17.62 26.93 15.94
C LEU D 207 17.35 28.39 16.11
N LEU D 208 16.69 29.00 15.15
CA LEU D 208 16.45 30.44 15.19
C LEU D 208 15.18 30.76 16.00
N THR D 209 15.25 30.54 17.31
CA THR D 209 14.05 30.52 18.17
C THR D 209 13.83 31.80 18.96
N GLU D 210 14.86 32.65 19.11
CA GLU D 210 14.75 33.91 19.85
C GLU D 210 14.04 34.95 18.99
N GLN D 211 12.81 35.30 19.35
CA GLN D 211 12.02 36.20 18.48
C GLN D 211 12.45 37.67 18.61
N ASP D 212 13.19 38.06 19.64
CA ASP D 212 13.81 39.40 19.72
C ASP D 212 15.29 39.42 19.28
N GLY D 213 15.80 38.28 18.84
CA GLY D 213 17.23 38.09 18.74
C GLY D 213 17.78 38.36 17.37
N GLU D 214 19.08 38.49 17.29
CA GLU D 214 19.76 38.68 16.02
C GLU D 214 20.65 37.52 15.76
N VAL D 215 21.07 37.39 14.52
CA VAL D 215 21.97 36.35 14.16
C VAL D 215 23.04 36.94 13.26
N GLY D 216 24.29 36.54 13.42
CA GLY D 216 25.37 37.01 12.56
C GLY D 216 25.62 35.96 11.49
N ILE D 217 25.62 36.37 10.22
CA ILE D 217 25.78 35.46 9.09
C ILE D 217 27.07 35.74 8.36
N VAL D 218 27.79 34.67 8.00
CA VAL D 218 28.96 34.75 7.14
C VAL D 218 28.75 33.86 5.92
N LEU D 219 28.88 34.43 4.73
CA LEU D 219 28.82 33.66 3.48
C LEU D 219 30.22 33.55 2.91
N GLY D 220 30.60 32.32 2.61
CA GLY D 220 31.87 32.03 1.98
C GLY D 220 31.68 31.19 0.75
N GLN D 221 32.80 30.65 0.27
CA GLN D 221 32.87 29.83 -0.93
C GLN D 221 32.50 28.40 -0.59
N HIS D 222 32.84 27.94 0.61
CA HIS D 222 32.54 26.58 1.02
C HIS D 222 31.74 26.43 2.33
N HIS D 223 31.42 27.55 3.00
CA HIS D 223 30.66 27.48 4.25
C HIS D 223 29.70 28.64 4.43
N ILE D 224 28.70 28.38 5.26
CA ILE D 224 27.89 29.42 5.84
C ILE D 224 28.04 29.29 7.34
N ARG D 225 28.17 30.43 8.02
CA ARG D 225 28.22 30.45 9.47
C ARG D 225 27.11 31.33 10.01
N ALA D 226 26.41 30.82 11.01
CA ALA D 226 25.35 31.51 11.73
C ALA D 226 25.80 31.59 13.18
N THR D 227 25.92 32.79 13.69
CA THR D 227 26.35 32.94 15.07
C THR D 227 25.47 33.80 15.92
N THR D 228 25.13 33.26 17.06
CA THR D 228 24.33 33.91 18.08
C THR D 228 25.08 33.82 19.38
N GLY D 229 24.50 34.32 20.44
CA GLY D 229 25.13 34.26 21.74
C GLY D 229 25.28 32.85 22.23
N GLU D 230 24.23 32.08 22.06
CA GLU D 230 24.20 30.66 22.39
C GLU D 230 25.02 29.72 21.54
N PHE D 231 24.97 29.89 20.22
CA PHE D 231 25.64 28.96 19.36
C PHE D 231 26.36 29.45 18.12
N THR D 232 27.25 28.64 17.64
CA THR D 232 27.85 28.90 16.33
C THR D 232 27.52 27.70 15.45
N PHE D 233 26.84 27.99 14.34
CA PHE D 233 26.40 26.99 13.40
C PHE D 233 27.19 27.12 12.10
N THR D 234 27.88 26.04 11.74
CA THR D 234 28.67 26.02 10.54
C THR D 234 28.23 24.87 9.65
N SER D 235 28.03 25.15 8.38
CA SER D 235 27.62 24.12 7.48
C SER D 235 28.33 24.22 6.16
N LYS D 236 28.66 23.07 5.59
CA LYS D 236 29.20 23.01 4.22
C LYS D 236 28.10 23.36 3.21
N LEU D 237 28.53 23.84 2.05
CA LEU D 237 27.66 24.27 0.97
C LEU D 237 27.68 23.26 -0.16
N VAL D 238 26.65 23.28 -0.98
CA VAL D 238 26.57 22.40 -2.13
C VAL D 238 27.37 23.10 -3.22
N ASP D 239 28.27 22.34 -3.83
CA ASP D 239 29.23 22.81 -4.80
C ASP D 239 28.55 22.66 -6.14
N GLY D 240 28.21 23.77 -6.77
CA GLY D 240 27.55 23.78 -8.07
C GLY D 240 26.80 25.09 -8.23
N LYS D 241 26.32 25.34 -9.45
CA LYS D 241 25.55 26.55 -9.73
C LYS D 241 24.06 26.26 -9.61
N PHE D 242 23.38 27.08 -8.85
CA PHE D 242 21.96 26.92 -8.69
C PHE D 242 21.37 27.40 -9.98
N PRO D 243 20.30 26.74 -10.44
CA PRO D 243 19.62 27.01 -11.71
C PRO D 243 19.04 28.41 -11.72
N ASP D 244 18.84 28.96 -12.91
CA ASP D 244 18.33 30.31 -13.03
C ASP D 244 16.84 30.30 -12.80
N TYR D 245 16.48 30.70 -11.58
CA TYR D 245 15.11 30.74 -11.11
C TYR D 245 14.23 31.77 -11.81
N GLU D 246 14.84 32.85 -12.28
CA GLU D 246 14.10 33.91 -12.94
C GLU D 246 13.39 33.42 -14.19
N ARG D 247 14.05 32.55 -14.96
CA ARG D 247 13.43 31.98 -16.15
C ARG D 247 12.24 31.08 -15.80
N VAL D 248 12.33 30.39 -14.68
CA VAL D 248 11.26 29.53 -14.19
C VAL D 248 9.98 30.31 -13.87
N LEU D 249 10.10 31.51 -13.33
CA LEU D 249 8.90 32.29 -12.99
C LEU D 249 8.09 32.65 -14.23
N PRO D 250 6.77 32.41 -14.18
CA PRO D 250 5.89 32.71 -15.31
C PRO D 250 5.55 34.20 -15.45
N ARG D 251 5.59 34.70 -16.68
CA ARG D 251 5.28 36.11 -16.98
C ARG D 251 4.08 36.11 -17.94
N GLY D 252 3.21 37.08 -17.76
CA GLY D 252 2.02 37.19 -18.59
C GLY D 252 0.82 36.29 -18.32
N GLY D 253 0.48 36.15 -17.05
CA GLY D 253 -0.68 35.37 -16.67
C GLY D 253 -1.88 36.31 -16.76
N ASP D 254 -2.68 36.14 -17.80
CA ASP D 254 -3.88 36.96 -18.01
C ASP D 254 -4.97 36.78 -16.95
N LYS D 255 -5.09 35.56 -16.44
CA LYS D 255 -6.11 35.23 -15.44
C LYS D 255 -5.64 35.41 -14.00
N LEU D 256 -6.39 36.20 -13.24
CA LEU D 256 -6.06 36.51 -11.86
C LEU D 256 -7.19 36.02 -10.99
N VAL D 257 -6.91 35.04 -10.13
CA VAL D 257 -7.93 34.47 -9.27
C VAL D 257 -7.67 34.76 -7.80
N VAL D 258 -8.70 35.20 -7.10
CA VAL D 258 -8.57 35.47 -5.67
C VAL D 258 -9.52 34.59 -4.89
N GLY D 259 -9.01 33.85 -3.92
CA GLY D 259 -9.85 32.97 -3.15
C GLY D 259 -9.47 32.88 -1.68
N ASP D 260 -10.42 32.45 -0.85
CA ASP D 260 -10.16 32.28 0.55
C ASP D 260 -9.12 31.18 0.66
N ARG D 261 -8.10 31.38 1.47
CA ARG D 261 -7.03 30.41 1.60
C ARG D 261 -7.46 29.15 2.33
N GLN D 262 -8.27 29.33 3.36
CA GLN D 262 -8.75 28.22 4.19
C GLN D 262 -9.78 27.34 3.45
N GLN D 263 -10.68 27.97 2.69
CA GLN D 263 -11.67 27.22 1.91
C GLN D 263 -10.96 26.40 0.83
N LEU D 264 -9.97 26.97 0.15
CA LEU D 264 -9.26 26.24 -0.90
C LEU D 264 -8.47 25.07 -0.34
N ARG D 265 -7.85 25.29 0.83
CA ARG D 265 -7.05 24.24 1.49
C ARG D 265 -7.93 23.06 1.88
N GLU D 266 -9.06 23.35 2.49
CA GLU D 266 -10.03 22.33 2.89
C GLU D 266 -10.60 21.60 1.69
N ALA D 267 -10.91 22.30 0.61
CA ALA D 267 -11.42 21.67 -0.62
C ALA D 267 -10.39 20.83 -1.37
N PHE D 268 -9.15 21.30 -1.38
CA PHE D 268 -8.07 20.52 -1.95
C PHE D 268 -7.79 19.29 -1.10
N SER D 269 -7.79 19.37 0.24
CA SER D 269 -7.52 18.14 1.04
C SER D 269 -8.67 17.13 0.97
N ARG D 270 -9.90 17.63 0.85
CA ARG D 270 -11.06 16.77 0.74
C ARG D 270 -10.99 15.98 -0.57
N THR D 271 -10.70 16.67 -1.66
CA THR D 271 -10.64 16.02 -2.95
C THR D 271 -9.37 15.17 -3.07
N ALA D 272 -8.30 15.55 -2.36
CA ALA D 272 -7.02 14.79 -2.39
C ALA D 272 -7.19 13.35 -1.98
N ILE D 273 -8.13 13.11 -1.07
CA ILE D 273 -8.42 11.76 -0.56
C ILE D 273 -8.67 10.75 -1.68
N LEU D 274 -9.31 11.17 -2.76
CA LEU D 274 -9.62 10.27 -3.86
C LEU D 274 -8.76 10.52 -5.10
N SER D 275 -7.63 11.21 -4.92
CA SER D 275 -6.69 11.40 -6.00
C SER D 275 -5.77 10.21 -6.01
N ASN D 276 -5.12 9.99 -7.15
CA ASN D 276 -4.11 8.95 -7.32
C ASN D 276 -3.06 9.09 -6.20
N GLU D 277 -2.83 8.00 -5.46
CA GLU D 277 -1.95 8.07 -4.29
C GLU D 277 -0.50 8.39 -4.62
N LYS D 278 -0.11 8.10 -5.85
CA LYS D 278 1.24 8.37 -6.33
C LYS D 278 1.42 9.68 -7.11
N TYR D 279 0.52 9.93 -8.07
CA TYR D 279 0.61 11.14 -8.93
C TYR D 279 -0.18 12.36 -8.41
N ARG D 280 -1.17 12.09 -7.58
CA ARG D 280 -1.84 13.12 -6.79
C ARG D 280 -2.49 14.20 -7.66
N GLY D 281 -3.06 13.77 -8.78
CA GLY D 281 -3.61 14.69 -9.78
C GLY D 281 -5.01 15.19 -9.40
N ILE D 282 -5.20 16.49 -9.47
CA ILE D 282 -6.50 17.12 -9.38
C ILE D 282 -6.74 17.94 -10.66
N ARG D 283 -8.00 18.03 -11.06
CA ARG D 283 -8.39 18.81 -12.23
C ARG D 283 -9.18 20.03 -11.80
N LEU D 284 -8.78 21.19 -12.30
CA LEU D 284 -9.43 22.48 -11.99
C LEU D 284 -10.20 22.90 -13.22
N GLN D 285 -11.43 23.35 -13.02
CA GLN D 285 -12.21 23.99 -14.07
C GLN D 285 -12.62 25.33 -13.53
N LEU D 286 -11.99 26.36 -14.10
CA LEU D 286 -12.24 27.71 -13.68
C LEU D 286 -13.12 28.43 -14.67
N SER D 287 -14.11 29.09 -14.13
CA SER D 287 -15.04 29.90 -14.88
C SER D 287 -15.32 31.14 -14.08
N ASN D 288 -16.17 32.01 -14.60
CA ASN D 288 -16.44 33.22 -13.88
C ASN D 288 -17.05 32.94 -12.56
N GLY D 289 -16.32 33.39 -11.55
CA GLY D 289 -16.67 33.24 -10.16
C GLY D 289 -16.65 31.84 -9.61
N LEU D 290 -16.00 30.91 -10.28
CA LEU D 290 -16.13 29.57 -9.86
C LEU D 290 -15.04 28.60 -10.17
N LEU D 291 -14.67 27.89 -9.13
CA LEU D 291 -13.62 26.85 -9.29
C LEU D 291 -14.16 25.45 -8.95
N LYS D 292 -14.14 24.57 -9.94
CA LYS D 292 -14.53 23.18 -9.75
C LYS D 292 -13.26 22.37 -9.63
N ILE D 293 -13.19 21.58 -8.57
CA ILE D 293 -12.06 20.69 -8.31
C ILE D 293 -12.56 19.25 -8.43
N GLN D 294 -11.89 18.45 -9.25
CA GLN D 294 -12.18 17.05 -9.39
C GLN D 294 -10.95 16.17 -9.14
N ALA D 295 -11.15 15.00 -8.55
CA ALA D 295 -10.08 14.04 -8.32
C ALA D 295 -10.61 12.67 -8.67
N ASN D 296 -9.83 11.91 -9.44
CA ASN D 296 -10.12 10.51 -9.77
C ASN D 296 -8.93 9.62 -9.43
N ASN D 297 -9.20 8.38 -9.03
CA ASN D 297 -8.11 7.40 -8.79
C ASN D 297 -8.25 6.18 -9.69
N PRO D 298 -7.27 5.24 -9.65
CA PRO D 298 -7.39 3.98 -10.44
C PRO D 298 -8.57 3.08 -10.10
N GLU D 299 -9.10 3.15 -8.88
CA GLU D 299 -10.34 2.43 -8.49
C GLU D 299 -11.69 3.10 -8.95
N GLN D 300 -11.60 4.04 -9.90
CA GLN D 300 -12.73 4.85 -10.42
C GLN D 300 -13.56 5.58 -9.35
N GLU D 301 -12.90 5.98 -8.28
CA GLU D 301 -13.52 6.78 -7.23
C GLU D 301 -13.35 8.23 -7.67
N GLU D 302 -14.28 9.10 -7.26
CA GLU D 302 -14.28 10.49 -7.67
C GLU D 302 -14.67 11.40 -6.53
N ALA D 303 -13.91 12.48 -6.34
CA ALA D 303 -14.32 13.55 -5.46
C ALA D 303 -14.49 14.79 -6.33
N GLU D 304 -15.53 15.56 -6.03
CA GLU D 304 -15.83 16.79 -6.74
C GLU D 304 -16.12 17.83 -5.71
N GLU D 305 -15.70 19.07 -5.97
CA GLU D 305 -15.98 20.14 -5.05
C GLU D 305 -15.94 21.47 -5.76
N GLU D 306 -16.91 22.31 -5.45
CA GLU D 306 -16.98 23.65 -6.01
C GLU D 306 -16.68 24.66 -4.94
N VAL D 307 -15.91 25.68 -5.31
CA VAL D 307 -15.60 26.79 -4.43
C VAL D 307 -15.77 28.09 -5.20
N GLN D 308 -16.31 29.09 -4.50
CA GLN D 308 -16.55 30.41 -5.09
C GLN D 308 -15.28 31.20 -4.94
N VAL D 309 -14.85 31.78 -6.05
CA VAL D 309 -13.60 32.55 -6.11
C VAL D 309 -13.86 33.82 -6.91
N GLU D 310 -13.09 34.85 -6.62
CA GLU D 310 -13.19 36.09 -7.35
C GLU D 310 -12.32 35.96 -8.60
N TYR D 311 -12.98 35.83 -9.74
CA TYR D 311 -12.29 35.69 -11.00
C TYR D 311 -13.25 36.06 -12.12
N ASN D 312 -12.81 36.81 -13.13
CA ASN D 312 -13.62 37.07 -14.31
C ASN D 312 -12.80 36.81 -15.56
N GLY D 313 -13.25 35.99 -16.47
CA GLY D 313 -12.46 35.77 -17.68
C GLY D 313 -12.76 34.47 -18.36
N GLY D 314 -11.99 34.12 -19.39
CA GLY D 314 -12.14 32.87 -20.13
C GLY D 314 -12.05 31.62 -19.25
N ASN D 315 -12.72 30.57 -19.69
CA ASN D 315 -12.70 29.29 -19.00
C ASN D 315 -11.29 28.71 -19.08
N LEU D 316 -10.94 27.93 -18.07
CA LEU D 316 -9.65 27.31 -18.01
C LEU D 316 -9.65 25.96 -17.31
N GLU D 317 -9.36 24.92 -18.07
CA GLU D 317 -9.19 23.60 -17.51
C GLU D 317 -7.70 23.37 -17.30
N ILE D 318 -7.31 23.01 -16.08
CA ILE D 318 -5.91 22.81 -15.78
C ILE D 318 -5.70 21.79 -14.66
N GLY D 319 -4.63 21.02 -14.79
CA GLY D 319 -4.27 20.02 -13.79
C GLY D 319 -3.07 20.41 -12.95
N PHE D 320 -3.08 19.97 -11.69
CA PHE D 320 -1.99 20.22 -10.75
C PHE D 320 -1.85 19.10 -9.74
N ASN D 321 -0.63 18.88 -9.28
CA ASN D 321 -0.36 17.94 -8.19
C ASN D 321 -0.97 18.66 -7.00
N VAL D 322 -1.84 17.99 -6.25
CA VAL D 322 -2.60 18.65 -5.17
C VAL D 322 -1.75 18.82 -3.92
N SER D 323 -0.74 17.98 -3.75
CA SER D 323 0.18 18.12 -2.61
C SER D 323 0.93 19.42 -2.74
N TYR D 324 1.33 19.73 -3.96
CA TYR D 324 2.06 20.95 -4.27
C TYR D 324 1.23 22.16 -3.90
N LEU D 325 -0.04 22.14 -4.29
CA LEU D 325 -0.94 23.24 -3.99
C LEU D 325 -1.14 23.37 -2.48
N LEU D 326 -1.33 22.25 -1.79
CA LEU D 326 -1.44 22.25 -0.30
C LEU D 326 -0.18 22.72 0.42
N ASP D 327 0.99 22.46 -0.14
CA ASP D 327 2.22 22.91 0.47
C ASP D 327 2.26 24.43 0.43
N VAL D 328 1.91 25.00 -0.72
CA VAL D 328 1.86 26.44 -0.87
C VAL D 328 0.80 27.03 0.11
N LEU D 329 -0.43 26.55 0.02
CA LEU D 329 -1.49 27.09 0.85
C LEU D 329 -1.15 27.05 2.35
N GLY D 330 -0.42 26.04 2.81
CA GLY D 330 -0.02 25.94 4.21
C GLY D 330 1.06 26.89 4.67
N VAL D 331 1.61 27.67 3.77
CA VAL D 331 2.59 28.65 4.13
C VAL D 331 2.15 30.02 3.71
N ILE D 332 0.94 30.17 3.18
CA ILE D 332 0.50 31.49 2.72
C ILE D 332 0.47 32.56 3.81
N GLY D 333 -0.33 32.37 4.84
CA GLY D 333 -0.36 33.32 5.94
C GLY D 333 -1.29 34.51 5.85
N THR D 334 -1.97 34.67 4.72
CA THR D 334 -2.94 35.74 4.57
C THR D 334 -4.29 35.08 4.35
N GLU D 335 -5.37 35.77 4.67
CA GLU D 335 -6.67 35.13 4.50
C GLU D 335 -7.01 34.80 3.06
N GLN D 336 -6.59 35.66 2.14
CA GLN D 336 -6.84 35.44 0.73
C GLN D 336 -5.57 35.03 0.01
N VAL D 337 -5.74 34.32 -1.10
CA VAL D 337 -4.62 33.86 -1.90
C VAL D 337 -4.82 34.26 -3.35
N ARG D 338 -3.72 34.65 -3.99
CA ARG D 338 -3.77 35.06 -5.38
C ARG D 338 -3.10 34.03 -6.28
N PHE D 339 -3.84 33.62 -7.30
CA PHE D 339 -3.33 32.68 -8.27
C PHE D 339 -3.25 33.42 -9.60
N ILE D 340 -2.10 33.35 -10.25
CA ILE D 340 -1.98 33.97 -11.55
C ILE D 340 -1.79 32.84 -12.55
N LEU D 341 -2.70 32.73 -13.50
CA LEU D 341 -2.66 31.65 -14.47
C LEU D 341 -2.69 32.11 -15.91
N SER D 342 -2.19 31.24 -16.77
CA SER D 342 -2.11 31.51 -18.20
C SER D 342 -2.97 30.52 -19.00
N ASP D 343 -2.38 29.38 -19.30
CA ASP D 343 -3.03 28.34 -20.08
C ASP D 343 -2.82 26.98 -19.41
N SER D 344 -3.47 25.96 -19.93
CA SER D 344 -3.39 24.61 -19.37
C SER D 344 -1.98 24.03 -19.32
N ASN D 345 -1.15 24.35 -20.32
CA ASN D 345 0.22 23.86 -20.37
C ASN D 345 1.22 24.77 -19.64
N SER D 346 0.75 25.88 -19.08
CA SER D 346 1.63 26.83 -18.40
C SER D 346 1.52 26.84 -16.88
N SER D 347 2.61 27.23 -16.23
CA SER D 347 2.71 27.26 -14.77
C SER D 347 1.85 28.28 -14.05
N ALA D 348 1.51 27.95 -12.81
CA ALA D 348 0.72 28.79 -11.95
C ALA D 348 1.62 29.55 -11.00
N LEU D 349 1.30 30.82 -10.77
CA LEU D 349 2.06 31.65 -9.86
C LEU D 349 1.19 32.00 -8.67
N VAL D 350 1.71 31.80 -7.47
CA VAL D 350 0.94 32.07 -6.26
C VAL D 350 1.57 33.16 -5.40
N HIS D 351 0.73 34.07 -4.92
CA HIS D 351 1.15 35.19 -4.09
C HIS D 351 0.24 35.38 -2.90
N GLU D 352 0.74 36.09 -1.89
CA GLU D 352 -0.06 36.46 -0.74
C GLU D 352 -1.00 37.58 -1.22
N ALA D 353 -2.11 37.80 -0.51
CA ALA D 353 -3.01 38.85 -0.96
C ALA D 353 -2.38 40.24 -0.94
N ASP D 354 -1.67 40.56 0.13
CA ASP D 354 -1.00 41.85 0.32
C ASP D 354 0.21 42.23 -0.56
N ASN D 355 1.11 41.30 -0.82
CA ASN D 355 2.31 41.62 -1.58
C ASN D 355 2.91 40.50 -2.42
N ASP D 356 4.02 40.81 -3.07
CA ASP D 356 4.74 39.86 -3.91
C ASP D 356 6.05 39.37 -3.30
N ASP D 357 6.27 39.67 -2.02
CA ASP D 357 7.49 39.27 -1.32
C ASP D 357 7.75 37.78 -1.46
N SER D 358 6.70 36.99 -1.33
CA SER D 358 6.80 35.56 -1.49
C SER D 358 6.14 35.21 -2.81
N ALA D 359 6.76 34.33 -3.56
CA ALA D 359 6.17 33.89 -4.80
C ALA D 359 6.33 32.37 -4.91
N TYR D 360 5.33 31.68 -5.44
CA TYR D 360 5.31 30.25 -5.53
C TYR D 360 4.93 29.79 -6.94
N VAL D 361 5.72 28.88 -7.50
CA VAL D 361 5.45 28.40 -8.83
C VAL D 361 5.14 26.92 -8.82
N VAL D 362 4.06 26.55 -9.48
CA VAL D 362 3.68 25.16 -9.59
C VAL D 362 3.42 24.82 -11.05
N MET D 363 4.20 23.91 -11.60
CA MET D 363 4.01 23.50 -12.98
C MET D 363 2.76 22.63 -13.05
N PRO D 364 2.04 22.71 -14.17
CA PRO D 364 0.81 21.93 -14.31
C PRO D 364 0.99 20.52 -14.84
N MET D 365 0.00 19.68 -14.59
CA MET D 365 -0.03 18.32 -15.09
C MET D 365 -0.76 18.45 -16.41
N ARG D 366 -0.30 17.74 -17.44
CA ARG D 366 -0.84 18.00 -18.78
C ARG D 366 -1.26 16.63 -19.25
N LEU D 367 -2.31 16.56 -20.06
CA LEU D 367 -2.91 15.28 -20.49
C LEU D 367 -2.16 14.67 -21.69
P PO4 E . -29.07 -40.38 -11.75
O1 PO4 E . -28.55 -41.45 -10.84
O2 PO4 E . -28.14 -39.21 -11.74
O3 PO4 E . -30.43 -39.95 -11.28
O4 PO4 E . -29.17 -40.93 -13.15
P PO4 F . 26.20 7.68 -30.90
O1 PO4 F . 26.81 6.86 -29.78
O2 PO4 F . 26.59 9.14 -30.74
O3 PO4 F . 24.71 7.44 -30.93
O4 PO4 F . 26.66 7.19 -32.27
P PO4 G . -19.94 -19.02 23.22
O1 PO4 G . -19.77 -20.03 24.30
O2 PO4 G . -18.77 -18.08 23.18
O3 PO4 G . -21.22 -18.27 23.48
O4 PO4 G . -20.04 -19.73 21.89
P PO4 H . 35.14 29.63 2.97
O1 PO4 H . 36.01 30.29 4.00
O2 PO4 H . 35.54 28.18 2.82
O3 PO4 H . 33.72 29.53 3.48
O4 PO4 H . 35.29 30.42 1.69
#